data_8CNL
#
_entry.id   8CNL
#
_cell.length_a   95.076
_cell.length_b   95.066
_cell.length_c   129.130
_cell.angle_alpha   90.00
_cell.angle_beta   97.54
_cell.angle_gamma   90.00
#
_symmetry.space_group_name_H-M   'P 1 21 1'
#
loop_
_entity.id
_entity.type
_entity.pdbx_description
1 polymer Nucleoprotein
2 non-polymer 'ZINC ION'
#
_entity_poly.entity_id   1
_entity_poly.type   'polypeptide(L)'
_entity_poly.pdbx_seq_one_letter_code
;VNSPRPAPGAAGPPQVGLSYSQTMLLKDLMGGIDPNAPTWIDIEGRFNDPVEIAIFQPQNGQFIHFYREPVDQKQFKQDS
KYSHGMDLADLFNAQPGLTSSVIGALPQGMVLSCQGSDDIRKLLDSQNRKDIKLIDVEMTREASREYEDKVWDKYGWLCK
MHTGIVRDKKKKEITPHCALMDCIIFESASKARLPDLKTVHNILPHDLIFRGPNVVTL
;
_entity_poly.pdbx_strand_id   B,A,C,D,E,F,G,H
#
loop_
_chem_comp.id
_chem_comp.type
_chem_comp.name
_chem_comp.formula
ZN non-polymer 'ZINC ION' 'Zn 2'
#
# COMPACT_ATOMS: atom_id res chain seq x y z
N VAL A 16 -14.63 4.28 -1.22
CA VAL A 16 -15.41 5.48 -1.47
C VAL A 16 -16.69 5.19 -2.28
N GLY A 17 -16.86 5.94 -3.38
CA GLY A 17 -17.89 5.71 -4.39
C GLY A 17 -17.34 6.20 -5.71
N LEU A 18 -18.17 6.19 -6.75
CA LEU A 18 -17.74 6.79 -7.99
C LEU A 18 -17.69 8.32 -7.86
N SER A 19 -16.55 8.92 -8.20
CA SER A 19 -16.43 10.37 -8.19
C SER A 19 -17.32 11.00 -9.25
N TYR A 20 -17.39 12.34 -9.20
CA TYR A 20 -18.22 13.04 -10.18
C TYR A 20 -17.67 12.83 -11.59
N SER A 21 -16.37 12.99 -11.78
CA SER A 21 -15.80 12.82 -13.11
C SER A 21 -15.95 11.40 -13.58
N GLN A 22 -15.71 10.43 -12.67
CA GLN A 22 -15.89 9.03 -13.02
C GLN A 22 -17.29 8.78 -13.52
N THR A 23 -18.28 9.39 -12.86
CA THR A 23 -19.65 9.22 -13.26
C THR A 23 -19.93 9.90 -14.59
N MET A 24 -19.24 11.00 -14.88
CA MET A 24 -19.43 11.65 -16.18
C MET A 24 -18.89 10.80 -17.31
N LEU A 25 -17.70 10.20 -17.09
CA LEU A 25 -17.15 9.26 -18.04
C LEU A 25 -18.10 8.10 -18.28
N LEU A 26 -18.62 7.52 -17.17
CA LEU A 26 -19.52 6.39 -17.27
C LEU A 26 -20.71 6.73 -18.15
N LYS A 27 -21.29 7.90 -17.94
CA LYS A 27 -22.41 8.35 -18.75
C LYS A 27 -22.07 8.27 -20.22
N ASP A 28 -20.85 8.70 -20.59
CA ASP A 28 -20.42 8.66 -21.97
C ASP A 28 -20.21 7.25 -22.45
N LEU A 29 -19.51 6.43 -21.66
CA LEU A 29 -19.26 5.08 -22.14
C LEU A 29 -20.57 4.31 -22.30
N MET A 30 -21.52 4.51 -21.37
CA MET A 30 -22.77 3.78 -21.49
C MET A 30 -23.54 4.15 -22.74
N GLY A 31 -23.10 5.22 -23.42
CA GLY A 31 -23.70 5.59 -24.68
C GLY A 31 -23.47 4.57 -25.75
N GLY A 32 -22.48 3.70 -25.56
CA GLY A 32 -22.31 2.61 -26.50
C GLY A 32 -23.36 1.53 -26.36
N ILE A 33 -23.99 1.40 -25.20
CA ILE A 33 -24.93 0.31 -25.01
C ILE A 33 -26.20 0.61 -25.81
N ASP A 34 -26.56 -0.30 -26.70
CA ASP A 34 -27.79 -0.15 -27.48
C ASP A 34 -28.95 -0.61 -26.65
N PRO A 35 -29.91 0.26 -26.28
CA PRO A 35 -30.99 -0.11 -25.36
C PRO A 35 -31.96 -1.16 -25.92
N ASN A 36 -32.17 -1.19 -27.23
CA ASN A 36 -33.04 -2.19 -27.86
C ASN A 36 -32.32 -3.48 -28.18
N ALA A 37 -31.00 -3.54 -28.00
CA ALA A 37 -30.27 -4.73 -28.40
C ALA A 37 -30.50 -5.86 -27.40
N PRO A 38 -30.59 -7.11 -27.88
CA PRO A 38 -30.64 -8.25 -26.97
C PRO A 38 -29.39 -8.27 -26.11
N THR A 39 -29.58 -8.53 -24.82
CA THR A 39 -28.50 -8.32 -23.86
C THR A 39 -28.55 -9.37 -22.76
N TRP A 40 -27.37 -9.88 -22.43
CA TRP A 40 -27.16 -10.89 -21.41
C TRP A 40 -26.62 -10.26 -20.14
N ILE A 41 -26.97 -10.85 -19.00
CA ILE A 41 -26.42 -10.45 -17.71
C ILE A 41 -26.17 -11.69 -16.87
N ASP A 42 -25.06 -11.68 -16.12
CA ASP A 42 -24.74 -12.75 -15.18
C ASP A 42 -23.87 -12.15 -14.09
N ILE A 43 -23.94 -12.73 -12.89
CA ILE A 43 -23.12 -12.28 -11.77
C ILE A 43 -22.52 -13.48 -11.07
N GLU A 44 -21.51 -13.23 -10.24
CA GLU A 44 -20.99 -14.22 -9.33
C GLU A 44 -21.00 -13.67 -7.91
N GLY A 45 -21.54 -14.48 -7.00
CA GLY A 45 -21.81 -13.98 -5.65
C GLY A 45 -23.31 -13.75 -5.57
N ARG A 46 -23.81 -13.32 -4.42
CA ARG A 46 -25.28 -13.20 -4.29
C ARG A 46 -25.73 -11.77 -4.60
N PHE A 47 -27.03 -11.57 -4.83
CA PHE A 47 -27.59 -10.24 -5.16
C PHE A 47 -27.08 -9.17 -4.20
N ASN A 48 -27.02 -9.50 -2.92
CA ASN A 48 -26.58 -8.55 -1.90
C ASN A 48 -25.06 -8.37 -1.85
N ASP A 49 -24.29 -9.31 -2.40
CA ASP A 49 -22.83 -9.28 -2.29
C ASP A 49 -22.16 -9.77 -3.57
N PRO A 50 -22.46 -9.17 -4.71
CA PRO A 50 -21.91 -9.70 -5.97
C PRO A 50 -20.45 -9.30 -6.13
N VAL A 51 -19.63 -10.22 -6.65
CA VAL A 51 -18.22 -9.96 -6.86
C VAL A 51 -17.82 -9.84 -8.32
N GLU A 52 -18.68 -10.19 -9.27
CA GLU A 52 -18.32 -9.95 -10.66
C GLU A 52 -19.57 -9.85 -11.51
N ILE A 53 -19.67 -8.78 -12.30
CA ILE A 53 -20.87 -8.49 -13.08
C ILE A 53 -20.48 -8.46 -14.54
N ALA A 54 -21.33 -9.01 -15.39
CA ALA A 54 -21.09 -8.94 -16.83
C ALA A 54 -22.37 -8.66 -17.57
N ILE A 55 -22.31 -7.70 -18.48
CA ILE A 55 -23.45 -7.34 -19.32
C ILE A 55 -22.95 -7.36 -20.75
N PHE A 56 -23.49 -8.27 -21.55
CA PHE A 56 -22.98 -8.52 -22.90
C PHE A 56 -24.04 -8.33 -23.98
N GLN A 57 -23.74 -7.51 -24.97
CA GLN A 57 -24.65 -7.30 -26.12
C GLN A 57 -24.04 -8.03 -27.30
N PRO A 58 -24.52 -9.23 -27.67
CA PRO A 58 -23.90 -10.02 -28.73
C PRO A 58 -23.88 -9.34 -30.10
N GLN A 59 -24.95 -8.64 -30.46
CA GLN A 59 -25.05 -7.95 -31.77
C GLN A 59 -23.75 -7.20 -32.06
N ASN A 60 -23.38 -6.24 -31.21
CA ASN A 60 -22.18 -5.48 -31.51
C ASN A 60 -20.92 -6.00 -30.83
N GLY A 61 -21.04 -6.97 -29.94
CA GLY A 61 -19.88 -7.43 -29.20
C GLY A 61 -19.43 -6.54 -28.07
N GLN A 62 -20.21 -5.52 -27.71
CA GLN A 62 -19.87 -4.65 -26.60
C GLN A 62 -20.29 -5.28 -25.28
N PHE A 63 -19.46 -5.12 -24.25
CA PHE A 63 -19.88 -5.65 -22.97
C PHE A 63 -19.35 -4.78 -21.85
N ILE A 64 -19.96 -4.94 -20.68
CA ILE A 64 -19.57 -4.28 -19.45
C ILE A 64 -19.16 -5.37 -18.51
N HIS A 65 -17.99 -5.24 -17.90
CA HIS A 65 -17.49 -6.35 -17.09
C HIS A 65 -16.59 -5.82 -15.99
N PHE A 66 -16.95 -6.06 -14.73
CA PHE A 66 -16.18 -5.50 -13.61
C PHE A 66 -16.37 -6.37 -12.36
N TYR A 67 -15.70 -5.96 -11.30
CA TYR A 67 -15.60 -6.76 -10.10
C TYR A 67 -16.00 -5.92 -8.90
N ARG A 68 -16.22 -6.63 -7.80
CA ARG A 68 -16.61 -5.99 -6.54
C ARG A 68 -16.02 -6.80 -5.40
N GLU A 69 -15.43 -6.13 -4.44
CA GLU A 69 -14.90 -6.83 -3.28
C GLU A 69 -16.07 -7.30 -2.40
N PRO A 70 -16.03 -8.54 -1.92
CA PRO A 70 -17.16 -9.06 -1.17
C PRO A 70 -17.17 -8.54 0.25
N VAL A 71 -18.37 -8.34 0.79
CA VAL A 71 -18.49 -7.98 2.20
C VAL A 71 -18.29 -9.20 3.07
N ASP A 72 -19.04 -10.26 2.80
CA ASP A 72 -18.96 -11.48 3.60
C ASP A 72 -17.77 -12.29 3.15
N GLN A 73 -16.67 -12.24 3.91
CA GLN A 73 -15.44 -12.90 3.45
C GLN A 73 -15.59 -14.42 3.49
N LYS A 74 -16.34 -14.96 4.46
CA LYS A 74 -16.42 -16.44 4.58
C LYS A 74 -17.16 -17.01 3.37
N GLN A 75 -18.30 -16.40 3.02
CA GLN A 75 -19.11 -16.91 1.90
C GLN A 75 -18.28 -16.82 0.62
N PHE A 76 -17.59 -15.70 0.40
CA PHE A 76 -16.74 -15.55 -0.80
C PHE A 76 -15.85 -16.77 -0.94
N LYS A 77 -15.12 -17.12 0.11
CA LYS A 77 -14.19 -18.26 0.04
C LYS A 77 -14.95 -19.53 -0.36
N GLN A 78 -16.13 -19.77 0.22
CA GLN A 78 -16.89 -20.95 -0.15
C GLN A 78 -17.39 -20.83 -1.59
N ASP A 79 -17.88 -19.66 -1.98
CA ASP A 79 -18.29 -19.48 -3.37
C ASP A 79 -17.10 -19.59 -4.31
N SER A 80 -15.89 -19.42 -3.77
CA SER A 80 -14.68 -19.52 -4.60
C SER A 80 -14.30 -20.97 -4.82
N LYS A 81 -14.48 -21.78 -3.79
CA LYS A 81 -14.14 -23.22 -3.88
C LYS A 81 -15.20 -23.99 -4.68
N TYR A 82 -16.39 -23.42 -4.89
CA TYR A 82 -17.49 -24.21 -5.51
C TYR A 82 -18.14 -23.55 -6.73
N SER A 83 -17.65 -22.41 -7.20
CA SER A 83 -18.25 -21.82 -8.44
C SER A 83 -17.27 -20.97 -9.24
N HIS A 84 -16.80 -19.86 -8.68
CA HIS A 84 -16.02 -18.91 -9.47
C HIS A 84 -14.52 -19.02 -9.25
N GLY A 85 -14.08 -19.54 -8.11
CA GLY A 85 -12.64 -19.71 -7.92
C GLY A 85 -11.85 -18.42 -7.92
N MET A 86 -12.42 -17.36 -7.38
CA MET A 86 -11.72 -16.10 -7.38
C MET A 86 -10.87 -15.97 -6.12
N ASP A 87 -10.00 -14.97 -6.13
CA ASP A 87 -9.08 -14.70 -5.03
C ASP A 87 -9.37 -13.33 -4.45
N LEU A 88 -9.54 -13.29 -3.13
CA LEU A 88 -9.82 -12.03 -2.45
C LEU A 88 -8.78 -10.97 -2.78
N ALA A 89 -7.52 -11.36 -2.90
CA ALA A 89 -6.46 -10.37 -3.09
C ALA A 89 -6.63 -9.59 -4.38
N ASP A 90 -7.20 -10.21 -5.40
CA ASP A 90 -7.39 -9.52 -6.65
C ASP A 90 -8.56 -8.55 -6.61
N LEU A 91 -9.37 -8.56 -5.56
CA LEU A 91 -10.55 -7.71 -5.49
C LEU A 91 -10.36 -6.47 -4.62
N PHE A 92 -9.23 -6.34 -3.92
CA PHE A 92 -9.08 -5.24 -2.98
C PHE A 92 -9.06 -3.89 -3.69
N ASN A 93 -8.65 -3.87 -4.96
CA ASN A 93 -8.54 -2.63 -5.71
C ASN A 93 -9.70 -2.37 -6.66
N ALA A 94 -10.78 -3.14 -6.60
CA ALA A 94 -11.93 -2.86 -7.45
C ALA A 94 -12.54 -1.51 -7.08
N GLN A 95 -12.87 -0.73 -8.09
CA GLN A 95 -13.45 0.59 -7.82
C GLN A 95 -14.82 0.49 -7.16
N PRO A 96 -14.96 0.93 -5.90
CA PRO A 96 -16.27 0.90 -5.25
C PRO A 96 -17.26 1.77 -5.98
N GLY A 97 -18.53 1.44 -5.83
CA GLY A 97 -19.60 2.19 -6.44
C GLY A 97 -19.94 1.76 -7.85
N LEU A 98 -19.13 0.90 -8.44
CA LEU A 98 -19.33 0.51 -9.83
C LEU A 98 -20.64 -0.25 -10.00
N THR A 99 -20.92 -1.19 -9.11
CA THR A 99 -22.14 -2.01 -9.29
C THR A 99 -23.35 -1.09 -9.29
N SER A 100 -23.51 -0.28 -8.24
CA SER A 100 -24.68 0.63 -8.10
C SER A 100 -24.74 1.65 -9.23
N SER A 101 -23.60 2.11 -9.74
CA SER A 101 -23.58 3.17 -10.78
C SER A 101 -23.83 2.56 -12.17
N VAL A 102 -23.31 1.38 -12.47
CA VAL A 102 -23.57 0.74 -13.79
C VAL A 102 -25.04 0.31 -13.87
N ILE A 103 -25.58 -0.23 -12.79
CA ILE A 103 -27.01 -0.65 -12.76
C ILE A 103 -27.88 0.61 -12.83
N GLY A 104 -27.48 1.68 -12.15
CA GLY A 104 -28.21 2.95 -12.26
C GLY A 104 -28.13 3.53 -13.65
N ALA A 105 -27.06 3.31 -14.40
CA ALA A 105 -26.87 3.97 -15.71
C ALA A 105 -27.56 3.23 -16.85
N LEU A 106 -28.13 2.06 -16.58
CA LEU A 106 -28.70 1.24 -17.66
C LEU A 106 -29.93 1.91 -18.25
N PRO A 107 -30.08 1.93 -19.59
CA PRO A 107 -31.28 2.48 -20.22
C PRO A 107 -32.60 2.02 -19.59
N GLN A 108 -33.59 2.90 -19.56
CA GLN A 108 -34.89 2.60 -18.90
C GLN A 108 -35.69 1.62 -19.74
N GLY A 109 -36.26 0.60 -19.10
CA GLY A 109 -37.08 -0.39 -19.80
C GLY A 109 -36.25 -1.35 -20.61
N MET A 110 -35.04 -1.63 -20.15
CA MET A 110 -34.13 -2.52 -20.92
C MET A 110 -34.57 -3.97 -20.69
N VAL A 111 -34.62 -4.75 -21.76
CA VAL A 111 -34.98 -6.18 -21.62
C VAL A 111 -33.67 -6.97 -21.53
N LEU A 112 -33.43 -7.56 -20.37
CA LEU A 112 -32.19 -8.30 -20.14
C LEU A 112 -32.46 -9.80 -20.14
N SER A 113 -31.61 -10.56 -20.82
CA SER A 113 -31.67 -12.01 -20.80
C SER A 113 -30.74 -12.55 -19.73
N CYS A 114 -31.12 -13.67 -19.12
CA CYS A 114 -30.25 -14.25 -18.10
C CYS A 114 -30.52 -15.73 -18.00
N GLN A 115 -29.74 -16.40 -17.17
CA GLN A 115 -29.97 -17.81 -16.85
C GLN A 115 -30.37 -17.90 -15.39
N GLY A 116 -31.64 -18.13 -15.13
CA GLY A 116 -32.10 -18.13 -13.76
C GLY A 116 -32.33 -16.72 -13.31
N SER A 117 -33.57 -16.25 -13.47
CA SER A 117 -33.90 -14.85 -13.18
C SER A 117 -33.90 -14.53 -11.69
N ASP A 118 -33.93 -15.53 -10.82
CA ASP A 118 -34.13 -15.26 -9.39
C ASP A 118 -33.05 -14.34 -8.84
N ASP A 119 -31.77 -14.65 -9.11
CA ASP A 119 -30.71 -13.84 -8.49
C ASP A 119 -30.64 -12.45 -9.11
N ILE A 120 -30.83 -12.35 -10.44
CA ILE A 120 -30.74 -11.03 -11.08
C ILE A 120 -31.87 -10.14 -10.60
N ARG A 121 -33.09 -10.63 -10.58
CA ARG A 121 -34.24 -9.74 -10.25
C ARG A 121 -34.00 -9.11 -8.87
N LYS A 122 -33.58 -9.92 -7.91
CA LYS A 122 -33.38 -9.40 -6.54
C LYS A 122 -32.36 -8.26 -6.58
N LEU A 123 -31.24 -8.45 -7.26
CA LEU A 123 -30.24 -7.39 -7.36
C LEU A 123 -30.80 -6.14 -8.03
N LEU A 124 -31.43 -6.31 -9.19
CA LEU A 124 -32.00 -5.16 -9.88
C LEU A 124 -33.02 -4.44 -8.99
N ASP A 125 -33.83 -5.20 -8.24
CA ASP A 125 -34.81 -4.58 -7.36
C ASP A 125 -34.14 -3.84 -6.20
N SER A 126 -33.11 -4.45 -5.59
CA SER A 126 -32.42 -3.79 -4.49
C SER A 126 -31.67 -2.55 -4.93
N GLN A 127 -31.48 -2.39 -6.23
CA GLN A 127 -30.86 -1.17 -6.79
C GLN A 127 -31.96 -0.28 -7.36
N ASN A 128 -33.20 -0.50 -6.93
CA ASN A 128 -34.38 0.28 -7.39
C ASN A 128 -34.39 0.39 -8.91
N ARG A 129 -34.26 -0.73 -9.60
CA ARG A 129 -34.35 -0.73 -11.08
C ARG A 129 -35.39 -1.76 -11.49
N LYS A 130 -36.63 -1.54 -11.11
CA LYS A 130 -37.73 -2.50 -11.42
C LYS A 130 -38.20 -2.31 -12.85
N ASP A 131 -37.86 -1.17 -13.46
CA ASP A 131 -38.28 -0.87 -14.85
C ASP A 131 -37.72 -1.92 -15.78
N ILE A 132 -36.62 -2.54 -15.36
CA ILE A 132 -35.88 -3.51 -16.24
C ILE A 132 -36.57 -4.87 -16.21
N LYS A 133 -37.00 -5.33 -17.39
CA LYS A 133 -37.66 -6.66 -17.51
C LYS A 133 -36.57 -7.71 -17.74
N LEU A 134 -36.85 -8.95 -17.34
CA LEU A 134 -35.86 -10.04 -17.47
C LEU A 134 -36.40 -11.17 -18.34
N ILE A 135 -35.53 -11.78 -19.15
CA ILE A 135 -35.94 -12.99 -19.94
C ILE A 135 -35.09 -14.14 -19.40
N ASP A 136 -35.70 -15.03 -18.63
CA ASP A 136 -35.02 -16.22 -18.15
C ASP A 136 -34.96 -17.17 -19.33
N VAL A 137 -33.76 -17.39 -19.85
CA VAL A 137 -33.57 -18.32 -20.95
C VAL A 137 -33.11 -19.64 -20.38
N GLU A 138 -33.79 -20.70 -20.78
CA GLU A 138 -33.47 -22.04 -20.33
C GLU A 138 -32.31 -22.63 -21.14
N MET A 139 -31.47 -23.39 -20.45
CA MET A 139 -30.28 -23.95 -21.06
C MET A 139 -30.03 -25.36 -20.54
N THR A 140 -29.94 -26.32 -21.46
CA THR A 140 -29.67 -27.73 -21.09
C THR A 140 -28.21 -27.89 -20.67
N ARG A 141 -27.94 -28.78 -19.71
CA ARG A 141 -26.56 -29.06 -19.28
C ARG A 141 -25.77 -29.61 -20.47
N GLU A 142 -26.42 -30.40 -21.31
CA GLU A 142 -25.76 -30.88 -22.54
C GLU A 142 -25.22 -29.67 -23.30
N ALA A 143 -26.07 -28.67 -23.51
CA ALA A 143 -25.61 -27.51 -24.29
C ALA A 143 -24.55 -26.70 -23.54
N SER A 144 -24.63 -26.67 -22.20
CA SER A 144 -23.59 -26.04 -21.41
C SER A 144 -22.25 -26.74 -21.66
N ARG A 145 -22.23 -28.06 -21.54
CA ARG A 145 -20.97 -28.82 -21.70
C ARG A 145 -20.39 -28.57 -23.08
N GLU A 146 -21.23 -28.31 -24.08
CA GLU A 146 -20.73 -28.17 -25.46
C GLU A 146 -19.87 -26.92 -25.61
N TYR A 147 -20.42 -25.75 -25.34
CA TYR A 147 -19.69 -24.49 -25.65
C TYR A 147 -18.74 -24.04 -24.53
N GLU A 148 -18.84 -24.56 -23.31
CA GLU A 148 -17.99 -24.07 -22.23
C GLU A 148 -16.53 -24.05 -22.64
N ASP A 149 -16.05 -25.16 -23.18
CA ASP A 149 -14.60 -25.26 -23.51
C ASP A 149 -14.30 -24.37 -24.71
N LYS A 150 -15.19 -24.34 -25.69
CA LYS A 150 -14.95 -23.54 -26.92
C LYS A 150 -14.87 -22.05 -26.57
N VAL A 151 -15.76 -21.57 -25.70
CA VAL A 151 -15.79 -20.14 -25.30
C VAL A 151 -14.53 -19.82 -24.50
N TRP A 152 -14.17 -20.66 -23.53
CA TRP A 152 -13.01 -20.35 -22.66
C TRP A 152 -11.72 -20.30 -23.47
N ASP A 153 -11.73 -20.83 -24.70
CA ASP A 153 -10.49 -20.88 -25.52
C ASP A 153 -10.42 -19.66 -26.44
N LYS A 154 -11.55 -19.29 -27.04
CA LYS A 154 -11.59 -18.14 -27.98
C LYS A 154 -11.68 -16.84 -27.20
N TYR A 155 -12.39 -16.84 -26.06
CA TYR A 155 -12.64 -15.58 -25.39
C TYR A 155 -12.11 -15.57 -23.95
N GLY A 156 -11.44 -16.62 -23.52
CA GLY A 156 -11.04 -16.69 -22.12
C GLY A 156 -9.93 -15.75 -21.72
N TRP A 157 -9.25 -15.15 -22.69
CA TRP A 157 -8.20 -14.19 -22.38
C TRP A 157 -8.75 -12.90 -21.80
N LEU A 158 -10.07 -12.70 -21.88
CA LEU A 158 -10.72 -11.44 -21.41
C LEU A 158 -10.89 -11.42 -19.89
N CYS A 159 -10.80 -12.56 -19.21
CA CYS A 159 -10.88 -12.61 -17.73
C CYS A 159 -9.89 -13.64 -17.20
N LYS A 160 -8.78 -13.20 -16.62
CA LYS A 160 -7.78 -14.11 -16.01
C LYS A 160 -7.93 -14.00 -14.50
N MET A 161 -9.16 -13.91 -14.01
CA MET A 161 -9.45 -13.70 -12.59
C MET A 161 -9.80 -14.97 -11.83
N HIS A 162 -9.91 -16.10 -12.53
CA HIS A 162 -10.33 -17.36 -11.87
C HIS A 162 -9.08 -18.23 -11.68
N THR A 163 -8.28 -17.93 -10.66
CA THR A 163 -6.98 -18.62 -10.48
C THR A 163 -7.07 -19.69 -9.38
N GLY A 164 -8.27 -20.20 -9.11
CA GLY A 164 -8.43 -21.18 -8.02
C GLY A 164 -9.06 -22.46 -8.49
N ILE A 165 -8.91 -23.53 -7.70
CA ILE A 165 -9.47 -24.85 -8.09
C ILE A 165 -10.89 -24.94 -7.57
N VAL A 166 -11.84 -25.19 -8.47
CA VAL A 166 -13.26 -25.35 -8.08
C VAL A 166 -13.60 -26.84 -8.20
N ARG A 167 -14.19 -27.41 -7.17
CA ARG A 167 -14.59 -28.85 -7.20
C ARG A 167 -16.10 -28.95 -6.97
N ASP A 168 -16.72 -30.05 -7.42
CA ASP A 168 -18.18 -30.25 -7.16
C ASP A 168 -18.39 -31.03 -5.86
N LYS A 169 -19.64 -31.39 -5.56
CA LYS A 169 -19.96 -32.21 -4.35
C LYS A 169 -19.08 -33.45 -4.34
N LYS A 170 -18.80 -34.03 -5.51
CA LYS A 170 -18.00 -35.28 -5.60
C LYS A 170 -16.50 -34.97 -5.70
N LYS A 171 -16.05 -33.85 -5.14
CA LYS A 171 -14.60 -33.46 -5.15
C LYS A 171 -14.02 -33.53 -6.56
N LYS A 172 -14.86 -33.49 -7.60
CA LYS A 172 -14.35 -33.49 -8.99
C LYS A 172 -14.01 -32.07 -9.41
N GLU A 173 -12.75 -31.84 -9.78
CA GLU A 173 -12.31 -30.51 -10.28
C GLU A 173 -13.11 -30.13 -11.52
N ILE A 174 -13.73 -28.94 -11.50
CA ILE A 174 -14.60 -28.52 -12.64
C ILE A 174 -14.17 -27.14 -13.16
N THR A 175 -14.54 -26.82 -14.39
CA THR A 175 -14.25 -25.51 -14.95
C THR A 175 -14.98 -24.43 -14.16
N PRO A 176 -14.31 -23.35 -13.77
CA PRO A 176 -14.99 -22.28 -13.02
C PRO A 176 -15.99 -21.51 -13.88
N HIS A 177 -16.77 -20.67 -13.19
CA HIS A 177 -17.78 -19.82 -13.88
C HIS A 177 -17.27 -18.37 -13.90
N CYS A 178 -17.49 -17.65 -15.01
CA CYS A 178 -16.86 -16.31 -15.13
C CYS A 178 -17.82 -15.16 -15.38
N ALA A 179 -19.12 -15.38 -15.47
CA ALA A 179 -20.11 -14.31 -15.75
C ALA A 179 -19.95 -13.77 -17.17
N LEU A 180 -18.75 -13.30 -17.56
CA LEU A 180 -18.53 -12.86 -18.95
C LEU A 180 -18.50 -14.12 -19.80
N MET A 181 -17.69 -15.08 -19.40
CA MET A 181 -17.69 -16.37 -20.12
C MET A 181 -19.10 -16.95 -20.01
N ASP A 182 -19.74 -16.87 -18.84
CA ASP A 182 -21.09 -17.42 -18.80
C ASP A 182 -22.00 -16.75 -19.82
N CYS A 183 -21.89 -15.43 -20.00
CA CYS A 183 -22.70 -14.76 -21.02
C CYS A 183 -22.44 -15.28 -22.41
N ILE A 184 -21.17 -15.53 -22.74
CA ILE A 184 -20.90 -15.98 -24.11
C ILE A 184 -21.38 -17.42 -24.27
N ILE A 185 -21.25 -18.23 -23.23
CA ILE A 185 -21.80 -19.58 -23.27
C ILE A 185 -23.31 -19.54 -23.46
N PHE A 186 -24.00 -18.65 -22.72
CA PHE A 186 -25.44 -18.56 -22.83
C PHE A 186 -25.87 -18.19 -24.24
N GLU A 187 -25.16 -17.25 -24.86
CA GLU A 187 -25.50 -16.82 -26.21
C GLU A 187 -25.30 -17.97 -27.19
N SER A 188 -24.20 -18.71 -27.02
CA SER A 188 -23.92 -19.88 -27.85
C SER A 188 -25.04 -20.91 -27.77
N ALA A 189 -25.45 -21.29 -26.57
CA ALA A 189 -26.50 -22.29 -26.41
C ALA A 189 -27.82 -21.81 -27.00
N SER A 190 -28.17 -20.56 -26.77
CA SER A 190 -29.44 -19.99 -27.30
C SER A 190 -29.40 -19.87 -28.82
N LYS A 191 -28.22 -19.97 -29.44
CA LYS A 191 -28.13 -19.70 -30.90
C LYS A 191 -27.57 -20.91 -31.66
N ALA A 192 -27.20 -21.98 -30.93
CA ALA A 192 -26.61 -23.20 -31.53
C ALA A 192 -25.39 -22.84 -32.37
N ARG A 193 -24.78 -21.69 -32.08
CA ARG A 193 -23.58 -21.24 -32.83
C ARG A 193 -22.72 -20.39 -31.92
N LEU A 194 -21.48 -20.81 -31.67
CA LEU A 194 -20.54 -19.95 -30.92
C LEU A 194 -20.41 -18.67 -31.74
N PRO A 195 -20.64 -17.49 -31.16
CA PRO A 195 -20.65 -16.25 -31.94
C PRO A 195 -19.34 -15.95 -32.68
N ASP A 196 -19.45 -15.57 -33.95
CA ASP A 196 -18.28 -15.15 -34.71
C ASP A 196 -18.21 -13.62 -34.64
N LEU A 197 -17.40 -13.13 -33.72
CA LEU A 197 -17.31 -11.70 -33.41
C LEU A 197 -15.88 -11.20 -33.59
N LYS A 198 -15.66 -10.36 -34.60
CA LYS A 198 -14.35 -9.76 -34.83
C LYS A 198 -14.00 -8.87 -33.64
N THR A 199 -14.82 -7.86 -33.40
CA THR A 199 -14.59 -6.91 -32.34
C THR A 199 -15.47 -7.25 -31.16
N VAL A 200 -14.84 -7.57 -30.03
CA VAL A 200 -15.57 -7.74 -28.78
C VAL A 200 -14.75 -7.00 -27.74
N HIS A 201 -15.37 -6.07 -27.01
CA HIS A 201 -14.57 -5.25 -26.05
C HIS A 201 -15.36 -4.69 -24.88
N ASN A 202 -14.67 -4.45 -23.77
CA ASN A 202 -15.29 -3.84 -22.58
C ASN A 202 -15.43 -2.34 -22.82
N ILE A 203 -16.61 -1.79 -22.56
CA ILE A 203 -16.83 -0.33 -22.71
C ILE A 203 -16.13 0.37 -21.54
N LEU A 204 -15.85 -0.36 -20.46
CA LEU A 204 -15.24 0.23 -19.24
C LEU A 204 -13.72 0.12 -19.32
N PRO A 205 -12.98 1.22 -19.07
CA PRO A 205 -11.53 1.19 -19.08
C PRO A 205 -10.93 0.54 -17.82
N HIS A 206 -9.68 0.08 -17.93
CA HIS A 206 -9.07 -0.62 -16.81
C HIS A 206 -8.97 0.26 -15.57
N ASP A 207 -8.80 1.58 -15.74
CA ASP A 207 -8.69 2.49 -14.60
C ASP A 207 -10.04 2.80 -13.96
N LEU A 208 -11.14 2.52 -14.65
CA LEU A 208 -12.46 2.69 -13.99
C LEU A 208 -12.80 1.39 -13.25
N ILE A 209 -12.37 0.24 -13.77
CA ILE A 209 -12.70 -1.07 -13.15
C ILE A 209 -11.86 -1.21 -11.88
N PHE A 210 -10.63 -0.72 -11.91
CA PHE A 210 -9.71 -0.88 -10.76
C PHE A 210 -9.29 0.49 -10.22
N ARG A 211 -8.73 0.53 -9.02
CA ARG A 211 -8.43 1.83 -8.38
C ARG A 211 -6.94 1.96 -8.08
N GLY A 212 -6.25 2.84 -8.81
CA GLY A 212 -4.84 3.10 -8.50
C GLY A 212 -4.74 4.24 -7.50
N PRO A 213 -4.93 5.51 -7.90
CA PRO A 213 -4.77 6.67 -6.99
C PRO A 213 -5.94 6.86 -6.02
N ASN A 214 -5.83 7.86 -5.13
CA ASN A 214 -6.93 8.00 -4.13
C ASN A 214 -7.78 9.27 -4.23
N VAL A 215 -9.11 9.14 -4.25
CA VAL A 215 -10.08 10.28 -4.24
C VAL A 215 -11.00 10.05 -3.02
N VAL A 216 -11.45 11.10 -2.33
CA VAL A 216 -12.20 10.94 -1.07
C VAL A 216 -13.41 11.86 -1.09
N THR A 217 -14.58 11.30 -0.74
CA THR A 217 -15.82 12.05 -0.79
C THR A 217 -16.09 12.81 0.51
N LEU A 218 -17.03 13.76 0.47
CA LEU A 218 -17.47 14.57 1.63
C LEU A 218 -18.98 14.68 1.46
N VAL B 16 12.14 -9.52 -20.71
CA VAL B 16 12.13 -10.69 -21.59
C VAL B 16 11.80 -10.33 -23.04
N GLY B 17 10.79 -11.02 -23.61
CA GLY B 17 10.19 -10.71 -24.89
C GLY B 17 8.75 -11.16 -24.82
N LEU B 18 8.05 -11.08 -25.95
CA LEU B 18 6.71 -11.65 -25.98
C LEU B 18 6.77 -13.17 -25.96
N SER B 19 6.06 -13.79 -25.02
CA SER B 19 5.99 -15.25 -24.97
C SER B 19 5.26 -15.81 -26.18
N TYR B 20 5.29 -17.14 -26.30
CA TYR B 20 4.61 -17.77 -27.43
C TYR B 20 3.10 -17.52 -27.37
N SER B 21 2.50 -17.71 -26.20
CA SER B 21 1.05 -17.51 -26.10
C SER B 21 0.71 -16.05 -26.34
N GLN B 22 1.51 -15.15 -25.77
CA GLN B 22 1.28 -13.72 -25.99
C GLN B 22 1.29 -13.40 -27.48
N THR B 23 2.22 -14.01 -28.21
CA THR B 23 2.29 -13.79 -29.63
C THR B 23 1.11 -14.40 -30.36
N MET B 24 0.58 -15.50 -29.85
CA MET B 24 -0.60 -16.09 -30.49
C MET B 24 -1.82 -15.21 -30.31
N LEU B 25 -1.99 -14.65 -29.09
CA LEU B 25 -3.05 -13.68 -28.84
C LEU B 25 -2.91 -12.49 -29.77
N LEU B 26 -1.69 -11.95 -29.86
CA LEU B 26 -1.44 -10.78 -30.70
C LEU B 26 -1.89 -11.04 -32.13
N LYS B 27 -1.53 -12.21 -32.66
CA LYS B 27 -1.94 -12.58 -34.00
C LYS B 27 -3.45 -12.45 -34.16
N ASP B 28 -4.20 -12.91 -33.15
CA ASP B 28 -5.65 -12.83 -33.18
C ASP B 28 -6.13 -11.40 -33.09
N LEU B 29 -5.59 -10.64 -32.14
CA LEU B 29 -6.09 -9.27 -32.00
C LEU B 29 -5.77 -8.46 -33.25
N MET B 30 -4.60 -8.66 -33.85
CA MET B 30 -4.27 -7.89 -35.04
C MET B 30 -5.21 -8.19 -36.18
N GLY B 31 -6.02 -9.23 -36.05
CA GLY B 31 -7.03 -9.54 -37.05
C GLY B 31 -8.09 -8.48 -37.14
N GLY B 32 -8.20 -7.65 -36.10
CA GLY B 32 -9.11 -6.53 -36.19
C GLY B 32 -8.61 -5.41 -37.10
N ILE B 33 -7.29 -5.32 -37.30
CA ILE B 33 -6.78 -4.21 -38.09
C ILE B 33 -7.12 -4.43 -39.55
N ASP B 34 -7.82 -3.47 -40.15
CA ASP B 34 -8.15 -3.55 -41.57
C ASP B 34 -6.97 -3.09 -42.37
N PRO B 35 -6.33 -3.95 -43.19
CA PRO B 35 -5.09 -3.57 -43.89
C PRO B 35 -5.26 -2.49 -44.95
N ASN B 36 -6.44 -2.39 -45.58
CA ASN B 36 -6.71 -1.34 -46.55
C ASN B 36 -7.21 -0.05 -45.92
N ALA B 37 -7.47 -0.04 -44.62
CA ALA B 37 -8.06 1.14 -44.01
C ALA B 37 -7.00 2.24 -43.84
N PRO B 38 -7.38 3.50 -44.03
CA PRO B 38 -6.48 4.60 -43.72
C PRO B 38 -6.08 4.55 -42.27
N THR B 39 -4.79 4.75 -42.01
CA THR B 39 -4.25 4.47 -40.70
C THR B 39 -3.17 5.47 -40.32
N TRP B 40 -3.22 5.93 -39.08
CA TRP B 40 -2.30 6.89 -38.51
C TRP B 40 -1.30 6.19 -37.60
N ILE B 41 -0.10 6.75 -37.54
CA ILE B 41 0.93 6.26 -36.62
C ILE B 41 1.68 7.45 -36.04
N ASP B 42 2.02 7.38 -34.76
CA ASP B 42 2.83 8.40 -34.10
C ASP B 42 3.55 7.74 -32.94
N ILE B 43 4.72 8.25 -32.59
CA ILE B 43 5.50 7.73 -31.46
C ILE B 43 6.00 8.89 -30.61
N GLU B 44 6.43 8.56 -29.40
CA GLU B 44 7.15 9.51 -28.56
C GLU B 44 8.48 8.90 -28.14
N GLY B 45 9.54 9.67 -28.31
CA GLY B 45 10.89 9.12 -28.15
C GLY B 45 11.46 8.94 -29.54
N ARG B 46 12.70 8.48 -29.66
CA ARG B 46 13.29 8.39 -31.00
C ARG B 46 13.10 7.00 -31.60
N PHE B 47 13.31 6.85 -32.90
CA PHE B 47 13.14 5.54 -33.59
C PHE B 47 13.86 4.43 -32.85
N ASN B 48 15.05 4.69 -32.35
CA ASN B 48 15.83 3.69 -31.64
C ASN B 48 15.37 3.46 -30.20
N ASP B 49 14.63 4.40 -29.62
CA ASP B 49 14.25 4.33 -28.20
C ASP B 49 12.84 4.86 -27.98
N PRO B 50 11.84 4.31 -28.66
CA PRO B 50 10.49 4.87 -28.52
C PRO B 50 9.85 4.43 -27.22
N VAL B 51 9.12 5.35 -26.58
CA VAL B 51 8.44 5.05 -25.32
C VAL B 51 6.93 4.98 -25.44
N GLU B 52 6.33 5.41 -26.54
CA GLU B 52 4.89 5.21 -26.67
C GLU B 52 4.50 5.18 -28.14
N ILE B 53 3.75 4.15 -28.53
CA ILE B 53 3.40 3.93 -29.93
C ILE B 53 1.90 3.95 -30.05
N ALA B 54 1.39 4.57 -31.12
CA ALA B 54 -0.04 4.55 -31.36
C ALA B 54 -0.33 4.34 -32.83
N ILE B 55 -1.24 3.43 -33.11
CA ILE B 55 -1.67 3.13 -34.47
C ILE B 55 -3.18 3.20 -34.47
N PHE B 56 -3.72 4.16 -35.21
CA PHE B 56 -5.17 4.45 -35.16
C PHE B 56 -5.83 4.34 -36.52
N GLN B 57 -6.90 3.56 -36.60
CA GLN B 57 -7.68 3.44 -37.85
C GLN B 57 -8.98 4.19 -37.64
N PRO B 58 -9.13 5.42 -38.15
CA PRO B 58 -10.31 6.23 -37.88
C PRO B 58 -11.63 5.61 -38.33
N GLN B 59 -11.64 4.96 -39.50
CA GLN B 59 -12.86 4.33 -40.05
C GLN B 59 -13.59 3.56 -38.96
N ASN B 60 -12.94 2.55 -38.36
CA ASN B 60 -13.64 1.76 -37.38
C ASN B 60 -13.40 2.22 -35.94
N GLY B 61 -12.48 3.14 -35.71
CA GLY B 61 -12.17 3.54 -34.36
C GLY B 61 -11.26 2.58 -33.60
N GLN B 62 -10.71 1.57 -34.27
CA GLN B 62 -9.79 0.65 -33.61
C GLN B 62 -8.40 1.24 -33.54
N PHE B 63 -7.70 1.00 -32.44
CA PHE B 63 -6.34 1.50 -32.39
C PHE B 63 -5.48 0.57 -31.54
N ILE B 64 -4.17 0.69 -31.74
CA ILE B 64 -3.16 -0.04 -30.99
C ILE B 64 -2.37 1.00 -30.25
N HIS B 65 -2.18 0.81 -28.94
CA HIS B 65 -1.56 1.87 -28.17
C HIS B 65 -0.84 1.26 -26.97
N PHE B 66 0.48 1.45 -26.90
CA PHE B 66 1.27 0.83 -25.82
C PHE B 66 2.53 1.65 -25.55
N TYR B 67 3.30 1.17 -24.59
CA TYR B 67 4.43 1.90 -24.06
C TYR B 67 5.67 1.04 -24.07
N ARG B 68 6.80 1.70 -23.89
CA ARG B 68 8.08 1.02 -23.88
C ARG B 68 9.00 1.77 -22.91
N GLU B 69 9.69 1.04 -22.07
CA GLU B 69 10.63 1.65 -21.16
C GLU B 69 11.86 2.13 -21.94
N PRO B 70 12.33 3.34 -21.70
CA PRO B 70 13.43 3.87 -22.50
C PRO B 70 14.76 3.30 -22.05
N VAL B 71 15.66 3.11 -23.03
CA VAL B 71 17.02 2.68 -22.70
C VAL B 71 17.81 3.87 -22.16
N ASP B 72 17.84 4.96 -22.91
CA ASP B 72 18.60 6.14 -22.52
C ASP B 72 17.80 6.94 -21.50
N GLN B 73 18.16 6.81 -20.22
CA GLN B 73 17.33 7.46 -19.18
C GLN B 73 17.47 8.98 -19.24
N LYS B 74 18.65 9.49 -19.60
CA LYS B 74 18.84 10.97 -19.57
C LYS B 74 17.96 11.62 -20.66
N GLN B 75 17.99 11.07 -21.87
CA GLN B 75 17.21 11.65 -22.98
C GLN B 75 15.73 11.58 -22.64
N PHE B 76 15.26 10.44 -22.09
CA PHE B 76 13.84 10.33 -21.68
C PHE B 76 13.45 11.54 -20.85
N LYS B 77 14.21 11.80 -19.80
CA LYS B 77 13.87 12.92 -18.88
C LYS B 77 13.78 14.22 -19.69
N GLN B 78 14.73 14.47 -20.60
CA GLN B 78 14.66 15.70 -21.38
C GLN B 78 13.47 15.66 -22.34
N ASP B 79 13.22 14.51 -22.97
CA ASP B 79 12.05 14.41 -23.82
C ASP B 79 10.77 14.52 -23.00
N SER B 80 10.86 14.29 -21.70
CA SER B 80 9.71 14.38 -20.83
C SER B 80 9.41 15.84 -20.48
N LYS B 81 10.47 16.62 -20.27
CA LYS B 81 10.30 18.04 -19.92
C LYS B 81 9.93 18.87 -21.14
N TYR B 82 10.09 18.35 -22.36
CA TYR B 82 9.91 19.20 -23.56
C TYR B 82 8.95 18.61 -24.62
N SER B 83 8.31 17.48 -24.36
CA SER B 83 7.32 16.96 -25.35
C SER B 83 6.21 16.12 -24.73
N HIS B 84 6.55 14.97 -24.15
CA HIS B 84 5.52 14.03 -23.72
C HIS B 84 5.24 14.09 -22.23
N GLY B 85 6.18 14.54 -21.41
CA GLY B 85 5.89 14.66 -19.99
C GLY B 85 5.60 13.35 -19.30
N MET B 86 6.26 12.28 -19.71
CA MET B 86 5.99 11.00 -19.10
C MET B 86 6.89 10.78 -17.88
N ASP B 87 6.57 9.76 -17.11
CA ASP B 87 7.29 9.42 -15.90
C ASP B 87 7.89 8.02 -16.04
N LEU B 88 9.19 7.94 -15.77
CA LEU B 88 9.89 6.67 -15.86
C LEU B 88 9.21 5.58 -15.03
N ALA B 89 8.68 5.94 -13.87
CA ALA B 89 8.12 4.93 -12.97
C ALA B 89 6.94 4.21 -13.59
N ASP B 90 6.18 4.89 -14.44
CA ASP B 90 5.04 4.25 -15.07
C ASP B 90 5.43 3.33 -16.20
N LEU B 91 6.70 3.32 -16.62
CA LEU B 91 7.13 2.50 -17.74
C LEU B 91 7.85 1.22 -17.34
N PHE B 92 8.13 1.03 -16.04
CA PHE B 92 8.93 -0.12 -15.64
C PHE B 92 8.22 -1.43 -15.92
N ASN B 93 6.89 -1.42 -15.94
CA ASN B 93 6.10 -2.62 -16.14
C ASN B 93 5.59 -2.81 -17.56
N ALA B 94 6.03 -2.00 -18.53
CA ALA B 94 5.59 -2.22 -19.90
C ALA B 94 6.10 -3.56 -20.42
N GLN B 95 5.24 -4.29 -21.09
CA GLN B 95 5.64 -5.59 -21.61
C GLN B 95 6.72 -5.48 -22.68
N PRO B 96 7.94 -5.96 -22.42
CA PRO B 96 8.99 -5.93 -23.43
C PRO B 96 8.59 -6.73 -24.65
N GLY B 97 9.17 -6.36 -25.79
CA GLY B 97 8.93 -7.06 -27.03
C GLY B 97 7.73 -6.56 -27.80
N LEU B 98 6.92 -5.70 -27.18
CA LEU B 98 5.70 -5.24 -27.82
C LEU B 98 5.98 -4.43 -29.07
N THR B 99 6.95 -3.53 -29.00
CA THR B 99 7.20 -2.66 -30.18
C THR B 99 7.59 -3.54 -31.36
N SER B 100 8.59 -4.39 -31.19
CA SER B 100 9.08 -5.27 -32.29
C SER B 100 8.01 -6.23 -32.77
N SER B 101 7.14 -6.71 -31.88
CA SER B 101 6.11 -7.71 -32.25
C SER B 101 4.91 -7.05 -32.92
N VAL B 102 4.48 -5.87 -32.47
CA VAL B 102 3.35 -5.16 -33.13
C VAL B 102 3.77 -4.68 -34.52
N ILE B 103 4.99 -4.18 -34.65
CA ILE B 103 5.50 -3.72 -35.97
C ILE B 103 5.68 -4.94 -36.87
N GLY B 104 6.16 -6.05 -36.32
CA GLY B 104 6.26 -7.29 -37.10
C GLY B 104 4.90 -7.82 -37.51
N ALA B 105 3.86 -7.64 -36.70
CA ALA B 105 2.55 -8.25 -36.99
C ALA B 105 1.73 -7.41 -37.96
N LEU B 106 2.17 -6.19 -38.24
CA LEU B 106 1.40 -5.29 -39.12
C LEU B 106 1.27 -5.95 -40.49
N PRO B 107 0.09 -5.90 -41.14
CA PRO B 107 -0.08 -6.47 -42.47
C PRO B 107 0.95 -6.01 -43.53
N GLN B 108 1.05 -6.73 -44.64
CA GLN B 108 2.12 -6.43 -45.62
C GLN B 108 1.68 -5.33 -46.58
N GLY B 109 2.57 -4.36 -46.82
CA GLY B 109 2.24 -3.28 -47.76
C GLY B 109 1.26 -2.27 -47.19
N MET B 110 1.18 -2.18 -45.88
CA MET B 110 0.19 -1.27 -45.25
C MET B 110 0.60 0.16 -45.53
N VAL B 111 -0.35 1.00 -45.93
CA VAL B 111 -0.06 2.44 -46.16
C VAL B 111 -0.38 3.18 -44.86
N LEU B 112 0.64 3.72 -44.22
CA LEU B 112 0.48 4.41 -42.95
C LEU B 112 0.62 5.91 -43.14
N SER B 113 -0.29 6.67 -42.53
CA SER B 113 -0.20 8.13 -42.52
C SER B 113 0.52 8.59 -41.26
N CYS B 114 1.25 9.69 -41.37
CA CYS B 114 1.94 10.20 -40.18
C CYS B 114 2.17 11.68 -40.34
N GLN B 115 2.72 12.29 -39.30
CA GLN B 115 3.13 13.68 -39.36
C GLN B 115 4.65 13.72 -39.24
N GLY B 116 5.32 13.99 -40.36
CA GLY B 116 6.76 13.95 -40.33
C GLY B 116 7.23 12.52 -40.46
N SER B 117 7.47 12.09 -41.70
CA SER B 117 7.80 10.71 -41.98
C SER B 117 9.20 10.32 -41.51
N ASP B 118 10.07 11.28 -41.21
CA ASP B 118 11.46 10.95 -40.93
C ASP B 118 11.60 9.98 -39.77
N ASP B 119 10.94 10.26 -38.64
CA ASP B 119 11.14 9.38 -37.48
C ASP B 119 10.50 8.03 -37.69
N ILE B 120 9.31 7.98 -38.29
CA ILE B 120 8.64 6.71 -38.48
C ILE B 120 9.43 5.82 -39.42
N ARG B 121 9.86 6.35 -40.56
CA ARG B 121 10.53 5.48 -41.57
C ARG B 121 11.72 4.80 -40.91
N LYS B 122 12.52 5.54 -40.16
CA LYS B 122 13.73 4.96 -39.55
C LYS B 122 13.33 3.79 -38.64
N LEU B 123 12.31 3.97 -37.80
CA LEU B 123 11.86 2.89 -36.94
C LEU B 123 11.38 1.69 -37.75
N LEU B 124 10.50 1.93 -38.72
CA LEU B 124 10.01 0.83 -39.53
C LEU B 124 11.16 0.10 -40.24
N ASP B 125 12.15 0.85 -40.72
CA ASP B 125 13.29 0.22 -41.38
C ASP B 125 14.13 -0.59 -40.40
N SER B 126 14.38 -0.04 -39.19
CA SER B 126 15.18 -0.76 -38.21
C SER B 126 14.49 -2.01 -37.70
N GLN B 127 13.18 -2.12 -37.96
CA GLN B 127 12.42 -3.33 -37.60
C GLN B 127 12.22 -4.16 -38.88
N ASN B 128 13.03 -3.92 -39.90
CA ASN B 128 12.98 -4.65 -41.20
C ASN B 128 11.54 -4.69 -41.71
N ARG B 129 10.88 -3.53 -41.77
CA ARG B 129 9.51 -3.48 -42.33
C ARG B 129 9.50 -2.39 -43.41
N LYS B 130 10.26 -2.59 -44.47
CA LYS B 130 10.36 -1.59 -45.56
C LYS B 130 9.16 -1.70 -46.49
N ASP B 131 8.44 -2.82 -46.41
CA ASP B 131 7.26 -3.05 -47.28
C ASP B 131 6.22 -1.97 -47.01
N ILE B 132 6.27 -1.41 -45.80
CA ILE B 132 5.24 -0.43 -45.36
C ILE B 132 5.53 0.96 -45.94
N LYS B 133 4.58 1.48 -46.71
CA LYS B 133 4.72 2.82 -47.31
C LYS B 133 4.18 3.86 -46.31
N LEU B 134 4.68 5.09 -46.40
CA LEU B 134 4.26 6.14 -45.45
C LEU B 134 3.65 7.33 -46.20
N ILE B 135 2.62 7.95 -45.63
CA ILE B 135 2.04 9.20 -46.20
C ILE B 135 2.31 10.30 -45.19
N ASP B 136 3.27 11.17 -45.47
CA ASP B 136 3.53 12.31 -44.62
C ASP B 136 2.43 13.32 -44.90
N VAL B 137 1.55 13.52 -43.93
CA VAL B 137 0.47 14.49 -44.08
C VAL B 137 0.90 15.76 -43.40
N GLU B 138 0.78 16.86 -44.12
CA GLU B 138 1.14 18.17 -43.61
C GLU B 138 0.01 18.77 -42.76
N MET B 139 0.41 19.47 -41.71
CA MET B 139 -0.54 20.02 -40.76
C MET B 139 -0.09 21.39 -40.29
N THR B 140 -0.97 22.38 -40.46
CA THR B 140 -0.66 23.77 -40.02
C THR B 140 -0.75 23.87 -38.50
N ARG B 141 0.10 24.70 -37.90
CA ARG B 141 0.06 24.92 -36.43
C ARG B 141 -1.31 25.49 -36.07
N GLU B 142 -1.86 26.34 -36.93
CA GLU B 142 -3.23 26.85 -36.67
C GLU B 142 -4.16 25.66 -36.48
N ALA B 143 -4.12 24.70 -37.39
CA ALA B 143 -5.03 23.56 -37.26
C ALA B 143 -4.69 22.70 -36.05
N SER B 144 -3.41 22.60 -35.69
CA SER B 144 -3.03 21.91 -34.47
C SER B 144 -3.69 22.57 -33.26
N ARG B 145 -3.53 23.89 -33.15
CA ARG B 145 -4.09 24.61 -31.97
C ARG B 145 -5.59 24.39 -31.89
N GLU B 146 -6.26 24.20 -33.03
CA GLU B 146 -7.73 24.11 -33.01
C GLU B 146 -8.20 22.85 -32.31
N TYR B 147 -7.79 21.68 -32.79
CA TYR B 147 -8.36 20.41 -32.25
C TYR B 147 -7.63 19.88 -31.02
N GLU B 148 -6.43 20.36 -30.68
CA GLU B 148 -5.71 19.80 -29.55
C GLU B 148 -6.57 19.75 -28.30
N ASP B 149 -7.21 20.87 -27.98
CA ASP B 149 -8.00 20.94 -26.72
C ASP B 149 -9.26 20.08 -26.86
N LYS B 150 -9.89 20.12 -28.03
CA LYS B 150 -11.15 19.38 -28.24
C LYS B 150 -10.90 17.87 -28.13
N VAL B 151 -9.79 17.38 -28.70
CA VAL B 151 -9.45 15.94 -28.65
C VAL B 151 -9.12 15.54 -27.22
N TRP B 152 -8.30 16.32 -26.53
CA TRP B 152 -7.86 15.94 -25.16
C TRP B 152 -9.06 15.89 -24.21
N ASP B 153 -10.20 16.46 -24.59
CA ASP B 153 -11.38 16.51 -23.69
C ASP B 153 -12.32 15.34 -23.99
N LYS B 154 -12.52 15.03 -25.26
CA LYS B 154 -13.42 13.92 -25.65
C LYS B 154 -12.69 12.59 -25.55
N TYR B 155 -11.40 12.56 -25.84
CA TYR B 155 -10.71 11.28 -25.90
C TYR B 155 -9.54 11.19 -24.95
N GLY B 156 -9.32 12.20 -24.11
CA GLY B 156 -8.12 12.19 -23.28
C GLY B 156 -8.14 11.21 -22.14
N TRP B 157 -9.30 10.62 -21.85
CA TRP B 157 -9.38 9.63 -20.80
C TRP B 157 -8.69 8.34 -21.19
N LEU B 158 -8.35 8.17 -22.48
CA LEU B 158 -7.69 6.97 -23.01
C LEU B 158 -6.23 6.88 -22.60
N CYS B 159 -5.63 7.99 -22.21
CA CYS B 159 -4.22 7.99 -21.82
C CYS B 159 -4.05 8.95 -20.66
N LYS B 160 -3.81 8.40 -19.47
CA LYS B 160 -3.52 9.18 -18.28
C LYS B 160 -2.03 9.10 -17.94
N MET B 161 -1.17 9.03 -18.96
CA MET B 161 0.24 8.76 -18.77
C MET B 161 1.12 10.00 -18.79
N HIS B 162 0.54 11.16 -19.08
CA HIS B 162 1.34 12.41 -19.21
C HIS B 162 1.13 13.22 -17.93
N THR B 163 1.82 12.85 -16.85
CA THR B 163 1.58 13.50 -15.53
C THR B 163 2.67 14.53 -15.21
N GLY B 164 3.34 15.06 -16.23
CA GLY B 164 4.46 16.00 -15.99
C GLY B 164 4.24 17.32 -16.67
N ILE B 165 4.97 18.34 -16.23
CA ILE B 165 4.84 19.70 -16.82
C ILE B 165 5.80 19.81 -18.00
N VAL B 166 5.27 20.12 -19.17
CA VAL B 166 6.11 20.31 -20.37
C VAL B 166 6.16 21.81 -20.67
N ARG B 167 7.35 22.37 -20.86
CA ARG B 167 7.49 23.81 -21.19
C ARG B 167 8.21 23.96 -22.54
N ASP B 168 8.03 25.09 -23.22
CA ASP B 168 8.76 25.33 -24.49
C ASP B 168 10.08 26.06 -24.24
N LYS B 169 10.78 26.45 -25.31
CA LYS B 169 12.05 27.21 -25.16
C LYS B 169 11.82 28.43 -24.27
N LYS B 170 10.64 29.05 -24.37
CA LYS B 170 10.32 30.27 -23.59
C LYS B 170 9.72 29.92 -22.23
N LYS B 171 10.07 28.76 -21.67
CA LYS B 171 9.57 28.33 -20.32
C LYS B 171 8.05 28.45 -20.24
N LYS B 172 7.35 28.47 -21.37
CA LYS B 172 5.87 28.52 -21.34
C LYS B 172 5.30 27.10 -21.22
N GLU B 173 4.53 26.85 -20.17
CA GLU B 173 3.89 25.53 -19.97
C GLU B 173 2.97 25.22 -21.15
N ILE B 174 3.15 24.07 -21.79
CA ILE B 174 2.36 23.71 -23.00
C ILE B 174 1.69 22.36 -22.81
N THR B 175 0.63 22.10 -23.58
CA THR B 175 -0.04 20.80 -23.55
C THR B 175 0.92 19.72 -24.05
N PRO B 176 1.03 18.60 -23.33
CA PRO B 176 1.94 17.51 -23.77
C PRO B 176 1.43 16.82 -25.03
N HIS B 177 2.31 15.97 -25.57
CA HIS B 177 1.98 15.19 -26.79
C HIS B 177 1.73 13.72 -26.37
N CYS B 178 0.76 13.05 -26.98
CA CYS B 178 0.38 11.70 -26.48
C CYS B 178 0.43 10.60 -27.53
N ALA B 179 0.78 10.86 -28.77
CA ALA B 179 0.81 9.83 -29.84
C ALA B 179 -0.60 9.35 -30.18
N LEU B 180 -1.37 8.86 -29.20
CA LEU B 180 -2.78 8.48 -29.47
C LEU B 180 -3.54 9.77 -29.67
N MET B 181 -3.41 10.69 -28.73
CA MET B 181 -4.04 12.01 -28.91
C MET B 181 -3.46 12.62 -30.17
N ASP B 182 -2.15 12.51 -30.40
CA ASP B 182 -1.64 13.10 -31.64
C ASP B 182 -2.33 12.50 -32.87
N CYS B 183 -2.59 11.20 -32.87
CA CYS B 183 -3.28 10.60 -34.00
C CYS B 183 -4.67 11.16 -34.19
N ILE B 184 -5.40 11.39 -33.10
CA ILE B 184 -6.76 11.89 -33.26
C ILE B 184 -6.71 13.35 -33.72
N ILE B 185 -5.74 14.11 -33.20
CA ILE B 185 -5.56 15.48 -33.68
C ILE B 185 -5.24 15.49 -35.17
N PHE B 186 -4.35 14.60 -35.60
CA PHE B 186 -3.98 14.56 -37.02
C PHE B 186 -5.18 14.26 -37.91
N GLU B 187 -6.03 13.32 -37.48
CA GLU B 187 -7.20 12.97 -38.26
C GLU B 187 -8.15 14.15 -38.34
N SER B 188 -8.34 14.85 -37.22
CA SER B 188 -9.18 16.04 -37.17
C SER B 188 -8.71 17.10 -38.16
N ALA B 189 -7.42 17.43 -38.13
CA ALA B 189 -6.90 18.47 -39.03
C ALA B 189 -7.03 18.06 -40.49
N SER B 190 -6.73 16.81 -40.80
CA SER B 190 -6.84 16.30 -42.19
C SER B 190 -8.28 16.24 -42.66
N LYS B 191 -9.26 16.33 -41.75
CA LYS B 191 -10.67 16.13 -42.15
C LYS B 191 -11.53 17.34 -41.82
N ALA B 192 -10.93 18.37 -41.19
CA ALA B 192 -11.66 19.60 -40.78
C ALA B 192 -12.87 19.23 -39.92
N ARG B 193 -12.83 18.05 -39.30
CA ARG B 193 -13.95 17.60 -38.43
C ARG B 193 -13.39 16.69 -37.35
N LEU B 194 -13.57 17.06 -36.08
CA LEU B 194 -13.18 16.13 -34.99
C LEU B 194 -14.04 14.89 -35.20
N PRO B 195 -13.46 13.69 -35.28
CA PRO B 195 -14.22 12.49 -35.59
C PRO B 195 -15.36 12.18 -34.61
N ASP B 196 -16.54 11.86 -35.15
CA ASP B 196 -17.65 11.43 -34.32
C ASP B 196 -17.66 9.91 -34.30
N LEU B 197 -17.06 9.35 -33.26
CA LEU B 197 -16.86 7.90 -33.12
C LEU B 197 -17.51 7.37 -31.86
N LYS B 198 -18.57 6.57 -32.03
CA LYS B 198 -19.22 5.93 -30.88
C LYS B 198 -18.25 4.98 -30.20
N THR B 199 -17.78 4.00 -30.94
CA THR B 199 -16.89 2.99 -30.41
C THR B 199 -15.47 3.30 -30.84
N VAL B 200 -14.61 3.56 -29.87
CA VAL B 200 -13.18 3.69 -30.14
C VAL B 200 -12.48 2.89 -29.05
N HIS B 201 -11.62 1.94 -29.44
CA HIS B 201 -11.01 1.06 -28.40
C HIS B 201 -9.65 0.48 -28.80
N ASN B 202 -8.85 0.16 -27.78
CA ASN B 202 -7.54 -0.48 -28.01
C ASN B 202 -7.77 -1.96 -28.28
N ILE B 203 -7.15 -2.48 -29.33
CA ILE B 203 -7.26 -3.93 -29.65
C ILE B 203 -6.41 -4.70 -28.64
N LEU B 204 -5.47 -4.03 -27.99
CA LEU B 204 -4.54 -4.68 -27.04
C LEU B 204 -5.10 -4.63 -25.62
N PRO B 205 -5.15 -5.76 -24.90
CA PRO B 205 -5.64 -5.77 -23.52
C PRO B 205 -4.63 -5.19 -22.52
N HIS B 206 -5.12 -4.76 -21.36
CA HIS B 206 -4.24 -4.13 -20.38
C HIS B 206 -3.14 -5.07 -19.92
N ASP B 207 -3.40 -6.39 -19.87
CA ASP B 207 -2.39 -7.35 -19.43
C ASP B 207 -1.34 -7.64 -20.50
N LEU B 208 -1.62 -7.30 -21.76
CA LEU B 208 -0.57 -7.45 -22.79
C LEU B 208 0.28 -6.17 -22.82
N ILE B 209 -0.32 -5.03 -22.53
CA ILE B 209 0.42 -3.73 -22.58
C ILE B 209 1.34 -3.68 -21.36
N PHE B 210 0.88 -4.19 -20.23
CA PHE B 210 1.68 -4.11 -18.98
C PHE B 210 2.01 -5.52 -18.47
N ARG B 211 2.95 -5.64 -17.55
CA ARG B 211 3.42 -6.97 -17.11
C ARG B 211 3.20 -7.16 -15.61
N GLY B 212 2.26 -8.02 -15.24
CA GLY B 212 2.08 -8.35 -13.82
C GLY B 212 2.95 -9.52 -13.44
N PRO B 213 2.61 -10.78 -13.82
CA PRO B 213 3.36 -11.97 -13.42
C PRO B 213 4.67 -12.17 -14.21
N ASN B 214 5.43 -13.21 -13.86
CA ASN B 214 6.74 -13.36 -14.57
C ASN B 214 6.89 -14.60 -15.46
N VAL B 215 7.32 -14.42 -16.71
CA VAL B 215 7.61 -15.53 -17.68
C VAL B 215 9.06 -15.32 -18.13
N VAL B 216 9.84 -16.39 -18.38
CA VAL B 216 11.27 -16.26 -18.66
C VAL B 216 11.64 -17.14 -19.85
N THR B 217 12.37 -16.56 -20.82
CA THR B 217 12.72 -17.26 -22.04
C THR B 217 14.00 -18.07 -21.89
N LEU B 218 14.25 -18.98 -22.84
CA LEU B 218 15.46 -19.83 -22.90
C LEU B 218 15.81 -19.89 -24.39
N VAL C 16 -10.26 13.43 19.52
CA VAL C 16 -10.92 13.24 20.81
C VAL C 16 -10.11 13.85 21.97
N GLY C 17 -9.83 13.03 22.99
CA GLY C 17 -8.94 13.34 24.09
C GLY C 17 -8.35 12.03 24.57
N LEU C 18 -7.59 12.08 25.66
CA LEU C 18 -7.12 10.83 26.24
C LEU C 18 -8.29 10.09 26.91
N SER C 19 -8.48 8.83 26.56
CA SER C 19 -9.51 8.01 27.19
C SER C 19 -9.18 7.76 28.65
N TYR C 20 -10.14 7.16 29.36
CA TYR C 20 -9.91 6.87 30.77
C TYR C 20 -8.77 5.88 30.94
N SER C 21 -8.76 4.79 30.16
CA SER C 21 -7.71 3.80 30.30
C SER C 21 -6.38 4.39 29.92
N GLN C 22 -6.36 5.18 28.83
CA GLN C 22 -5.13 5.83 28.41
C GLN C 22 -4.57 6.67 29.54
N THR C 23 -5.44 7.38 30.25
CA THR C 23 -5.02 8.21 31.35
C THR C 23 -4.53 7.38 32.52
N MET C 24 -5.10 6.20 32.71
CA MET C 24 -4.62 5.33 33.79
C MET C 24 -3.24 4.81 33.50
N LEU C 25 -2.99 4.40 32.24
CA LEU C 25 -1.66 4.01 31.81
C LEU C 25 -0.67 5.14 32.03
N LEU C 26 -1.04 6.34 31.59
CA LEU C 26 -0.17 7.50 31.71
C LEU C 26 0.25 7.70 33.16
N LYS C 27 -0.72 7.62 34.07
CA LYS C 27 -0.43 7.75 35.48
C LYS C 27 0.69 6.79 35.90
N ASP C 28 0.61 5.55 35.42
CA ASP C 28 1.62 4.54 35.73
C ASP C 28 2.95 4.88 35.08
N LEU C 29 2.95 5.21 33.81
CA LEU C 29 4.22 5.47 33.17
C LEU C 29 4.90 6.69 33.80
N MET C 30 4.12 7.72 34.15
CA MET C 30 4.74 8.90 34.75
C MET C 30 5.38 8.60 36.07
N GLY C 31 5.12 7.41 36.61
CA GLY C 31 5.77 6.99 37.83
C GLY C 31 7.25 6.79 37.66
N GLY C 32 7.70 6.66 36.42
CA GLY C 32 9.13 6.60 36.19
C GLY C 32 9.81 7.94 36.33
N ILE C 33 9.08 9.04 36.18
CA ILE C 33 9.72 10.34 36.22
C ILE C 33 10.11 10.66 37.66
N ASP C 34 11.40 10.90 37.89
CA ASP C 34 11.87 11.29 39.21
C ASP C 34 11.62 12.75 39.43
N PRO C 35 10.76 13.15 40.38
CA PRO C 35 10.39 14.57 40.53
C PRO C 35 11.53 15.48 40.98
N ASN C 36 12.50 14.97 41.74
CA ASN C 36 13.65 15.75 42.15
C ASN C 36 14.79 15.75 41.13
N ALA C 37 14.67 14.96 40.06
CA ALA C 37 15.78 14.85 39.13
C ALA C 37 15.85 16.09 38.24
N PRO C 38 17.07 16.55 37.91
CA PRO C 38 17.22 17.63 36.93
C PRO C 38 16.59 17.21 35.62
N THR C 39 15.86 18.13 35.01
CA THR C 39 15.00 17.78 33.89
C THR C 39 14.95 18.90 32.87
N TRP C 40 15.04 18.52 31.61
CA TRP C 40 15.01 19.42 30.45
C TRP C 40 13.66 19.38 29.78
N ILE C 41 13.27 20.50 29.21
CA ILE C 41 12.05 20.57 28.40
C ILE C 41 12.30 21.47 27.19
N ASP C 42 11.75 21.08 26.05
CA ASP C 42 11.81 21.89 24.83
C ASP C 42 10.61 21.54 23.98
N ILE C 43 10.15 22.50 23.18
CA ILE C 43 9.01 22.27 22.28
C ILE C 43 9.34 22.83 20.90
N GLU C 44 8.55 22.43 19.91
CA GLU C 44 8.58 23.04 18.60
C GLU C 44 7.19 23.51 18.22
N GLY C 45 7.11 24.75 17.78
CA GLY C 45 5.80 25.38 17.58
C GLY C 45 5.61 26.34 18.75
N ARG C 46 4.50 27.07 18.77
CA ARG C 46 4.35 28.09 19.84
C ARG C 46 3.58 27.51 21.03
N PHE C 47 3.63 28.19 22.17
CA PHE C 47 2.95 27.73 23.41
C PHE C 47 1.50 27.34 23.14
N ASN C 48 0.82 28.12 22.30
CA ASN C 48 -0.58 27.86 21.99
C ASN C 48 -0.77 26.74 20.96
N ASP C 49 0.27 26.40 20.19
CA ASP C 49 0.14 25.44 19.09
C ASP C 49 1.39 24.57 18.97
N PRO C 50 1.79 23.88 20.04
CA PRO C 50 3.04 23.12 19.97
C PRO C 50 2.84 21.82 19.19
N VAL C 51 3.84 21.47 18.37
CA VAL C 51 3.78 20.23 17.59
C VAL C 51 4.74 19.16 18.06
N GLU C 52 5.68 19.44 18.94
CA GLU C 52 6.50 18.34 19.47
C GLU C 52 7.06 18.73 20.83
N ILE C 53 6.87 17.85 21.81
CA ILE C 53 7.25 18.12 23.18
C ILE C 53 8.28 17.09 23.62
N ALA C 54 9.29 17.52 24.36
CA ALA C 54 10.25 16.58 24.90
C ALA C 54 10.62 16.94 26.32
N ILE C 55 10.60 15.95 27.19
CA ILE C 55 10.96 16.12 28.58
C ILE C 55 11.99 15.04 28.89
N PHE C 56 13.21 15.48 29.20
CA PHE C 56 14.35 14.55 29.35
C PHE C 56 15.00 14.64 30.72
N GLN C 57 15.14 13.50 31.39
CA GLN C 57 15.83 13.44 32.69
C GLN C 57 17.18 12.77 32.45
N PRO C 58 18.28 13.53 32.35
CA PRO C 58 19.58 12.96 32.01
C PRO C 58 20.08 11.89 33.00
N GLN C 59 19.87 12.09 34.29
CA GLN C 59 20.32 11.14 35.33
C GLN C 59 19.98 9.71 34.91
N ASN C 60 18.70 9.40 34.71
CA ASN C 60 18.36 8.03 34.38
C ASN C 60 18.22 7.77 32.89
N GLY C 61 18.25 8.81 32.06
CA GLY C 61 18.03 8.62 30.65
C GLY C 61 16.58 8.44 30.24
N GLN C 62 15.64 8.65 31.14
CA GLN C 62 14.22 8.53 30.81
C GLN C 62 13.74 9.83 30.17
N PHE C 63 12.87 9.70 29.17
CA PHE C 63 12.34 10.91 28.59
C PHE C 63 10.91 10.69 28.12
N ILE C 64 10.20 11.80 27.93
CA ILE C 64 8.84 11.82 27.39
C ILE C 64 8.93 12.57 26.10
N HIS C 65 8.37 12.01 25.03
CA HIS C 65 8.57 12.65 23.73
C HIS C 65 7.40 12.31 22.83
N PHE C 66 6.66 13.34 22.37
CA PHE C 66 5.46 13.10 21.56
C PHE C 66 5.18 14.30 20.67
N TYR C 67 4.11 14.18 19.89
CA TYR C 67 3.81 15.13 18.84
C TYR C 67 2.38 15.61 18.99
N ARG C 68 2.08 16.68 18.27
CA ARG C 68 0.76 17.27 18.28
C ARG C 68 0.50 17.86 16.91
N GLU C 69 -0.68 17.62 16.36
CA GLU C 69 -1.04 18.19 15.08
C GLU C 69 -1.31 19.69 15.26
N PRO C 70 -0.78 20.54 14.39
CA PRO C 70 -0.94 21.97 14.58
C PRO C 70 -2.32 22.45 14.18
N VAL C 71 -2.82 23.46 14.90
CA VAL C 71 -4.08 24.08 14.50
C VAL C 71 -3.85 25.00 13.32
N ASP C 72 -2.89 25.92 13.46
CA ASP C 72 -2.62 26.90 12.41
C ASP C 72 -1.76 26.25 11.34
N GLN C 73 -2.36 25.86 10.22
CA GLN C 73 -1.59 25.10 9.21
C GLN C 73 -0.55 26.00 8.54
N LYS C 74 -0.85 27.29 8.35
CA LYS C 74 0.09 28.16 7.60
C LYS C 74 1.37 28.33 8.43
N GLN C 75 1.22 28.65 9.72
CA GLN C 75 2.40 28.89 10.58
C GLN C 75 3.22 27.61 10.63
N PHE C 76 2.59 26.45 10.80
CA PHE C 76 3.32 25.17 10.82
C PHE C 76 4.27 25.10 9.64
N LYS C 77 3.74 25.30 8.43
CA LYS C 77 4.57 25.21 7.21
C LYS C 77 5.76 26.16 7.33
N GLN C 78 5.53 27.40 7.77
CA GLN C 78 6.64 28.33 7.91
C GLN C 78 7.59 27.88 9.01
N ASP C 79 7.06 27.42 10.14
CA ASP C 79 7.94 26.91 11.18
C ASP C 79 8.66 25.66 10.71
N SER C 80 8.14 25.00 9.68
CA SER C 80 8.77 23.80 9.14
C SER C 80 9.95 24.15 8.23
N LYS C 81 9.77 25.23 7.46
CA LYS C 81 10.85 25.67 6.55
C LYS C 81 11.97 26.39 7.30
N TYR C 82 11.74 26.80 8.54
CA TYR C 82 12.76 27.64 9.22
C TYR C 82 13.18 27.14 10.61
N SER C 83 12.71 25.98 11.06
CA SER C 83 13.19 25.46 12.37
C SER C 83 13.16 23.94 12.47
N HIS C 84 11.98 23.33 12.43
CA HIS C 84 11.86 21.91 12.73
C HIS C 84 11.75 21.04 11.48
N GLY C 85 11.29 21.59 10.36
CA GLY C 85 11.25 20.77 9.15
C GLY C 85 10.34 19.57 9.23
N MET C 86 9.21 19.70 9.92
CA MET C 86 8.32 18.59 10.05
C MET C 86 7.31 18.58 8.91
N ASP C 87 6.59 17.45 8.79
CA ASP C 87 5.61 17.25 7.73
C ASP C 87 4.24 17.06 8.37
N LEU C 88 3.27 17.83 7.88
CA LEU C 88 1.91 17.74 8.39
C LEU C 88 1.37 16.31 8.34
N ALA C 89 1.72 15.58 7.29
CA ALA C 89 1.15 14.25 7.11
C ALA C 89 1.52 13.31 8.24
N ASP C 90 2.70 13.49 8.82
CA ASP C 90 3.11 12.62 9.90
C ASP C 90 2.43 12.97 11.22
N LEU C 91 1.70 14.08 11.30
CA LEU C 91 1.08 14.49 12.55
C LEU C 91 -0.41 14.18 12.63
N PHE C 92 -1.02 13.70 11.54
CA PHE C 92 -2.47 13.51 11.55
C PHE C 92 -2.90 12.46 12.55
N ASN C 93 -2.02 11.51 12.86
CA ASN C 93 -2.34 10.42 13.76
C ASN C 93 -1.84 10.61 15.19
N ALA C 94 -1.31 11.78 15.54
CA ALA C 94 -0.88 11.97 16.92
C ALA C 94 -2.08 11.91 17.86
N GLN C 95 -1.90 11.23 18.98
CA GLN C 95 -2.99 11.10 19.92
C GLN C 95 -3.36 12.44 20.56
N PRO C 96 -4.57 12.96 20.29
CA PRO C 96 -5.00 14.21 20.90
C PRO C 96 -5.06 14.08 22.40
N GLY C 97 -4.91 15.21 23.09
CA GLY C 97 -4.98 15.25 24.52
C GLY C 97 -3.67 14.98 25.22
N LEU C 98 -2.66 14.55 24.47
CA LEU C 98 -1.38 14.18 25.08
C LEU C 98 -0.70 15.38 25.72
N THR C 99 -0.69 16.51 25.04
CA THR C 99 0.05 17.67 25.58
C THR C 99 -0.58 18.04 26.93
N SER C 100 -1.89 18.28 26.94
CA SER C 100 -2.60 18.70 28.18
C SER C 100 -2.51 17.65 29.28
N SER C 101 -2.49 16.37 28.93
CA SER C 101 -2.47 15.27 29.95
C SER C 101 -1.07 15.04 30.47
N VAL C 102 -0.02 15.13 29.64
CA VAL C 102 1.38 14.96 30.14
C VAL C 102 1.76 16.15 31.01
N ILE C 103 1.36 17.35 30.64
CA ILE C 103 1.68 18.55 31.46
C ILE C 103 0.90 18.47 32.79
N GLY C 104 -0.31 17.92 32.74
CA GLY C 104 -1.12 17.75 33.97
C GLY C 104 -0.58 16.69 34.90
N ALA C 105 0.10 15.67 34.37
CA ALA C 105 0.59 14.54 35.19
C ALA C 105 1.96 14.83 35.78
N LEU C 106 2.58 15.95 35.38
CA LEU C 106 3.95 16.25 35.84
C LEU C 106 3.92 16.45 37.35
N PRO C 107 4.85 15.85 38.12
CA PRO C 107 4.91 16.08 39.55
C PRO C 107 4.80 17.56 39.98
N GLN C 108 4.23 17.82 41.15
CA GLN C 108 3.99 19.21 41.61
C GLN C 108 5.27 19.90 42.05
N GLY C 109 5.46 21.16 41.64
CA GLY C 109 6.66 21.92 42.02
C GLY C 109 7.91 21.36 41.38
N MET C 110 7.79 20.83 40.17
CA MET C 110 8.96 20.24 39.46
C MET C 110 9.82 21.40 38.94
N VAL C 111 11.12 21.28 39.11
CA VAL C 111 12.03 22.33 38.58
C VAL C 111 12.49 21.87 37.20
N LEU C 112 12.07 22.59 36.17
CA LEU C 112 12.40 22.23 34.80
C LEU C 112 13.45 23.18 34.24
N SER C 113 14.45 22.63 33.57
CA SER C 113 15.45 23.42 32.86
C SER C 113 15.04 23.59 31.41
N CYS C 114 15.39 24.74 30.83
CA CYS C 114 15.06 24.95 29.42
C CYS C 114 16.03 25.94 28.83
N GLN C 115 15.88 26.18 27.54
CA GLN C 115 16.65 27.21 26.84
C GLN C 115 15.67 28.27 26.38
N GLY C 116 15.68 29.42 27.07
CA GLY C 116 14.70 30.43 26.74
C GLY C 116 13.39 30.11 27.42
N SER C 117 13.20 30.64 28.62
CA SER C 117 12.04 30.31 29.43
C SER C 117 10.74 30.92 28.88
N ASP C 118 10.81 31.90 27.99
CA ASP C 118 9.60 32.63 27.59
C ASP C 118 8.55 31.70 27.02
N ASP C 119 8.93 30.83 26.07
CA ASP C 119 7.91 30.00 25.42
C ASP C 119 7.38 28.94 26.37
N ILE C 120 8.26 28.33 27.18
CA ILE C 120 7.80 27.29 28.08
C ILE C 120 6.85 27.85 29.13
N ARG C 121 7.21 28.96 29.76
CA ARG C 121 6.37 29.47 30.86
C ARG C 121 4.95 29.69 30.36
N LYS C 122 4.81 30.30 29.19
CA LYS C 122 3.46 30.61 28.66
C LYS C 122 2.67 29.31 28.52
N LEU C 123 3.27 28.27 27.94
CA LEU C 123 2.58 26.99 27.80
C LEU C 123 2.20 26.41 29.15
N LEU C 124 3.16 26.34 30.07
CA LEU C 124 2.86 25.79 31.39
C LEU C 124 1.74 26.59 32.08
N ASP C 125 1.75 27.91 31.91
CA ASP C 125 0.71 28.73 32.52
C ASP C 125 -0.64 28.48 31.86
N SER C 126 -0.68 28.39 30.52
CA SER C 126 -1.94 28.16 29.82
C SER C 126 -2.51 26.78 30.12
N GLN C 127 -1.69 25.90 30.68
CA GLN C 127 -2.16 24.56 31.11
C GLN C 127 -2.35 24.58 32.62
N ASN C 128 -2.48 25.77 33.21
CA ASN C 128 -2.68 25.95 34.67
C ASN C 128 -1.67 25.13 35.46
N ARG C 129 -0.39 25.25 35.12
CA ARG C 129 0.67 24.54 35.89
C ARG C 129 1.71 25.58 36.32
N LYS C 130 1.30 26.53 37.14
CA LYS C 130 2.22 27.61 37.59
C LYS C 130 3.11 27.10 38.71
N ASP C 131 2.75 25.98 39.33
CA ASP C 131 3.54 25.41 40.44
C ASP C 131 4.94 25.07 39.95
N ILE C 132 5.05 24.83 38.63
CA ILE C 132 6.33 24.37 38.04
C ILE C 132 7.28 25.54 37.84
N LYS C 133 8.45 25.47 38.47
CA LYS C 133 9.47 26.54 38.32
C LYS C 133 10.36 26.20 37.12
N LEU C 134 10.93 27.23 36.51
CA LEU C 134 11.77 27.03 35.31
C LEU C 134 13.20 27.53 35.54
N ILE C 135 14.19 26.83 34.99
CA ILE C 135 15.60 27.30 35.03
C ILE C 135 16.01 27.59 33.59
N ASP C 136 16.09 28.85 33.22
CA ASP C 136 16.56 29.23 31.91
C ASP C 136 18.07 29.06 31.94
N VAL C 137 18.57 28.08 31.20
CA VAL C 137 20.01 27.85 31.12
C VAL C 137 20.51 28.49 29.86
N GLU C 138 21.55 29.29 30.00
CA GLU C 138 22.16 29.98 28.87
C GLU C 138 23.12 29.07 28.12
N MET C 139 23.15 29.22 26.81
CA MET C 139 23.95 28.37 25.94
C MET C 139 24.56 29.18 24.81
N THR C 140 25.88 29.13 24.70
CA THR C 140 26.60 29.85 23.61
C THR C 140 26.38 29.13 22.28
N ARG C 141 26.32 29.90 21.19
CA ARG C 141 26.17 29.30 19.85
C ARG C 141 27.39 28.42 19.57
N GLU C 142 28.57 28.85 20.04
CA GLU C 142 29.76 27.99 19.88
C GLU C 142 29.46 26.63 20.48
N ALA C 143 28.92 26.58 21.69
CA ALA C 143 28.65 25.28 22.31
C ALA C 143 27.54 24.53 21.60
N SER C 144 26.57 25.26 21.04
CA SER C 144 25.53 24.62 20.23
C SER C 144 26.17 23.92 19.04
N ARG C 145 27.01 24.64 18.30
CA ARG C 145 27.63 24.06 17.08
C ARG C 145 28.43 22.82 17.45
N GLU C 146 28.98 22.76 18.66
CA GLU C 146 29.86 21.64 19.02
C GLU C 146 29.09 20.33 19.09
N TYR C 147 28.07 20.26 19.95
CA TYR C 147 27.40 18.95 20.21
C TYR C 147 26.27 18.65 19.22
N GLU C 148 25.77 19.61 18.46
CA GLU C 148 24.63 19.33 17.57
C GLU C 148 24.88 18.10 16.72
N ASP C 149 26.03 18.05 16.07
CA ASP C 149 26.31 16.93 15.14
C ASP C 149 26.54 15.65 15.93
N LYS C 150 27.24 15.74 17.05
CA LYS C 150 27.55 14.55 17.87
C LYS C 150 26.26 13.92 18.41
N VAL C 151 25.33 14.74 18.88
CA VAL C 151 24.04 14.24 19.42
C VAL C 151 23.22 13.61 18.30
N TRP C 152 23.10 14.29 17.16
CA TRP C 152 22.24 13.78 16.07
C TRP C 152 22.76 12.44 15.54
N ASP C 153 24.00 12.08 15.86
CA ASP C 153 24.60 10.83 15.33
C ASP C 153 24.42 9.69 16.34
N LYS C 154 24.61 9.98 17.62
CA LYS C 154 24.47 8.94 18.67
C LYS C 154 23.00 8.74 19.02
N TYR C 155 22.20 9.81 19.00
CA TYR C 155 20.84 9.69 19.50
C TYR C 155 19.80 10.06 18.45
N GLY C 156 20.21 10.35 17.22
CA GLY C 156 19.25 10.84 16.24
C GLY C 156 18.29 9.79 15.72
N TRP C 157 18.55 8.52 16.00
CA TRP C 157 17.63 7.47 15.57
C TRP C 157 16.33 7.50 16.35
N LEU C 158 16.29 8.26 17.46
CA LEU C 158 15.11 8.38 18.31
C LEU C 158 14.00 9.21 17.69
N CYS C 159 14.33 10.03 16.70
CA CYS C 159 13.34 10.87 16.05
C CYS C 159 13.67 10.95 14.57
N LYS C 160 12.84 10.30 13.76
CA LYS C 160 12.95 10.35 12.31
C LYS C 160 11.86 11.24 11.72
N MET C 161 11.48 12.30 12.44
CA MET C 161 10.33 13.11 12.09
C MET C 161 10.68 14.39 11.32
N HIS C 162 11.96 14.68 11.17
CA HIS C 162 12.38 15.95 10.53
C HIS C 162 12.83 15.63 9.11
N THR C 163 11.87 15.44 8.20
CA THR C 163 12.19 14.99 6.81
C THR C 163 12.16 16.16 5.82
N GLY C 164 12.36 17.39 6.30
CA GLY C 164 12.26 18.56 5.41
C GLY C 164 13.51 19.39 5.43
N ILE C 165 13.69 20.23 4.41
CA ILE C 165 14.90 21.10 4.34
C ILE C 165 14.62 22.40 5.08
N VAL C 166 15.45 22.71 6.06
CA VAL C 166 15.31 23.97 6.83
C VAL C 166 16.44 24.90 6.37
N ARG C 167 16.12 26.14 6.01
CA ARG C 167 17.15 27.12 5.60
C ARG C 167 17.09 28.34 6.52
N ASP C 168 18.19 29.10 6.63
CA ASP C 168 18.18 30.33 7.47
C ASP C 168 17.79 31.55 6.61
N LYS C 169 17.87 32.76 7.18
CA LYS C 169 17.57 34.01 6.42
C LYS C 169 18.41 34.04 5.16
N LYS C 170 19.65 33.53 5.21
CA LYS C 170 20.57 33.56 4.05
C LYS C 170 20.40 32.32 3.18
N LYS C 171 19.20 31.72 3.15
CA LYS C 171 18.91 30.53 2.31
C LYS C 171 19.96 29.43 2.51
N LYS C 172 20.68 29.46 3.63
CA LYS C 172 21.68 28.40 3.92
C LYS C 172 20.98 27.21 4.60
N GLU C 173 21.06 26.03 3.98
CA GLU C 173 20.47 24.81 4.56
C GLU C 173 21.11 24.53 5.93
N ILE C 174 20.28 24.37 6.96
CA ILE C 174 20.81 24.17 8.35
C ILE C 174 20.22 22.91 8.97
N THR C 175 20.87 22.36 9.99
CA THR C 175 20.36 21.21 10.70
C THR C 175 19.06 21.58 11.40
N PRO C 176 18.01 20.77 11.29
CA PRO C 176 16.73 21.07 11.96
C PRO C 176 16.83 20.94 13.47
N HIS C 177 15.77 21.40 14.14
CA HIS C 177 15.68 21.32 15.62
C HIS C 177 14.68 20.22 15.99
N CYS C 178 14.96 19.45 17.04
CA CYS C 178 14.11 18.26 17.31
C CYS C 178 13.50 18.21 18.70
N ALA C 179 13.75 19.18 19.58
CA ALA C 179 13.22 19.17 20.96
C ALA C 179 13.85 18.06 21.80
N LEU C 180 13.77 16.80 21.36
CA LEU C 180 14.47 15.71 22.07
C LEU C 180 15.94 15.89 21.82
N MET C 181 16.32 16.02 20.56
CA MET C 181 17.74 16.30 20.25
C MET C 181 18.09 17.62 20.93
N ASP C 182 17.20 18.63 20.88
CA ASP C 182 17.59 19.86 21.55
C ASP C 182 17.87 19.63 23.03
N CYS C 183 17.08 18.79 23.69
CA CYS C 183 17.35 18.49 25.11
C CYS C 183 18.71 17.85 25.31
N ILE C 184 19.09 16.93 24.43
CA ILE C 184 20.38 16.28 24.65
C ILE C 184 21.51 17.25 24.35
N ILE C 185 21.33 18.11 23.34
CA ILE C 185 22.32 19.15 23.08
C ILE C 185 22.45 20.08 24.29
N PHE C 186 21.31 20.49 24.88
CA PHE C 186 21.36 21.39 26.03
C PHE C 186 22.12 20.76 27.19
N GLU C 187 21.89 19.48 27.44
CA GLU C 187 22.56 18.80 28.54
C GLU C 187 24.05 18.74 28.28
N SER C 188 24.43 18.45 27.03
CA SER C 188 25.84 18.41 26.63
C SER C 188 26.53 19.75 26.89
N ALA C 189 25.94 20.86 26.42
CA ALA C 189 26.55 22.16 26.60
C ALA C 189 26.66 22.53 28.07
N SER C 190 25.62 22.26 28.85
CA SER C 190 25.63 22.57 30.30
C SER C 190 26.64 21.70 31.05
N LYS C 191 27.12 20.62 30.45
CA LYS C 191 27.98 19.67 31.20
C LYS C 191 29.35 19.50 30.55
N ALA C 192 29.57 20.17 29.40
CA ALA C 192 30.84 20.07 28.64
C ALA C 192 31.16 18.60 28.34
N ARG C 193 30.14 17.75 28.35
CA ARG C 193 30.35 16.31 28.06
C ARG C 193 29.08 15.75 27.43
N LEU C 194 29.17 15.22 26.21
CA LEU C 194 28.01 14.54 25.62
C LEU C 194 27.71 13.38 26.55
N PRO C 195 26.47 13.23 27.04
CA PRO C 195 26.16 12.21 28.03
C PRO C 195 26.45 10.77 27.59
N ASP C 196 27.10 10.00 28.46
CA ASP C 196 27.33 8.59 28.20
C ASP C 196 26.21 7.79 28.89
N LEU C 197 25.18 7.47 28.12
CA LEU C 197 23.97 6.83 28.62
C LEU C 197 23.71 5.51 27.93
N LYS C 198 23.86 4.40 28.68
CA LYS C 198 23.56 3.08 28.14
C LYS C 198 22.09 2.99 27.78
N THR C 199 21.24 3.17 28.76
CA THR C 199 19.81 3.08 28.56
C THR C 199 19.22 4.47 28.47
N VAL C 200 18.62 4.78 27.33
CA VAL C 200 17.86 6.01 27.18
C VAL C 200 16.57 5.60 26.46
N HIS C 201 15.42 5.94 27.03
CA HIS C 201 14.15 5.46 26.42
C HIS C 201 12.93 6.33 26.71
N ASN C 202 11.96 6.29 25.82
CA ASN C 202 10.68 7.03 26.01
C ASN C 202 9.83 6.24 26.99
N ILE C 203 9.27 6.91 27.99
CA ILE C 203 8.35 6.25 28.95
C ILE C 203 7.02 6.01 28.25
N LEU C 204 6.76 6.73 27.17
CA LEU C 204 5.47 6.65 26.45
C LEU C 204 5.57 5.61 25.33
N PRO C 205 4.60 4.67 25.24
CA PRO C 205 4.59 3.67 24.18
C PRO C 205 4.14 4.24 22.82
N HIS C 206 4.51 3.55 21.74
CA HIS C 206 4.19 4.06 20.41
C HIS C 206 2.69 4.17 20.20
N ASP C 207 1.88 3.30 20.82
CA ASP C 207 0.43 3.35 20.66
C ASP C 207 -0.21 4.46 21.48
N LEU C 208 0.49 5.01 22.47
CA LEU C 208 -0.06 6.18 23.20
C LEU C 208 0.32 7.45 22.44
N ILE C 209 1.48 7.46 21.79
CA ILE C 209 1.96 8.68 21.07
C ILE C 209 1.13 8.82 19.80
N PHE C 210 0.80 7.71 19.16
CA PHE C 210 0.07 7.75 17.88
C PHE C 210 -1.29 7.04 18.02
N ARG C 211 -2.20 7.25 17.06
CA ARG C 211 -3.56 6.70 17.20
C ARG C 211 -3.90 5.76 16.05
N GLY C 212 -3.99 4.47 16.34
CA GLY C 212 -4.43 3.51 15.30
C GLY C 212 -5.94 3.38 15.32
N PRO C 213 -6.54 2.67 16.31
CA PRO C 213 -8.00 2.43 16.34
C PRO C 213 -8.81 3.64 16.83
N ASN C 214 -10.15 3.52 16.84
CA ASN C 214 -10.94 4.73 17.21
C ASN C 214 -11.74 4.61 18.52
N VAL C 215 -11.61 5.59 19.42
CA VAL C 215 -12.40 5.69 20.69
C VAL C 215 -13.08 7.07 20.66
N VAL C 216 -14.29 7.21 21.20
CA VAL C 216 -15.07 8.45 21.06
C VAL C 216 -15.68 8.82 22.40
N THR C 217 -15.52 10.09 22.80
CA THR C 217 -15.98 10.55 24.11
C THR C 217 -17.44 11.01 24.06
N LEU C 218 -18.04 11.16 25.24
CA LEU C 218 -19.44 11.65 25.41
C LEU C 218 -19.37 12.55 26.64
N VAL D 16 12.81 -8.05 2.41
CA VAL D 16 14.26 -7.89 2.24
C VAL D 16 15.06 -8.61 3.36
N GLY D 17 15.95 -7.85 4.00
CA GLY D 17 16.66 -8.26 5.20
C GLY D 17 16.96 -7.00 5.99
N LEU D 18 17.73 -7.14 7.07
CA LEU D 18 18.17 -5.94 7.77
C LEU D 18 19.22 -5.20 6.94
N SER D 19 19.00 -3.91 6.71
CA SER D 19 19.97 -3.09 6.00
C SER D 19 21.25 -2.93 6.82
N TYR D 20 22.25 -2.33 6.19
CA TYR D 20 23.51 -2.11 6.90
C TYR D 20 23.33 -1.18 8.08
N SER D 21 22.63 -0.06 7.88
CA SER D 21 22.44 0.88 8.98
C SER D 21 21.60 0.26 10.07
N GLN D 22 20.54 -0.48 9.68
CA GLN D 22 19.71 -1.15 10.66
C GLN D 22 20.56 -2.08 11.53
N THR D 23 21.48 -2.79 10.89
CA THR D 23 22.34 -3.69 11.62
C THR D 23 23.31 -2.94 12.51
N MET D 24 23.73 -1.75 12.11
CA MET D 24 24.62 -0.97 12.97
C MET D 24 23.89 -0.48 14.21
N LEU D 25 22.64 -0.02 14.03
CA LEU D 25 21.80 0.34 15.17
C LEU D 25 21.63 -0.83 16.11
N LEU D 26 21.30 -2.01 15.53
CA LEU D 26 21.08 -3.20 16.33
C LEU D 26 22.29 -3.49 17.20
N LYS D 27 23.48 -3.41 16.60
CA LYS D 27 24.71 -3.64 17.36
C LYS D 27 24.75 -2.76 18.58
N ASP D 28 24.37 -1.48 18.42
CA ASP D 28 24.37 -0.54 19.54
C ASP D 28 23.29 -0.88 20.55
N LEU D 29 22.08 -1.16 20.09
CA LEU D 29 21.04 -1.44 21.08
C LEU D 29 21.35 -2.71 21.85
N MET D 30 21.91 -3.72 21.17
CA MET D 30 22.22 -4.96 21.89
C MET D 30 23.26 -4.76 22.95
N GLY D 31 23.90 -3.59 22.97
CA GLY D 31 24.85 -3.25 24.01
C GLY D 31 24.19 -3.11 25.35
N GLY D 32 22.88 -2.93 25.36
CA GLY D 32 22.18 -2.92 26.63
C GLY D 32 22.03 -4.30 27.25
N ILE D 33 22.08 -5.36 26.44
CA ILE D 33 21.87 -6.69 26.99
C ILE D 33 23.08 -7.10 27.83
N ASP D 34 22.85 -7.40 29.08
CA ASP D 34 23.92 -7.87 29.96
C ASP D 34 24.16 -9.33 29.70
N PRO D 35 25.33 -9.75 29.21
CA PRO D 35 25.54 -11.16 28.83
C PRO D 35 25.54 -12.14 29.99
N ASN D 36 25.95 -11.70 31.20
CA ASN D 36 25.91 -12.56 32.38
C ASN D 36 24.58 -12.55 33.09
N ALA D 37 23.64 -11.70 32.67
CA ALA D 37 22.39 -11.59 33.40
C ALA D 37 21.48 -12.78 33.11
N PRO D 38 20.75 -13.27 34.11
CA PRO D 38 19.74 -14.29 33.86
C PRO D 38 18.73 -13.78 32.85
N THR D 39 18.37 -14.64 31.91
CA THR D 39 17.62 -14.19 30.75
C THR D 39 16.64 -15.26 30.29
N TRP D 40 15.43 -14.82 29.96
CA TRP D 40 14.33 -15.65 29.51
C TRP D 40 14.15 -15.51 28.01
N ILE D 41 13.71 -16.59 27.38
CA ILE D 41 13.35 -16.57 25.97
C ILE D 41 12.10 -17.40 25.75
N ASP D 42 11.23 -16.94 24.86
CA ASP D 42 10.04 -17.68 24.47
C ASP D 42 9.65 -17.24 23.07
N ILE D 43 9.02 -18.13 22.31
CA ILE D 43 8.57 -17.81 20.96
C ILE D 43 7.15 -18.31 20.78
N GLU D 44 6.50 -17.83 19.72
CA GLU D 44 5.22 -18.36 19.28
C GLU D 44 5.33 -18.76 17.81
N GLY D 45 4.89 -19.97 17.52
CA GLY D 45 5.13 -20.53 16.18
C GLY D 45 6.24 -21.55 16.34
N ARG D 46 6.62 -22.23 15.26
CA ARG D 46 7.65 -23.29 15.43
C ARG D 46 9.04 -22.75 15.14
N PHE D 47 10.08 -23.49 15.53
CA PHE D 47 11.49 -23.07 15.33
C PHE D 47 11.73 -22.60 13.90
N ASN D 48 11.15 -23.31 12.93
CA ASN D 48 11.33 -22.97 11.52
C ASN D 48 10.48 -21.80 11.07
N ASP D 49 9.42 -21.45 11.79
CA ASP D 49 8.46 -20.43 11.36
C ASP D 49 7.96 -19.61 12.55
N PRO D 50 8.84 -19.00 13.32
CA PRO D 50 8.38 -18.28 14.52
C PRO D 50 7.77 -16.94 14.14
N VAL D 51 6.67 -16.58 14.83
CA VAL D 51 6.00 -15.32 14.58
C VAL D 51 6.16 -14.30 15.70
N GLU D 52 6.67 -14.67 16.87
CA GLU D 52 6.91 -13.64 17.88
C GLU D 52 8.00 -14.11 18.83
N ILE D 53 9.00 -13.28 19.04
CA ILE D 53 10.17 -13.65 19.84
C ILE D 53 10.27 -12.68 21.01
N ALA D 54 10.60 -13.19 22.19
CA ALA D 54 10.82 -12.32 23.33
C ALA D 54 12.02 -12.78 24.13
N ILE D 55 12.87 -11.84 24.46
CA ILE D 55 14.06 -12.09 25.26
C ILE D 55 14.04 -11.08 26.39
N PHE D 56 13.90 -11.58 27.62
CA PHE D 56 13.70 -10.70 28.79
C PHE D 56 14.76 -10.89 29.86
N GLN D 57 15.38 -9.80 30.28
CA GLN D 57 16.38 -9.84 31.36
C GLN D 57 15.71 -9.21 32.59
N PRO D 58 15.22 -10.01 33.56
CA PRO D 58 14.49 -9.47 34.70
C PRO D 58 15.27 -8.48 35.55
N GLN D 59 16.56 -8.75 35.79
CA GLN D 59 17.41 -7.86 36.61
C GLN D 59 17.18 -6.41 36.24
N ASN D 60 17.45 -6.04 34.98
CA ASN D 60 17.31 -4.63 34.62
C ASN D 60 15.95 -4.30 34.01
N GLY D 61 15.13 -5.28 33.70
CA GLY D 61 13.88 -5.00 33.02
C GLY D 61 13.99 -4.75 31.54
N GLN D 62 15.16 -4.96 30.94
CA GLN D 62 15.32 -4.78 29.50
C GLN D 62 14.83 -6.00 28.76
N PHE D 63 14.21 -5.80 27.62
CA PHE D 63 13.79 -6.96 26.85
C PHE D 63 13.83 -6.64 25.36
N ILE D 64 13.86 -7.71 24.56
CA ILE D 64 13.82 -7.65 23.11
C ILE D 64 12.54 -8.34 22.71
N HIS D 65 11.74 -7.70 21.86
CA HIS D 65 10.43 -8.27 21.57
C HIS D 65 10.00 -7.84 20.19
N PHE D 66 9.77 -8.80 19.28
CA PHE D 66 9.43 -8.48 17.91
C PHE D 66 8.64 -9.62 17.27
N TYR D 67 8.28 -9.41 16.01
CA TYR D 67 7.36 -10.29 15.32
C TYR D 67 7.96 -10.72 13.99
N ARG D 68 7.35 -11.74 13.41
CA ARG D 68 7.77 -12.27 12.14
C ARG D 68 6.56 -12.78 11.40
N GLU D 69 6.45 -12.45 10.14
CA GLU D 69 5.35 -12.94 9.33
C GLU D 69 5.56 -14.44 9.04
N PRO D 70 4.53 -15.25 9.19
CA PRO D 70 4.71 -16.69 9.03
C PRO D 70 4.78 -17.09 7.57
N VAL D 71 5.59 -18.11 7.29
CA VAL D 71 5.62 -18.66 5.94
C VAL D 71 4.40 -19.53 5.71
N ASP D 72 4.17 -20.50 6.59
CA ASP D 72 3.05 -21.42 6.45
C ASP D 72 1.79 -20.76 6.94
N GLN D 73 0.95 -20.29 6.02
CA GLN D 73 -0.24 -19.50 6.44
C GLN D 73 -1.25 -20.41 7.14
N LYS D 74 -1.37 -21.67 6.72
CA LYS D 74 -2.43 -22.54 7.31
C LYS D 74 -2.09 -22.81 8.78
N GLN D 75 -0.84 -23.18 9.04
CA GLN D 75 -0.44 -23.52 10.43
C GLN D 75 -0.61 -22.28 11.31
N PHE D 76 -0.20 -21.10 10.82
CA PHE D 76 -0.38 -19.85 11.60
C PHE D 76 -1.82 -19.77 12.09
N LYS D 77 -2.77 -19.88 11.18
CA LYS D 77 -4.21 -19.76 11.55
C LYS D 77 -4.53 -20.77 12.66
N GLN D 78 -4.08 -22.02 12.52
CA GLN D 78 -4.36 -23.00 13.56
C GLN D 78 -3.63 -22.65 14.84
N ASP D 79 -2.37 -22.23 14.75
CA ASP D 79 -1.67 -21.80 15.96
C ASP D 79 -2.32 -20.56 16.55
N SER D 80 -3.09 -19.83 15.75
CA SER D 80 -3.76 -18.63 16.23
C SER D 80 -5.02 -18.98 17.00
N LYS D 81 -5.72 -20.00 16.53
CA LYS D 81 -6.98 -20.45 17.21
C LYS D 81 -6.67 -21.23 18.47
N TYR D 82 -5.45 -21.71 18.65
CA TYR D 82 -5.18 -22.63 19.79
C TYR D 82 -3.99 -22.23 20.68
N SER D 83 -3.37 -21.06 20.46
CA SER D 83 -2.29 -20.64 21.38
C SER D 83 -2.12 -19.12 21.47
N HIS D 84 -1.74 -18.47 20.39
CA HIS D 84 -1.37 -17.06 20.44
C HIS D 84 -2.46 -16.12 19.98
N GLY D 85 -3.39 -16.59 19.13
CA GLY D 85 -4.48 -15.71 18.74
C GLY D 85 -4.05 -14.48 17.96
N MET D 86 -3.03 -14.61 17.15
CA MET D 86 -2.57 -13.45 16.41
C MET D 86 -3.30 -13.34 15.08
N ASP D 87 -3.13 -12.19 14.42
CA ASP D 87 -3.77 -11.89 13.16
C ASP D 87 -2.71 -11.68 12.09
N LEU D 88 -2.87 -12.38 10.97
CA LEU D 88 -1.92 -12.26 9.88
C LEU D 88 -1.75 -10.81 9.44
N ALA D 89 -2.82 -10.04 9.45
CA ALA D 89 -2.75 -8.67 8.92
C ALA D 89 -1.78 -7.82 9.71
N ASP D 90 -1.63 -8.07 11.00
CA ASP D 90 -0.73 -7.29 11.81
C ASP D 90 0.72 -7.67 11.59
N LEU D 91 1.01 -8.75 10.86
CA LEU D 91 2.37 -9.21 10.68
C LEU D 91 2.97 -8.84 9.32
N PHE D 92 2.17 -8.28 8.40
CA PHE D 92 2.68 -8.03 7.06
C PHE D 92 3.80 -7.01 7.05
N ASN D 93 3.84 -6.11 8.04
CA ASN D 93 4.83 -5.06 8.09
C ASN D 93 5.99 -5.35 9.04
N ALA D 94 6.11 -6.55 9.59
CA ALA D 94 7.25 -6.85 10.45
C ALA D 94 8.54 -6.79 9.64
N GLN D 95 9.56 -6.17 10.22
CA GLN D 95 10.82 -6.04 9.52
C GLN D 95 11.49 -7.40 9.30
N PRO D 96 11.62 -7.85 8.05
CA PRO D 96 12.31 -9.12 7.78
C PRO D 96 13.74 -9.07 8.24
N GLY D 97 14.29 -10.24 8.55
CA GLY D 97 15.66 -10.35 8.96
C GLY D 97 15.89 -10.18 10.43
N LEU D 98 14.86 -9.74 11.16
CA LEU D 98 15.01 -9.46 12.59
C LEU D 98 15.35 -10.72 13.37
N THR D 99 14.65 -11.81 13.09
CA THR D 99 14.88 -13.03 13.90
C THR D 99 16.33 -13.45 13.74
N SER D 100 16.79 -13.63 12.50
CA SER D 100 18.18 -14.08 12.23
C SER D 100 19.22 -13.09 12.75
N SER D 101 18.93 -11.79 12.72
CA SER D 101 19.91 -10.77 13.14
C SER D 101 19.95 -10.62 14.65
N VAL D 102 18.81 -10.70 15.35
CA VAL D 102 18.80 -10.62 16.84
C VAL D 102 19.46 -11.88 17.43
N ILE D 103 19.25 -13.03 16.80
CA ILE D 103 19.83 -14.30 17.32
C ILE D 103 21.33 -14.31 17.04
N GLY D 104 21.76 -13.77 15.91
CA GLY D 104 23.20 -13.66 15.62
C GLY D 104 23.92 -12.64 16.48
N ALA D 105 23.22 -11.64 17.02
CA ALA D 105 23.86 -10.55 17.80
C ALA D 105 23.91 -10.86 19.29
N LEU D 106 23.25 -11.93 19.72
CA LEU D 106 23.21 -12.28 21.16
C LEU D 106 24.62 -12.58 21.63
N PRO D 107 25.06 -12.07 22.80
CA PRO D 107 26.37 -12.37 23.35
C PRO D 107 26.78 -13.85 23.30
N GLN D 108 28.07 -14.13 23.13
CA GLN D 108 28.54 -15.52 22.94
C GLN D 108 28.50 -16.30 24.25
N GLY D 109 27.96 -17.51 24.20
CA GLY D 109 27.89 -18.36 25.40
C GLY D 109 26.86 -17.88 26.38
N MET D 110 25.80 -17.25 25.87
CA MET D 110 24.77 -16.68 26.77
C MET D 110 23.96 -17.84 27.34
N VAL D 111 23.72 -17.81 28.65
CA VAL D 111 22.87 -18.86 29.28
C VAL D 111 21.44 -18.35 29.26
N LEU D 112 20.58 -19.00 28.49
CA LEU D 112 19.20 -18.58 28.36
C LEU D 112 18.28 -19.54 29.10
N SER D 113 17.33 -18.99 29.84
CA SER D 113 16.30 -19.79 30.51
C SER D 113 15.07 -19.87 29.62
N CYS D 114 14.36 -20.99 29.69
CA CYS D 114 13.15 -21.13 28.89
C CYS D 114 12.22 -22.12 29.55
N GLN D 115 11.05 -22.27 28.95
CA GLN D 115 10.09 -23.29 29.38
C GLN D 115 9.96 -24.30 28.26
N GLY D 116 10.56 -25.47 28.43
CA GLY D 116 10.55 -26.43 27.34
C GLY D 116 11.63 -26.09 26.36
N SER D 117 12.81 -26.68 26.55
CA SER D 117 13.98 -26.34 25.75
C SER D 117 13.88 -26.86 24.31
N ASP D 118 12.98 -27.79 24.02
CA ASP D 118 12.99 -28.45 22.72
C ASP D 118 12.84 -27.45 21.58
N ASP D 119 11.84 -26.55 21.67
CA ASP D 119 11.62 -25.65 20.54
C ASP D 119 12.73 -24.62 20.42
N ILE D 120 13.21 -24.09 21.55
CA ILE D 120 14.25 -23.07 21.48
C ILE D 120 15.53 -23.65 20.90
N ARG D 121 15.97 -24.81 21.40
CA ARG D 121 17.27 -25.35 20.94
C ARG D 121 17.27 -25.48 19.43
N LYS D 122 16.19 -26.01 18.88
CA LYS D 122 16.15 -26.25 17.42
C LYS D 122 16.32 -24.91 16.69
N LEU D 123 15.61 -23.86 17.13
CA LEU D 123 15.75 -22.55 16.50
C LEU D 123 17.18 -22.02 16.63
N LEU D 124 17.73 -22.04 17.85
CA LEU D 124 19.09 -21.56 18.04
C LEU D 124 20.08 -22.34 17.18
N ASP D 125 19.88 -23.65 17.05
CA ASP D 125 20.77 -24.46 16.22
C ASP D 125 20.62 -24.12 14.74
N SER D 126 19.37 -23.96 14.27
CA SER D 126 19.16 -23.63 12.86
C SER D 126 19.67 -22.25 12.50
N GLN D 127 19.96 -21.44 13.52
CA GLN D 127 20.57 -20.10 13.29
C GLN D 127 22.06 -20.20 13.62
N ASN D 128 22.61 -21.41 13.63
CA ASN D 128 24.05 -21.67 13.92
C ASN D 128 24.46 -20.92 15.19
N ARG D 129 23.71 -21.08 16.27
CA ARG D 129 24.11 -20.46 17.55
C ARG D 129 24.11 -21.56 18.62
N LYS D 130 25.00 -22.54 18.47
CA LYS D 130 25.08 -23.68 19.41
C LYS D 130 25.84 -23.26 20.67
N ASP D 131 26.58 -22.16 20.59
CA ASP D 131 27.38 -21.68 21.74
C ASP D 131 26.46 -21.38 22.91
N ILE D 132 25.20 -21.07 22.58
CA ILE D 132 24.22 -20.64 23.61
C ILE D 132 23.67 -21.84 24.37
N LYS D 133 23.86 -21.85 25.68
CA LYS D 133 23.34 -22.94 26.54
C LYS D 133 21.93 -22.59 26.99
N LEU D 134 21.12 -23.60 27.27
CA LEU D 134 19.72 -23.36 27.66
C LEU D 134 19.42 -23.93 29.05
N ILE D 135 18.60 -23.25 29.84
CA ILE D 135 18.15 -23.79 31.16
C ILE D 135 16.65 -24.00 31.04
N ASP D 136 16.22 -25.26 30.92
CA ASP D 136 14.81 -25.59 30.90
C ASP D 136 14.34 -25.48 32.33
N VAL D 137 13.51 -24.47 32.62
CA VAL D 137 12.96 -24.30 33.95
C VAL D 137 11.58 -24.90 33.96
N GLU D 138 11.33 -25.75 34.94
CA GLU D 138 10.04 -26.40 35.10
C GLU D 138 9.03 -25.49 35.81
N MET D 139 7.79 -25.58 35.37
CA MET D 139 6.74 -24.72 35.89
C MET D 139 5.44 -25.48 36.04
N THR D 140 4.89 -25.47 37.25
CA THR D 140 3.60 -26.17 37.51
C THR D 140 2.45 -25.37 36.91
N ARG D 141 1.41 -26.08 36.43
CA ARG D 141 0.22 -25.41 35.87
C ARG D 141 -0.42 -24.57 36.98
N GLU D 142 -0.40 -25.05 38.21
CA GLU D 142 -0.90 -24.24 39.34
C GLU D 142 -0.19 -22.90 39.33
N ALA D 143 1.13 -22.91 39.23
CA ALA D 143 1.85 -21.63 39.27
C ALA D 143 1.58 -20.80 38.02
N SER D 144 1.36 -21.44 36.88
CA SER D 144 0.97 -20.73 35.67
C SER D 144 -0.35 -19.99 35.91
N ARG D 145 -1.35 -20.70 36.41
CA ARG D 145 -2.69 -20.09 36.61
C ARG D 145 -2.56 -18.90 37.56
N GLU D 146 -1.61 -18.93 38.48
CA GLU D 146 -1.53 -17.87 39.50
C GLU D 146 -1.15 -16.54 38.87
N TYR D 147 0.00 -16.46 38.22
CA TYR D 147 0.51 -15.15 37.74
C TYR D 147 -0.01 -14.75 36.36
N GLU D 148 -0.59 -15.64 35.58
CA GLU D 148 -1.03 -15.28 34.23
C GLU D 148 -1.87 -14.01 34.24
N ASP D 149 -2.87 -13.97 35.11
CA ASP D 149 -3.81 -12.82 35.13
C ASP D 149 -3.09 -11.59 35.68
N LYS D 150 -2.27 -11.77 36.71
CA LYS D 150 -1.57 -10.63 37.35
C LYS D 150 -0.61 -9.98 36.36
N VAL D 151 0.12 -10.79 35.58
CA VAL D 151 1.09 -10.27 34.58
C VAL D 151 0.33 -9.55 33.47
N TRP D 152 -0.72 -10.16 32.93
CA TRP D 152 -1.44 -9.56 31.79
C TRP D 152 -2.06 -8.21 32.18
N ASP D 153 -2.16 -7.92 33.48
CA ASP D 153 -2.83 -6.66 33.93
C ASP D 153 -1.78 -5.58 34.16
N LYS D 154 -0.64 -5.94 34.75
CA LYS D 154 0.43 -4.95 35.03
C LYS D 154 1.27 -4.72 33.78
N TYR D 155 1.48 -5.75 32.97
CA TYR D 155 2.40 -5.60 31.87
C TYR D 155 1.76 -5.87 30.51
N GLY D 156 0.46 -6.11 30.47
CA GLY D 156 -0.15 -6.50 29.21
C GLY D 156 -0.29 -5.39 28.19
N TRP D 157 -0.07 -4.15 28.60
CA TRP D 157 -0.12 -3.04 27.65
C TRP D 157 1.05 -3.06 26.69
N LEU D 158 2.06 -3.90 26.95
CA LEU D 158 3.28 -3.92 26.12
C LEU D 158 3.08 -4.74 24.84
N CYS D 159 2.03 -5.55 24.76
CA CYS D 159 1.71 -6.31 23.51
C CYS D 159 0.20 -6.40 23.34
N LYS D 160 -0.35 -5.64 22.39
CA LYS D 160 -1.80 -5.67 22.08
C LYS D 160 -1.97 -6.41 20.77
N MET D 161 -1.16 -7.44 20.54
CA MET D 161 -1.13 -8.19 19.29
C MET D 161 -2.01 -9.44 19.29
N HIS D 162 -2.59 -9.77 20.43
CA HIS D 162 -3.39 -11.02 20.54
C HIS D 162 -4.87 -10.64 20.49
N THR D 163 -5.40 -10.36 19.30
CA THR D 163 -6.79 -9.86 19.17
C THR D 163 -7.75 -10.97 18.74
N GLY D 164 -7.41 -12.23 19.01
CA GLY D 164 -8.25 -13.34 18.55
C GLY D 164 -8.69 -14.23 19.69
N ILE D 165 -9.73 -15.03 19.47
CA ILE D 165 -10.25 -15.92 20.53
C ILE D 165 -9.51 -17.25 20.44
N VAL D 166 -8.88 -17.65 21.54
CA VAL D 166 -8.16 -18.96 21.60
C VAL D 166 -9.00 -19.89 22.45
N ARG D 167 -9.28 -21.09 21.95
CA ARG D 167 -10.05 -22.10 22.74
C ARG D 167 -9.20 -23.36 22.92
N ASP D 168 -9.50 -24.17 23.94
CA ASP D 168 -8.76 -25.45 24.14
C ASP D 168 -9.48 -26.60 23.43
N LYS D 169 -9.01 -27.83 23.61
CA LYS D 169 -9.66 -29.03 23.02
C LYS D 169 -11.14 -29.02 23.37
N LYS D 170 -11.49 -28.58 24.59
CA LYS D 170 -12.89 -28.59 25.05
C LYS D 170 -13.62 -27.29 24.67
N LYS D 171 -13.21 -26.64 23.57
CA LYS D 171 -13.86 -25.39 23.08
C LYS D 171 -13.98 -24.35 24.20
N LYS D 172 -13.18 -24.47 25.26
CA LYS D 172 -13.20 -23.46 26.34
C LYS D 172 -12.29 -22.30 25.98
N GLU D 173 -12.85 -21.09 25.92
CA GLU D 173 -12.06 -19.87 25.64
C GLU D 173 -10.98 -19.70 26.71
N ILE D 174 -9.72 -19.55 26.29
CA ILE D 174 -8.60 -19.45 27.26
C ILE D 174 -7.76 -18.20 26.98
N THR D 175 -7.01 -17.74 27.97
CA THR D 175 -6.11 -16.60 27.79
C THR D 175 -5.03 -16.95 26.79
N PRO D 176 -4.76 -16.10 25.81
CA PRO D 176 -3.71 -16.39 24.82
C PRO D 176 -2.31 -16.34 25.43
N HIS D 177 -1.34 -16.79 24.62
CA HIS D 177 0.08 -16.78 25.04
C HIS D 177 0.80 -15.66 24.29
N CYS D 178 1.73 -14.96 24.95
CA CYS D 178 2.32 -13.76 24.31
C CYS D 178 3.84 -13.77 24.21
N ALA D 179 4.54 -14.79 24.68
CA ALA D 179 6.02 -14.82 24.64
C ALA D 179 6.63 -13.78 25.58
N LEU D 180 6.28 -12.50 25.44
CA LEU D 180 6.77 -11.48 26.39
C LEU D 180 6.03 -11.71 27.69
N MET D 181 4.71 -11.79 27.61
CA MET D 181 3.92 -12.12 28.81
C MET D 181 4.39 -13.48 29.31
N ASP D 182 4.61 -14.44 28.40
CA ASP D 182 5.07 -15.72 28.91
C ASP D 182 6.38 -15.59 29.69
N CYS D 183 7.30 -14.74 29.22
CA CYS D 183 8.54 -14.54 29.97
C CYS D 183 8.29 -13.96 31.34
N ILE D 184 7.37 -13.02 31.46
CA ILE D 184 7.17 -12.43 32.78
C ILE D 184 6.47 -13.43 33.69
N ILE D 185 5.55 -14.23 33.14
CA ILE D 185 4.93 -15.29 33.92
C ILE D 185 5.99 -16.29 34.38
N PHE D 186 6.91 -16.68 33.49
CA PHE D 186 7.95 -17.64 33.88
C PHE D 186 8.80 -17.11 35.02
N GLU D 187 9.17 -15.83 34.96
CA GLU D 187 9.99 -15.25 36.00
C GLU D 187 9.24 -15.24 37.32
N SER D 188 7.96 -14.89 37.27
CA SER D 188 7.11 -14.89 38.46
C SER D 188 7.07 -16.26 39.12
N ALA D 189 6.79 -17.31 38.34
CA ALA D 189 6.70 -18.65 38.90
C ALA D 189 8.04 -19.11 39.48
N SER D 190 9.13 -18.84 38.78
CA SER D 190 10.48 -19.22 39.26
C SER D 190 10.88 -18.43 40.51
N LYS D 191 10.19 -17.35 40.83
CA LYS D 191 10.63 -16.47 41.94
C LYS D 191 9.56 -16.33 43.02
N ALA D 192 8.39 -16.93 42.80
CA ALA D 192 7.24 -16.85 43.74
C ALA D 192 6.91 -15.40 44.03
N ARG D 193 7.29 -14.50 43.12
CA ARG D 193 7.00 -13.06 43.30
C ARG D 193 6.87 -12.41 41.92
N LEU D 194 5.70 -11.83 41.63
CA LEU D 194 5.55 -11.06 40.38
C LEU D 194 6.58 -9.94 40.48
N PRO D 195 7.47 -9.77 39.48
CA PRO D 195 8.55 -8.79 39.59
C PRO D 195 8.09 -7.35 39.79
N ASP D 196 8.72 -6.65 40.74
CA ASP D 196 8.44 -5.23 40.94
C ASP D 196 9.49 -4.43 40.18
N LEU D 197 9.13 -4.03 38.97
CA LEU D 197 10.03 -3.37 38.03
C LEU D 197 9.52 -1.99 37.64
N LYS D 198 10.22 -0.94 38.09
CA LYS D 198 9.85 0.42 37.70
C LYS D 198 10.01 0.60 36.19
N THR D 199 11.22 0.39 35.72
CA THR D 199 11.52 0.56 34.31
C THR D 199 11.59 -0.80 33.65
N VAL D 200 10.70 -1.02 32.69
CA VAL D 200 10.78 -2.21 31.85
C VAL D 200 10.55 -1.72 30.42
N HIS D 201 11.46 -2.03 29.50
CA HIS D 201 11.33 -1.46 28.13
C HIS D 201 11.99 -2.30 27.04
N ASN D 202 11.48 -2.18 25.82
CA ASN D 202 12.07 -2.87 24.65
C ASN D 202 13.30 -2.10 24.21
N ILE D 203 14.40 -2.80 23.99
CA ILE D 203 15.65 -2.15 23.50
C ILE D 203 15.44 -1.82 22.02
N LEU D 204 14.50 -2.48 21.36
CA LEU D 204 14.25 -2.30 19.91
C LEU D 204 13.21 -1.21 19.69
N PRO D 205 13.48 -0.22 18.80
CA PRO D 205 12.52 0.83 18.50
C PRO D 205 11.38 0.35 17.59
N HIS D 206 10.26 1.08 17.61
CA HIS D 206 9.10 0.66 16.83
C HIS D 206 9.41 0.61 15.34
N ASP D 207 10.29 1.49 14.85
CA ASP D 207 10.64 1.51 13.43
C ASP D 207 11.58 0.38 13.03
N LEU D 208 12.25 -0.26 14.00
CA LEU D 208 13.08 -1.43 13.65
C LEU D 208 12.19 -2.68 13.68
N ILE D 209 11.19 -2.70 14.56
CA ILE D 209 10.30 -3.89 14.69
C ILE D 209 9.39 -3.93 13.49
N PHE D 210 8.95 -2.77 13.02
CA PHE D 210 7.99 -2.72 11.89
C PHE D 210 8.60 -1.96 10.71
N ARG D 211 8.00 -2.08 9.53
CA ARG D 211 8.60 -1.50 8.32
C ARG D 211 7.67 -0.47 7.67
N GLY D 212 8.03 0.80 7.75
CA GLY D 212 7.24 1.83 7.04
C GLY D 212 7.78 2.02 5.64
N PRO D 213 8.93 2.71 5.44
CA PRO D 213 9.46 3.00 4.10
C PRO D 213 10.15 1.80 3.43
N ASN D 214 10.61 1.97 2.18
CA ASN D 214 11.19 0.78 1.49
C ASN D 214 12.69 0.86 1.19
N VAL D 215 13.46 -0.18 1.55
CA VAL D 215 14.92 -0.31 1.24
C VAL D 215 15.08 -1.65 0.51
N VAL D 216 15.98 -1.77 -0.46
CA VAL D 216 16.07 -2.96 -1.31
C VAL D 216 17.52 -3.38 -1.46
N THR D 217 17.80 -4.67 -1.24
CA THR D 217 19.16 -5.19 -1.26
C THR D 217 19.59 -5.59 -2.67
N LEU D 218 20.90 -5.77 -2.86
CA LEU D 218 21.52 -6.21 -4.13
C LEU D 218 22.62 -7.18 -3.71
N VAL E 16 18.79 -12.83 -29.17
CA VAL E 16 17.46 -12.21 -29.20
C VAL E 16 16.37 -13.16 -28.67
N GLY E 17 15.32 -13.35 -29.46
CA GLY E 17 14.27 -14.34 -29.26
C GLY E 17 13.75 -14.72 -30.63
N LEU E 18 12.69 -15.54 -30.65
CA LEU E 18 12.06 -15.82 -31.93
C LEU E 18 11.31 -14.58 -32.43
N SER E 19 11.58 -14.16 -33.66
CA SER E 19 10.86 -13.04 -34.26
C SER E 19 9.40 -13.40 -34.49
N TYR E 20 8.62 -12.39 -34.88
CA TYR E 20 7.21 -12.63 -35.14
C TYR E 20 7.02 -13.60 -36.31
N SER E 21 7.75 -13.39 -37.41
CA SER E 21 7.59 -14.28 -38.56
C SER E 21 8.06 -15.68 -38.22
N GLN E 22 9.19 -15.76 -37.49
CA GLN E 22 9.69 -17.07 -37.08
C GLN E 22 8.63 -17.82 -36.29
N THR E 23 7.94 -17.09 -35.40
CA THR E 23 6.90 -17.71 -34.61
C THR E 23 5.71 -18.10 -35.45
N MET E 24 5.42 -17.36 -36.51
CA MET E 24 4.32 -17.73 -37.38
C MET E 24 4.63 -19.00 -38.15
N LEU E 25 5.87 -19.12 -38.64
CA LEU E 25 6.33 -20.35 -39.28
C LEU E 25 6.21 -21.52 -38.32
N LEU E 26 6.70 -21.32 -37.10
CA LEU E 26 6.68 -22.38 -36.10
C LEU E 26 5.26 -22.89 -35.90
N LYS E 27 4.30 -21.97 -35.77
CA LYS E 27 2.92 -22.34 -35.63
C LYS E 27 2.49 -23.30 -36.72
N ASP E 28 2.91 -23.01 -37.96
CA ASP E 28 2.57 -23.85 -39.10
C ASP E 28 3.28 -25.19 -39.04
N LEU E 29 4.58 -25.18 -38.76
CA LEU E 29 5.27 -26.45 -38.74
C LEU E 29 4.74 -27.34 -37.63
N MET E 30 4.42 -26.75 -36.47
CA MET E 30 3.92 -27.58 -35.37
C MET E 30 2.61 -28.24 -35.72
N GLY E 31 1.98 -27.81 -36.81
CA GLY E 31 0.76 -28.43 -37.28
C GLY E 31 0.98 -29.85 -37.73
N GLY E 32 2.24 -30.22 -38.00
CA GLY E 32 2.52 -31.60 -38.30
C GLY E 32 2.47 -32.50 -37.09
N ILE E 33 2.67 -31.96 -35.89
CA ILE E 33 2.72 -32.80 -34.71
C ILE E 33 1.32 -33.30 -34.40
N ASP E 34 1.15 -34.62 -34.35
CA ASP E 34 -0.14 -35.22 -34.00
C ASP E 34 -0.27 -35.21 -32.49
N PRO E 35 -1.24 -34.48 -31.92
CA PRO E 35 -1.33 -34.35 -30.45
C PRO E 35 -1.67 -35.64 -29.72
N ASN E 36 -2.42 -36.56 -30.34
CA ASN E 36 -2.74 -37.84 -29.75
C ASN E 36 -1.68 -38.91 -29.98
N ALA E 37 -0.67 -38.61 -30.80
CA ALA E 37 0.30 -39.64 -31.13
C ALA E 37 1.26 -39.88 -29.96
N PRO E 38 1.66 -41.13 -29.74
CA PRO E 38 2.69 -41.41 -28.75
C PRO E 38 3.96 -40.66 -29.12
N THR E 39 4.59 -40.06 -28.12
CA THR E 39 5.66 -39.11 -28.38
C THR E 39 6.74 -39.19 -27.31
N TRP E 40 7.99 -39.16 -27.76
CA TRP E 40 9.18 -39.23 -26.94
C TRP E 40 9.80 -37.86 -26.78
N ILE E 41 10.42 -37.63 -25.63
CA ILE E 41 11.18 -36.40 -25.40
C ILE E 41 12.45 -36.74 -24.63
N ASP E 42 13.54 -36.07 -24.97
CA ASP E 42 14.80 -36.22 -24.24
C ASP E 42 15.59 -34.93 -24.42
N ILE E 43 16.43 -34.59 -23.45
CA ILE E 43 17.26 -33.40 -23.52
C ILE E 43 18.67 -33.75 -23.10
N GLU E 44 19.62 -32.86 -23.40
CA GLU E 44 20.97 -32.93 -22.88
C GLU E 44 21.31 -31.61 -22.21
N GLY E 45 21.82 -31.72 -20.99
CA GLY E 45 22.00 -30.52 -20.16
C GLY E 45 20.90 -30.55 -19.13
N ARG E 46 20.86 -29.57 -18.23
CA ARG E 46 19.84 -29.64 -17.14
C ARG E 46 18.59 -28.84 -17.53
N PHE E 47 17.50 -29.06 -16.81
CA PHE E 47 16.21 -28.37 -17.09
C PHE E 47 16.41 -26.86 -17.25
N ASN E 48 17.25 -26.28 -16.41
CA ASN E 48 17.50 -24.84 -16.45
C ASN E 48 18.46 -24.42 -17.57
N ASP E 49 19.25 -25.35 -18.11
CA ASP E 49 20.28 -25.02 -19.10
C ASP E 49 20.41 -26.10 -20.16
N PRO E 50 19.33 -26.44 -20.86
CA PRO E 50 19.39 -27.55 -21.81
C PRO E 50 20.08 -27.10 -23.10
N VAL E 51 20.92 -27.99 -23.66
CA VAL E 51 21.64 -27.69 -24.89
C VAL E 51 21.14 -28.48 -26.09
N GLU E 52 20.30 -29.49 -25.93
CA GLU E 52 19.75 -30.15 -27.12
C GLU E 52 18.44 -30.82 -26.77
N ILE E 53 17.41 -30.54 -27.55
CA ILE E 53 16.06 -31.03 -27.27
C ILE E 53 15.62 -31.89 -28.44
N ALA E 54 14.94 -32.99 -28.15
CA ALA E 54 14.39 -33.81 -29.21
C ALA E 54 13.00 -34.30 -28.85
N ILE E 55 12.08 -34.15 -29.78
CA ILE E 55 10.71 -34.61 -29.61
C ILE E 55 10.38 -35.46 -30.82
N PHE E 56 10.14 -36.75 -30.57
CA PHE E 56 9.98 -37.72 -31.67
C PHE E 56 8.64 -38.45 -31.62
N GLN E 57 7.92 -38.43 -32.74
CA GLN E 57 6.64 -39.16 -32.84
C GLN E 57 6.90 -40.37 -33.74
N PRO E 58 7.08 -41.58 -33.18
CA PRO E 58 7.43 -42.75 -33.97
C PRO E 58 6.42 -43.10 -35.07
N GLN E 59 5.13 -43.00 -34.77
CA GLN E 59 4.06 -43.34 -35.73
C GLN E 59 4.38 -42.75 -37.10
N ASN E 60 4.52 -41.43 -37.20
CA ASN E 60 4.75 -40.85 -38.51
C ASN E 60 6.23 -40.60 -38.81
N GLY E 61 7.11 -40.76 -37.84
CA GLY E 61 8.50 -40.44 -38.07
C GLY E 61 8.85 -38.97 -38.01
N GLN E 62 7.91 -38.12 -37.61
CA GLN E 62 8.19 -36.68 -37.50
C GLN E 62 8.89 -36.39 -36.18
N PHE E 63 9.84 -35.47 -36.21
CA PHE E 63 10.46 -35.11 -34.95
C PHE E 63 10.87 -33.65 -34.97
N ILE E 64 11.09 -33.11 -33.76
CA ILE E 64 11.57 -31.76 -33.54
C ILE E 64 12.91 -31.91 -32.88
N HIS E 65 13.93 -31.22 -33.39
CA HIS E 65 15.26 -31.46 -32.86
C HIS E 65 16.10 -30.20 -33.04
N PHE E 66 16.59 -29.62 -31.93
CA PHE E 66 17.33 -28.37 -32.00
C PHE E 66 18.28 -28.25 -30.81
N TYR E 67 19.01 -27.14 -30.80
CA TYR E 67 20.09 -26.94 -29.86
C TYR E 67 19.92 -25.62 -29.16
N ARG E 68 20.69 -25.47 -28.08
CA ARG E 68 20.67 -24.25 -27.28
C ARG E 68 22.05 -24.04 -26.71
N GLU E 69 22.53 -22.81 -26.80
CA GLU E 69 23.84 -22.50 -26.23
C GLU E 69 23.73 -22.47 -24.71
N PRO E 70 24.66 -23.09 -24.00
CA PRO E 70 24.54 -23.19 -22.54
C PRO E 70 24.93 -21.88 -21.87
N VAL E 71 24.24 -21.59 -20.76
CA VAL E 71 24.63 -20.43 -19.96
C VAL E 71 25.86 -20.75 -19.14
N ASP E 72 25.82 -21.85 -18.39
CA ASP E 72 26.93 -22.23 -17.53
C ASP E 72 27.99 -22.93 -18.36
N GLN E 73 29.06 -22.21 -18.70
CA GLN E 73 30.06 -22.80 -19.62
C GLN E 73 30.82 -23.94 -18.94
N LYS E 74 31.07 -23.84 -17.63
CA LYS E 74 31.90 -24.88 -16.97
C LYS E 74 31.13 -26.21 -16.97
N GLN E 75 29.87 -26.17 -16.57
CA GLN E 75 29.06 -27.41 -16.49
C GLN E 75 28.96 -28.02 -17.88
N PHE E 76 28.71 -27.21 -18.90
CA PHE E 76 28.64 -27.73 -20.29
C PHE E 76 29.86 -28.59 -20.58
N LYS E 77 31.04 -28.05 -20.34
CA LYS E 77 32.29 -28.80 -20.64
C LYS E 77 32.28 -30.13 -19.88
N GLN E 78 31.90 -30.13 -18.60
CA GLN E 78 31.86 -31.38 -17.86
C GLN E 78 30.77 -32.29 -18.41
N ASP E 79 29.59 -31.75 -18.72
CA ASP E 79 28.56 -32.58 -19.32
C ASP E 79 28.99 -33.07 -20.70
N SER E 80 29.97 -32.40 -21.31
CA SER E 80 30.45 -32.80 -22.62
C SER E 80 31.42 -33.96 -22.51
N LYS E 81 32.24 -33.94 -21.46
CA LYS E 81 33.23 -35.02 -21.25
C LYS E 81 32.56 -36.28 -20.70
N TYR E 82 31.33 -36.19 -20.19
CA TYR E 82 30.74 -37.36 -19.49
C TYR E 82 29.34 -37.75 -19.99
N SER E 83 28.81 -37.12 -21.03
CA SER E 83 27.49 -37.57 -21.56
C SER E 83 27.31 -37.30 -23.05
N HIS E 84 27.26 -36.03 -23.46
CA HIS E 84 26.88 -35.70 -24.82
C HIS E 84 28.08 -35.38 -25.71
N GLY E 85 29.21 -34.97 -25.16
CA GLY E 85 30.37 -34.75 -26.02
C GLY E 85 30.19 -33.64 -27.04
N MET E 86 29.46 -32.60 -26.68
CA MET E 86 29.24 -31.53 -27.65
C MET E 86 30.34 -30.48 -27.53
N ASP E 87 30.36 -29.59 -28.52
CA ASP E 87 31.36 -28.54 -28.62
C ASP E 87 30.67 -27.18 -28.55
N LEU E 88 31.17 -26.33 -27.65
CA LEU E 88 30.60 -25.01 -27.49
C LEU E 88 30.55 -24.25 -28.81
N ALA E 89 31.58 -24.41 -29.65
CA ALA E 89 31.65 -23.63 -30.87
C ALA E 89 30.49 -23.90 -31.80
N ASP E 90 29.96 -25.11 -31.79
CA ASP E 90 28.85 -25.43 -32.66
C ASP E 90 27.53 -24.87 -32.14
N LEU E 91 27.50 -24.35 -30.92
CA LEU E 91 26.24 -23.86 -30.35
C LEU E 91 26.09 -22.34 -30.41
N PHE E 92 27.12 -21.61 -30.83
CA PHE E 92 27.05 -20.15 -30.78
C PHE E 92 25.97 -19.60 -31.69
N ASN E 93 25.64 -20.33 -32.76
CA ASN E 93 24.67 -19.87 -33.74
C ASN E 93 23.28 -20.47 -33.57
N ALA E 94 23.01 -21.19 -32.49
CA ALA E 94 21.66 -21.72 -32.30
C ALA E 94 20.67 -20.57 -32.11
N GLN E 95 19.52 -20.69 -32.76
CA GLN E 95 18.52 -19.63 -32.66
C GLN E 95 17.97 -19.51 -31.24
N PRO E 96 18.22 -18.40 -30.55
CA PRO E 96 17.66 -18.20 -29.21
C PRO E 96 16.14 -18.21 -29.25
N GLY E 97 15.53 -18.56 -28.14
CA GLY E 97 14.10 -18.57 -28.01
C GLY E 97 13.44 -19.85 -28.46
N LEU E 98 14.20 -20.74 -29.09
CA LEU E 98 13.62 -21.96 -29.64
C LEU E 98 13.07 -22.86 -28.54
N THR E 99 13.82 -23.03 -27.46
CA THR E 99 13.38 -23.96 -26.41
C THR E 99 12.04 -23.48 -25.87
N SER E 100 11.97 -22.22 -25.42
CA SER E 100 10.74 -21.65 -24.83
C SER E 100 9.57 -21.62 -25.84
N SER E 101 9.86 -21.41 -27.12
CA SER E 101 8.79 -21.30 -28.14
C SER E 101 8.30 -22.67 -28.58
N VAL E 102 9.17 -23.67 -28.71
CA VAL E 102 8.72 -25.04 -29.08
C VAL E 102 7.93 -25.67 -27.93
N ILE E 103 8.38 -25.46 -26.70
CA ILE E 103 7.65 -25.99 -25.51
C ILE E 103 6.32 -25.23 -25.39
N GLY E 104 6.32 -23.93 -25.64
CA GLY E 104 5.06 -23.17 -25.65
C GLY E 104 4.12 -23.62 -26.74
N ALA E 105 4.64 -24.11 -27.87
CA ALA E 105 3.79 -24.45 -29.03
C ALA E 105 3.29 -25.90 -28.99
N LEU E 106 3.88 -26.73 -28.14
CA LEU E 106 3.47 -28.15 -28.02
C LEU E 106 1.97 -28.20 -27.76
N PRO E 107 1.20 -29.04 -28.47
CA PRO E 107 -0.25 -29.11 -28.30
C PRO E 107 -0.74 -29.27 -26.86
N GLN E 108 -1.98 -28.86 -26.60
CA GLN E 108 -2.53 -28.88 -25.21
C GLN E 108 -2.86 -30.30 -24.74
N GLY E 109 -2.42 -30.65 -23.52
CA GLY E 109 -2.74 -31.97 -22.94
C GLY E 109 -1.97 -33.10 -23.57
N MET E 110 -0.79 -32.82 -24.10
CA MET E 110 0.01 -33.86 -24.81
C MET E 110 0.62 -34.81 -23.78
N VAL E 111 0.50 -36.10 -24.03
CA VAL E 111 1.12 -37.15 -23.18
C VAL E 111 2.49 -37.46 -23.76
N LEU E 112 3.54 -37.12 -23.04
CA LEU E 112 4.90 -37.31 -23.52
C LEU E 112 5.56 -38.48 -22.78
N SER E 113 6.24 -39.35 -23.52
CA SER E 113 7.02 -40.43 -22.95
C SER E 113 8.46 -39.98 -22.77
N CYS E 114 9.11 -40.49 -21.74
CA CYS E 114 10.52 -40.13 -21.53
C CYS E 114 11.20 -41.22 -20.75
N GLN E 115 12.50 -41.05 -20.56
CA GLN E 115 13.28 -41.93 -19.70
C GLN E 115 13.75 -41.13 -18.52
N GLY E 116 13.14 -41.36 -17.37
CA GLY E 116 13.48 -40.55 -16.22
C GLY E 116 12.74 -39.23 -16.29
N SER E 117 11.57 -39.19 -15.66
CA SER E 117 10.70 -38.03 -15.76
C SER E 117 11.23 -36.83 -14.98
N ASP E 118 12.17 -37.02 -14.06
CA ASP E 118 12.56 -35.93 -13.17
C ASP E 118 13.05 -34.70 -13.93
N ASP E 119 13.97 -34.90 -14.90
CA ASP E 119 14.52 -33.72 -15.58
C ASP E 119 13.49 -33.07 -16.48
N ILE E 120 12.69 -33.88 -17.19
CA ILE E 120 11.71 -33.30 -18.11
C ILE E 120 10.67 -32.50 -17.34
N ARG E 121 10.11 -33.07 -16.28
CA ARG E 121 9.00 -32.37 -15.58
C ARG E 121 9.47 -30.99 -15.15
N LYS E 122 10.66 -30.90 -14.58
CA LYS E 122 11.15 -29.59 -14.08
C LYS E 122 11.19 -28.59 -15.24
N LEU E 123 11.74 -28.99 -16.39
CA LEU E 123 11.78 -28.09 -17.53
C LEU E 123 10.38 -27.68 -17.98
N LEU E 124 9.49 -28.66 -18.17
CA LEU E 124 8.14 -28.33 -18.60
C LEU E 124 7.46 -27.40 -17.59
N ASP E 125 7.69 -27.62 -16.29
CA ASP E 125 7.10 -26.75 -15.29
C ASP E 125 7.69 -25.34 -15.34
N SER E 126 9.01 -25.23 -15.49
CA SER E 126 9.65 -23.92 -15.55
C SER E 126 9.25 -23.14 -16.80
N GLN E 127 8.68 -23.84 -17.78
CA GLN E 127 8.15 -23.18 -18.99
C GLN E 127 6.64 -23.07 -18.86
N ASN E 128 6.12 -23.16 -17.64
CA ASN E 128 4.66 -23.06 -17.35
C ASN E 128 3.87 -23.96 -18.30
N ARG E 129 4.26 -25.22 -18.41
CA ARG E 129 3.50 -26.19 -19.25
C ARG E 129 3.17 -27.40 -18.38
N LYS E 130 2.39 -27.20 -17.33
CA LYS E 130 2.02 -28.29 -16.39
C LYS E 130 0.92 -29.15 -16.99
N ASP E 131 0.22 -28.63 -18.00
CA ASP E 131 -0.88 -29.37 -18.64
C ASP E 131 -0.36 -30.67 -19.23
N ILE E 132 0.94 -30.68 -19.55
CA ILE E 132 1.56 -31.84 -20.24
C ILE E 132 1.86 -32.95 -19.26
N LYS E 133 1.27 -34.13 -19.48
CA LYS E 133 1.52 -35.30 -18.62
C LYS E 133 2.73 -36.06 -19.15
N LEU E 134 3.41 -36.77 -18.26
CA LEU E 134 4.64 -37.51 -18.66
C LEU E 134 4.49 -39.01 -18.40
N ILE E 135 5.04 -39.84 -19.27
CA ILE E 135 5.07 -41.31 -19.04
C ILE E 135 6.54 -41.69 -18.91
N ASP E 136 6.99 -41.96 -17.68
CA ASP E 136 8.34 -42.42 -17.45
C ASP E 136 8.36 -43.89 -17.87
N VAL E 137 9.06 -44.19 -18.95
CA VAL E 137 9.17 -45.56 -19.42
C VAL E 137 10.49 -46.10 -18.94
N GLU E 138 10.44 -47.27 -18.31
CA GLU E 138 11.62 -47.92 -17.78
C GLU E 138 12.36 -48.69 -18.88
N MET E 139 13.68 -48.67 -18.80
CA MET E 139 14.52 -49.29 -19.81
C MET E 139 15.72 -49.96 -19.17
N THR E 140 15.88 -51.25 -19.46
CA THR E 140 17.03 -52.03 -18.91
C THR E 140 18.31 -51.65 -19.65
N ARG E 141 19.43 -51.65 -18.94
CA ARG E 141 20.74 -51.35 -19.56
C ARG E 141 21.02 -52.39 -20.64
N GLU E 142 20.62 -53.64 -20.40
CA GLU E 142 20.77 -54.67 -21.45
C GLU E 142 20.09 -54.17 -22.71
N ALA E 143 18.84 -53.69 -22.60
CA ALA E 143 18.16 -53.25 -23.82
C ALA E 143 18.78 -51.99 -24.40
N SER E 144 19.34 -51.12 -23.56
CA SER E 144 20.07 -49.97 -24.05
C SER E 144 21.25 -50.43 -24.91
N ARG E 145 22.06 -51.34 -24.37
CA ARG E 145 23.27 -51.79 -25.10
C ARG E 145 22.86 -52.40 -26.45
N GLU E 146 21.68 -52.98 -26.52
CA GLU E 146 21.28 -53.69 -27.76
C GLU E 146 21.10 -52.71 -28.91
N TYR E 147 20.19 -51.75 -28.79
CA TYR E 147 19.85 -50.88 -29.94
C TYR E 147 20.77 -49.67 -30.10
N GLU E 148 21.57 -49.29 -29.11
CA GLU E 148 22.38 -48.10 -29.24
C GLU E 148 23.18 -48.09 -30.54
N ASP E 149 23.87 -49.19 -30.81
CA ASP E 149 24.75 -49.24 -32.00
C ASP E 149 23.90 -49.29 -33.26
N LYS E 150 22.81 -50.05 -33.23
CA LYS E 150 21.94 -50.20 -34.42
C LYS E 150 21.32 -48.86 -34.80
N VAL E 151 20.87 -48.08 -33.82
CA VAL E 151 20.24 -46.76 -34.07
C VAL E 151 21.29 -45.80 -34.60
N TRP E 152 22.46 -45.74 -33.98
CA TRP E 152 23.50 -44.76 -34.38
C TRP E 152 23.97 -45.03 -35.82
N ASP E 153 23.67 -46.21 -36.37
CA ASP E 153 24.16 -46.56 -37.72
C ASP E 153 23.08 -46.25 -38.76
N LYS E 154 21.82 -46.54 -38.44
CA LYS E 154 20.72 -46.28 -39.39
C LYS E 154 20.29 -44.82 -39.32
N TYR E 155 20.34 -44.21 -38.15
CA TYR E 155 19.79 -42.88 -38.01
C TYR E 155 20.82 -41.86 -37.53
N GLY E 156 22.08 -42.24 -37.37
CA GLY E 156 23.04 -41.33 -36.78
C GLY E 156 23.47 -40.20 -37.68
N TRP E 157 23.13 -40.26 -38.96
CA TRP E 157 23.46 -39.17 -39.87
C TRP E 157 22.63 -37.93 -39.58
N LEU E 158 21.57 -38.05 -38.77
CA LEU E 158 20.68 -36.95 -38.40
C LEU E 158 21.31 -35.96 -37.44
N CYS E 159 22.35 -36.37 -36.74
CA CYS E 159 23.01 -35.51 -35.77
C CYS E 159 24.50 -35.78 -35.82
N LYS E 160 25.25 -34.82 -36.38
CA LYS E 160 26.70 -34.87 -36.40
C LYS E 160 27.30 -33.92 -35.37
N MET E 161 26.62 -33.74 -34.25
CA MET E 161 26.97 -32.72 -33.26
C MET E 161 27.82 -33.23 -32.10
N HIS E 162 28.03 -34.55 -32.03
CA HIS E 162 28.76 -35.14 -30.89
C HIS E 162 30.19 -35.45 -31.35
N THR E 163 31.04 -34.44 -31.41
CA THR E 163 32.41 -34.62 -31.98
C THR E 163 33.46 -34.73 -30.87
N GLY E 164 33.06 -35.15 -29.67
CA GLY E 164 34.01 -35.19 -28.54
C GLY E 164 34.09 -36.57 -27.93
N ILE E 165 35.15 -36.83 -27.18
CA ILE E 165 35.32 -38.17 -26.54
C ILE E 165 34.65 -38.14 -25.17
N VAL E 166 33.72 -39.05 -24.95
CA VAL E 166 33.03 -39.16 -23.65
C VAL E 166 33.57 -40.40 -22.95
N ARG E 167 33.99 -40.27 -21.69
CA ARG E 167 34.49 -41.43 -20.90
C ARG E 167 33.63 -41.62 -19.65
N ASP E 168 33.61 -42.82 -19.09
CA ASP E 168 32.86 -43.05 -17.83
C ASP E 168 33.76 -42.84 -16.61
N LYS E 169 33.26 -43.13 -15.40
CA LYS E 169 34.06 -43.00 -14.17
C LYS E 169 35.37 -43.78 -14.33
N LYS E 170 35.34 -44.92 -15.03
CA LYS E 170 36.53 -45.78 -15.21
C LYS E 170 37.32 -45.36 -16.45
N LYS E 171 37.27 -44.09 -16.84
CA LYS E 171 38.04 -43.56 -18.01
C LYS E 171 37.80 -44.43 -19.25
N LYS E 172 36.72 -45.20 -19.28
CA LYS E 172 36.41 -46.02 -20.49
C LYS E 172 35.64 -45.17 -21.51
N GLU E 173 36.20 -45.03 -22.71
CA GLU E 173 35.52 -44.27 -23.79
C GLU E 173 34.17 -44.92 -24.10
N ILE E 174 33.10 -44.13 -24.08
CA ILE E 174 31.73 -44.68 -24.30
C ILE E 174 31.02 -43.91 -25.41
N THR E 175 29.99 -44.53 -26.01
CA THR E 175 29.19 -43.86 -27.02
C THR E 175 28.46 -42.68 -26.41
N PRO E 176 28.49 -41.50 -27.03
CA PRO E 176 27.79 -40.33 -26.49
C PRO E 176 26.27 -40.47 -26.57
N HIS E 177 25.61 -39.53 -25.90
CA HIS E 177 24.12 -39.50 -25.89
C HIS E 177 23.65 -38.36 -26.79
N CYS E 178 22.57 -38.55 -27.55
CA CYS E 178 22.19 -37.54 -28.56
C CYS E 178 20.77 -36.99 -28.44
N ALA E 179 19.97 -37.43 -27.48
CA ALA E 179 18.56 -36.97 -27.34
C ALA E 179 17.70 -37.45 -28.50
N LEU E 180 18.06 -37.15 -29.75
CA LEU E 180 17.31 -37.69 -30.91
C LEU E 180 17.63 -39.16 -30.98
N MET E 181 18.91 -39.50 -30.98
CA MET E 181 19.29 -40.92 -30.95
C MET E 181 18.70 -41.52 -29.67
N ASP E 182 18.78 -40.81 -28.54
CA ASP E 182 18.19 -41.42 -27.35
C ASP E 182 16.70 -41.73 -27.56
N CYS E 183 15.96 -40.84 -28.22
CA CYS E 183 14.56 -41.14 -28.49
C CYS E 183 14.37 -42.37 -29.33
N ILE E 184 15.21 -42.56 -30.35
CA ILE E 184 15.00 -43.73 -31.19
C ILE E 184 15.39 -44.99 -30.43
N ILE E 185 16.44 -44.91 -29.62
CA ILE E 185 16.80 -46.04 -28.76
C ILE E 185 15.65 -46.37 -27.81
N PHE E 186 15.05 -45.34 -27.20
CA PHE E 186 13.95 -45.60 -26.26
C PHE E 186 12.79 -46.30 -26.95
N GLU E 187 12.45 -45.87 -28.16
CA GLU E 187 11.35 -46.48 -28.88
C GLU E 187 11.66 -47.93 -29.20
N SER E 188 12.90 -48.19 -29.62
CA SER E 188 13.35 -49.56 -29.90
C SER E 188 13.20 -50.46 -28.68
N ALA E 189 13.71 -50.03 -27.52
CA ALA E 189 13.62 -50.87 -26.33
C ALA E 189 12.17 -51.10 -25.91
N SER E 190 11.34 -50.07 -25.97
CA SER E 190 9.92 -50.20 -25.59
C SER E 190 9.16 -51.08 -26.58
N LYS E 191 9.72 -51.35 -27.76
CA LYS E 191 8.95 -52.09 -28.80
C LYS E 191 9.64 -53.38 -29.21
N ALA E 192 10.83 -53.65 -28.66
CA ALA E 192 11.63 -54.84 -29.00
C ALA E 192 11.86 -54.92 -30.51
N ARG E 193 11.76 -53.77 -31.19
CA ARG E 193 11.98 -53.71 -32.65
C ARG E 193 12.53 -52.34 -33.01
N LEU E 194 13.72 -52.30 -33.61
CA LEU E 194 14.23 -51.01 -34.13
C LEU E 194 13.23 -50.57 -35.18
N PRO E 195 12.67 -49.35 -35.08
CA PRO E 195 11.62 -48.92 -36.00
C PRO E 195 11.98 -48.95 -37.48
N ASP E 196 11.09 -49.51 -38.30
CA ASP E 196 11.29 -49.49 -39.75
C ASP E 196 10.52 -48.30 -40.31
N LEU E 197 11.23 -47.19 -40.50
CA LEU E 197 10.65 -45.92 -40.90
C LEU E 197 11.25 -45.41 -42.20
N LYS E 198 10.45 -45.41 -43.27
CA LYS E 198 10.91 -44.88 -44.56
C LYS E 198 11.21 -43.39 -44.41
N THR E 199 10.20 -42.63 -44.05
CA THR E 199 10.33 -41.19 -43.92
C THR E 199 10.48 -40.83 -42.45
N VAL E 200 11.61 -40.24 -42.10
CA VAL E 200 11.79 -39.69 -40.78
C VAL E 200 12.45 -38.32 -41.00
N HIS E 201 11.86 -37.26 -40.44
CA HIS E 201 12.40 -35.90 -40.74
C HIS E 201 12.10 -34.87 -39.66
N ASN E 202 12.96 -33.85 -39.58
CA ASN E 202 12.75 -32.73 -38.63
C ASN E 202 11.71 -31.80 -39.22
N ILE E 203 10.72 -31.41 -38.42
CA ILE E 203 9.69 -30.45 -38.88
C ILE E 203 10.32 -29.06 -38.92
N LEU E 204 11.43 -28.87 -38.22
CA LEU E 204 12.09 -27.54 -38.12
C LEU E 204 13.15 -27.42 -39.23
N PRO E 205 13.16 -26.31 -39.99
CA PRO E 205 14.17 -26.10 -41.02
C PRO E 205 15.53 -25.68 -40.46
N HIS E 206 16.59 -25.88 -41.25
CA HIS E 206 17.93 -25.58 -40.76
C HIS E 206 18.10 -24.11 -40.40
N ASP E 207 17.39 -23.20 -41.10
CA ASP E 207 17.50 -21.77 -40.82
C ASP E 207 16.71 -21.36 -39.58
N LEU E 208 15.78 -22.19 -39.11
CA LEU E 208 15.11 -21.87 -37.82
C LEU E 208 15.95 -22.41 -36.68
N ILE E 209 16.64 -23.53 -36.89
CA ILE E 209 17.44 -24.17 -35.81
C ILE E 209 18.69 -23.32 -35.59
N PHE E 210 19.25 -22.78 -36.67
CA PHE E 210 20.50 -22.00 -36.56
C PHE E 210 20.28 -20.56 -37.04
N ARG E 211 21.20 -19.66 -36.73
CA ARG E 211 20.99 -18.23 -37.03
C ARG E 211 22.07 -17.69 -37.96
N GLY E 212 21.70 -17.40 -39.20
CA GLY E 212 22.66 -16.76 -40.11
C GLY E 212 22.58 -15.25 -40.00
N PRO E 213 21.53 -14.58 -40.55
CA PRO E 213 21.43 -13.11 -40.54
C PRO E 213 20.99 -12.54 -39.19
N ASN E 214 20.92 -11.20 -39.09
CA ASN E 214 20.58 -10.63 -37.75
C ASN E 214 19.23 -9.89 -37.67
N VAL E 215 18.40 -10.22 -36.67
CA VAL E 215 17.10 -9.52 -36.39
C VAL E 215 17.18 -9.07 -34.92
N VAL E 216 16.62 -7.91 -34.55
CA VAL E 216 16.79 -7.35 -33.22
C VAL E 216 15.44 -6.87 -32.68
N THR E 217 15.13 -7.25 -31.44
CA THR E 217 13.84 -6.94 -30.84
C THR E 217 13.85 -5.57 -30.15
N LEU E 218 12.66 -5.05 -29.84
CA LEU E 218 12.46 -3.77 -29.12
C LEU E 218 11.28 -4.04 -28.18
N VAL F 16 -15.07 20.53 26.75
CA VAL F 16 -13.76 19.88 26.78
C VAL F 16 -13.87 18.36 27.02
N GLY F 17 -13.14 17.88 28.04
CA GLY F 17 -13.23 16.52 28.55
C GLY F 17 -12.88 16.58 30.02
N LEU F 18 -12.78 15.41 30.66
CA LEU F 18 -12.29 15.41 32.03
C LEU F 18 -10.79 15.72 32.05
N SER F 19 -10.40 16.70 32.86
CA SER F 19 -8.98 17.02 33.02
C SER F 19 -8.24 15.88 33.72
N TYR F 20 -6.92 16.01 33.77
CA TYR F 20 -6.12 14.99 34.43
C TYR F 20 -6.46 14.90 35.92
N SER F 21 -6.53 16.04 36.60
CA SER F 21 -6.82 16.01 38.03
C SER F 21 -8.22 15.50 38.27
N GLN F 22 -9.18 15.93 37.43
CA GLN F 22 -10.55 15.45 37.56
C GLN F 22 -10.58 13.94 37.47
N THR F 23 -9.79 13.38 36.54
CA THR F 23 -9.74 11.94 36.38
C THR F 23 -9.07 11.27 37.56
N MET F 24 -8.11 11.94 38.19
CA MET F 24 -7.48 11.35 39.36
C MET F 24 -8.45 11.30 40.54
N LEU F 25 -9.22 12.37 40.72
CA LEU F 25 -10.27 12.37 41.73
C LEU F 25 -11.27 11.25 41.48
N LEU F 26 -11.71 11.14 40.22
CA LEU F 26 -12.69 10.12 39.86
C LEU F 26 -12.19 8.74 40.25
N LYS F 27 -10.92 8.46 39.93
CA LYS F 27 -10.33 7.18 40.30
C LYS F 27 -10.51 6.91 41.78
N ASP F 28 -10.29 7.93 42.62
CA ASP F 28 -10.44 7.79 44.06
C ASP F 28 -11.89 7.61 44.45
N LEU F 29 -12.78 8.43 43.91
CA LEU F 29 -14.17 8.28 44.33
C LEU F 29 -14.72 6.93 43.91
N MET F 30 -14.34 6.45 42.71
CA MET F 30 -14.87 5.16 42.28
C MET F 30 -14.41 4.03 43.18
N GLY F 31 -13.46 4.30 44.06
CA GLY F 31 -13.02 3.32 45.03
C GLY F 31 -14.10 2.97 46.01
N GLY F 32 -15.12 3.83 46.12
CA GLY F 32 -16.24 3.48 46.96
C GLY F 32 -17.14 2.43 46.34
N ILE F 33 -17.13 2.29 45.02
CA ILE F 33 -18.04 1.34 44.39
C ILE F 33 -17.57 -0.08 44.66
N ASP F 34 -18.43 -0.88 45.27
CA ASP F 34 -18.11 -2.28 45.54
C ASP F 34 -18.36 -3.08 44.28
N PRO F 35 -17.32 -3.69 43.67
CA PRO F 35 -17.49 -4.37 42.37
C PRO F 35 -18.38 -5.62 42.43
N ASN F 36 -18.42 -6.32 43.55
CA ASN F 36 -19.28 -7.48 43.70
C ASN F 36 -20.69 -7.13 44.16
N ALA F 37 -20.96 -5.88 44.49
CA ALA F 37 -22.26 -5.53 45.02
C ALA F 37 -23.31 -5.50 43.91
N PRO F 38 -24.53 -5.95 44.20
CA PRO F 38 -25.63 -5.79 43.25
C PRO F 38 -25.82 -4.32 42.93
N THR F 39 -26.00 -4.02 41.65
CA THR F 39 -25.94 -2.65 41.19
C THR F 39 -26.94 -2.40 40.06
N TRP F 40 -27.62 -1.26 40.16
CA TRP F 40 -28.63 -0.82 39.21
C TRP F 40 -28.06 0.25 38.30
N ILE F 41 -28.54 0.29 37.07
CA ILE F 41 -28.19 1.35 36.13
C ILE F 41 -29.43 1.74 35.34
N ASP F 42 -29.58 3.03 35.07
CA ASP F 42 -30.65 3.54 34.22
C ASP F 42 -30.18 4.84 33.61
N ILE F 43 -30.70 5.17 32.42
CA ILE F 43 -30.34 6.41 31.74
C ILE F 43 -31.61 7.07 31.21
N GLU F 44 -31.50 8.35 30.86
CA GLU F 44 -32.54 9.04 30.13
C GLU F 44 -31.96 9.65 28.86
N GLY F 45 -32.62 9.40 27.75
CA GLY F 45 -32.05 9.75 26.45
C GLY F 45 -31.58 8.45 25.82
N ARG F 46 -31.04 8.49 24.62
CA ARG F 46 -30.68 7.22 23.96
C ARG F 46 -29.20 6.90 24.20
N PHE F 47 -28.81 5.65 23.94
CA PHE F 47 -27.41 5.19 24.14
C PHE F 47 -26.41 6.17 23.54
N ASN F 48 -26.71 6.69 22.37
CA ASN F 48 -25.82 7.61 21.68
C ASN F 48 -25.88 9.03 22.23
N ASP F 49 -26.95 9.40 22.94
CA ASP F 49 -27.16 10.77 23.39
C ASP F 49 -27.80 10.81 24.78
N PRO F 50 -27.18 10.18 25.78
CA PRO F 50 -27.83 10.13 27.09
C PRO F 50 -27.67 11.44 27.83
N VAL F 51 -28.73 11.87 28.52
CA VAL F 51 -28.71 13.11 29.28
C VAL F 51 -28.70 12.92 30.79
N GLU F 52 -28.94 11.71 31.31
CA GLU F 52 -28.80 11.54 32.75
C GLU F 52 -28.52 10.08 33.06
N ILE F 53 -27.47 9.83 33.85
CA ILE F 53 -27.02 8.48 34.14
C ILE F 53 -27.09 8.27 35.64
N ALA F 54 -27.52 7.08 36.05
CA ALA F 54 -27.54 6.76 37.47
C ALA F 54 -27.08 5.34 37.69
N ILE F 55 -26.17 5.17 38.64
CA ILE F 55 -25.66 3.87 39.01
C ILE F 55 -25.80 3.76 40.52
N PHE F 56 -26.63 2.83 40.96
CA PHE F 56 -27.00 2.73 42.39
C PHE F 56 -26.68 1.37 42.99
N GLN F 57 -25.95 1.37 44.10
CA GLN F 57 -25.63 0.12 44.82
C GLN F 57 -26.48 0.11 46.09
N PRO F 58 -27.61 -0.62 46.12
CA PRO F 58 -28.51 -0.58 47.27
C PRO F 58 -27.88 -1.00 48.60
N GLN F 59 -27.03 -2.02 48.58
CA GLN F 59 -26.38 -2.52 49.82
C GLN F 59 -25.86 -1.35 50.65
N ASN F 60 -24.95 -0.55 50.09
CA ASN F 60 -24.39 0.53 50.90
C ASN F 60 -25.10 1.87 50.70
N GLY F 61 -26.00 1.98 49.73
CA GLY F 61 -26.62 3.26 49.46
C GLY F 61 -25.78 4.23 48.67
N GLN F 62 -24.64 3.79 48.14
CA GLN F 62 -23.80 4.66 47.31
C GLN F 62 -24.33 4.71 45.89
N PHE F 63 -24.26 5.87 45.27
CA PHE F 63 -24.69 5.92 43.88
C PHE F 63 -23.87 6.97 43.14
N ILE F 64 -23.89 6.83 41.81
CA ILE F 64 -23.26 7.76 40.88
C ILE F 64 -24.39 8.35 40.07
N HIS F 65 -24.43 9.68 39.96
CA HIS F 65 -25.58 10.29 39.31
C HIS F 65 -25.16 11.61 38.69
N PHE F 66 -25.31 11.74 37.37
CA PHE F 66 -24.85 12.95 36.67
C PHE F 66 -25.64 13.14 35.39
N TYR F 67 -25.31 14.23 34.69
CA TYR F 67 -26.06 14.68 33.55
C TYR F 67 -25.15 14.89 32.37
N ARG F 68 -25.76 15.03 31.21
CA ARG F 68 -25.04 15.24 29.97
C ARG F 68 -25.91 16.10 29.06
N GLU F 69 -25.31 17.11 28.46
CA GLU F 69 -26.04 17.95 27.53
C GLU F 69 -26.30 17.17 26.24
N PRO F 70 -27.51 17.21 25.70
CA PRO F 70 -27.82 16.41 24.53
C PRO F 70 -27.26 17.02 23.26
N VAL F 71 -26.85 16.16 22.33
CA VAL F 71 -26.42 16.65 21.02
C VAL F 71 -27.64 17.01 20.18
N ASP F 72 -28.58 16.07 20.05
CA ASP F 72 -29.76 16.29 19.23
C ASP F 72 -30.78 17.10 20.03
N GLN F 73 -30.88 18.39 19.74
CA GLN F 73 -31.75 19.25 20.58
C GLN F 73 -33.22 18.91 20.36
N LYS F 74 -33.60 18.54 19.13
CA LYS F 74 -35.05 18.30 18.85
C LYS F 74 -35.52 17.08 19.64
N GLN F 75 -34.75 15.99 19.57
CA GLN F 75 -35.15 14.74 20.25
C GLN F 75 -35.23 15.01 21.75
N PHE F 76 -34.25 15.71 22.31
CA PHE F 76 -34.27 16.05 23.76
C PHE F 76 -35.64 16.62 24.12
N LYS F 77 -36.06 17.66 23.39
CA LYS F 77 -37.34 18.32 23.70
C LYS F 77 -38.48 17.29 23.67
N GLN F 78 -38.50 16.42 22.67
CA GLN F 78 -39.56 15.41 22.61
C GLN F 78 -39.40 14.41 23.76
N ASP F 79 -38.17 13.98 24.05
CA ASP F 79 -37.99 13.09 25.18
C ASP F 79 -38.31 13.80 26.49
N SER F 80 -38.33 15.13 26.48
CA SER F 80 -38.64 15.89 27.68
C SER F 80 -40.14 15.96 27.89
N LYS F 81 -40.89 16.08 26.81
CA LYS F 81 -42.36 16.15 26.90
C LYS F 81 -42.97 14.78 27.15
N TYR F 82 -42.22 13.69 26.95
CA TYR F 82 -42.84 12.35 27.03
C TYR F 82 -42.12 11.36 27.96
N SER F 83 -41.08 11.78 28.69
CA SER F 83 -40.45 10.84 29.65
C SER F 83 -39.79 11.53 30.84
N HIS F 84 -38.76 12.33 30.62
CA HIS F 84 -37.97 12.86 31.71
C HIS F 84 -38.31 14.30 32.07
N GLY F 85 -38.87 15.08 31.14
CA GLY F 85 -39.26 16.43 31.50
C GLY F 85 -38.11 17.33 31.91
N MET F 86 -36.96 17.17 31.29
CA MET F 86 -35.83 17.98 31.67
C MET F 86 -35.80 19.27 30.86
N ASP F 87 -34.95 20.19 31.28
CA ASP F 87 -34.80 21.49 30.65
C ASP F 87 -33.39 21.64 30.11
N LEU F 88 -33.27 22.01 28.85
CA LEU F 88 -31.97 22.20 28.22
C LEU F 88 -31.10 23.16 29.01
N ALA F 89 -31.71 24.20 29.58
CA ALA F 89 -30.91 25.23 30.24
C ALA F 89 -30.14 24.68 31.43
N ASP F 90 -30.70 23.68 32.11
CA ASP F 90 -30.01 23.11 33.25
C ASP F 90 -28.87 22.19 32.86
N LEU F 91 -28.72 21.86 31.57
CA LEU F 91 -27.69 20.93 31.14
C LEU F 91 -26.47 21.61 30.52
N PHE F 92 -26.51 22.93 30.31
CA PHE F 92 -25.40 23.59 29.62
C PHE F 92 -24.10 23.51 30.39
N ASN F 93 -24.19 23.40 31.72
CA ASN F 93 -23.02 23.38 32.56
C ASN F 93 -22.59 21.99 33.02
N ALA F 94 -23.18 20.92 32.48
CA ALA F 94 -22.73 19.58 32.86
C ALA F 94 -21.29 19.35 32.41
N GLN F 95 -20.50 18.77 33.27
CA GLN F 95 -19.10 18.53 32.94
C GLN F 95 -18.96 17.52 31.80
N PRO F 96 -18.47 17.95 30.63
CA PRO F 96 -18.26 17.01 29.52
C PRO F 96 -17.27 15.93 29.90
N GLY F 97 -17.39 14.78 29.24
CA GLY F 97 -16.49 13.68 29.48
C GLY F 97 -16.90 12.77 30.60
N LEU F 98 -17.90 13.16 31.38
CA LEU F 98 -18.29 12.38 32.55
C LEU F 98 -18.84 11.01 32.15
N THR F 99 -19.68 10.97 31.12
CA THR F 99 -20.30 9.69 30.76
C THR F 99 -19.20 8.71 30.37
N SER F 100 -18.35 9.08 29.43
CA SER F 100 -17.26 8.20 28.95
C SER F 100 -16.27 7.84 30.05
N SER F 101 -16.02 8.74 30.98
CA SER F 101 -15.01 8.49 32.05
C SER F 101 -15.60 7.65 33.18
N VAL F 102 -16.87 7.85 33.56
CA VAL F 102 -17.50 7.00 34.61
C VAL F 102 -17.70 5.57 34.08
N ILE F 103 -18.10 5.44 32.83
CA ILE F 103 -18.27 4.08 32.23
C ILE F 103 -16.90 3.44 32.08
N GLY F 104 -15.89 4.21 31.70
CA GLY F 104 -14.52 3.68 31.64
C GLY F 104 -14.00 3.28 33.00
N ALA F 105 -14.42 3.97 34.07
CA ALA F 105 -13.85 3.72 35.42
C ALA F 105 -14.55 2.58 36.15
N LEU F 106 -15.72 2.18 35.66
CA LEU F 106 -16.50 1.11 36.34
C LEU F 106 -15.62 -0.12 36.50
N PRO F 107 -15.58 -0.73 37.69
CA PRO F 107 -14.76 -1.91 37.92
C PRO F 107 -14.94 -3.03 36.88
N GLN F 108 -13.89 -3.80 36.64
CA GLN F 108 -13.93 -4.84 35.59
C GLN F 108 -14.84 -6.00 35.97
N GLY F 109 -15.67 -6.45 35.03
CA GLY F 109 -16.57 -7.58 35.28
C GLY F 109 -17.65 -7.25 36.28
N MET F 110 -18.21 -6.04 36.18
CA MET F 110 -19.31 -5.64 37.09
C MET F 110 -20.62 -6.13 36.50
N VAL F 111 -21.36 -6.91 37.26
CA VAL F 111 -22.72 -7.38 36.87
C VAL F 111 -23.70 -6.26 37.20
N LEU F 112 -24.29 -5.67 36.18
CA LEU F 112 -25.21 -4.56 36.37
C LEU F 112 -26.66 -5.01 36.13
N SER F 113 -27.55 -4.61 37.01
CA SER F 113 -28.98 -4.85 36.84
C SER F 113 -29.63 -3.66 36.15
N CYS F 114 -30.66 -3.92 35.35
CA CYS F 114 -31.34 -2.81 34.68
C CYS F 114 -32.75 -3.23 34.36
N GLN F 115 -33.50 -2.28 33.82
CA GLN F 115 -34.85 -2.56 33.32
C GLN F 115 -34.83 -2.37 31.82
N GLY F 116 -34.84 -3.47 31.07
CA GLY F 116 -34.74 -3.34 29.64
C GLY F 116 -33.29 -3.18 29.26
N SER F 117 -32.63 -4.31 28.98
CA SER F 117 -31.19 -4.31 28.72
C SER F 117 -30.83 -3.68 27.39
N ASP F 118 -31.78 -3.51 26.46
CA ASP F 118 -31.43 -3.10 25.11
C ASP F 118 -30.68 -1.77 25.09
N ASP F 119 -31.21 -0.75 25.80
CA ASP F 119 -30.56 0.56 25.71
C ASP F 119 -29.22 0.57 26.42
N ILE F 120 -29.13 -0.10 27.57
CA ILE F 120 -27.87 -0.09 28.31
C ILE F 120 -26.78 -0.80 27.54
N ARG F 121 -27.07 -1.99 27.02
CA ARG F 121 -26.01 -2.77 26.34
C ARG F 121 -25.39 -1.94 25.24
N LYS F 122 -26.21 -1.28 24.43
CA LYS F 122 -25.70 -0.51 23.30
C LYS F 122 -24.74 0.57 23.81
N LEU F 123 -25.12 1.30 24.86
CA LEU F 123 -24.25 2.32 25.42
C LEU F 123 -22.94 1.72 25.94
N LEU F 124 -23.05 0.67 26.75
CA LEU F 124 -21.83 0.03 27.27
C LEU F 124 -20.93 -0.45 26.14
N ASP F 125 -21.52 -1.00 25.07
CA ASP F 125 -20.73 -1.46 23.94
C ASP F 125 -20.08 -0.30 23.21
N SER F 126 -20.82 0.79 22.98
CA SER F 126 -20.26 1.94 22.28
C SER F 126 -19.16 2.63 23.07
N GLN F 127 -19.08 2.31 24.36
CA GLN F 127 -17.98 2.84 25.23
C GLN F 127 -16.95 1.72 25.41
N ASN F 128 -16.96 0.73 24.53
CA ASN F 128 -16.00 -0.41 24.57
C ASN F 128 -15.94 -1.00 25.98
N ARG F 129 -17.09 -1.30 26.56
CA ARG F 129 -17.12 -1.96 27.90
C ARG F 129 -17.98 -3.21 27.79
N LYS F 130 -17.56 -4.17 26.98
CA LYS F 130 -18.33 -5.42 26.75
C LYS F 130 -18.11 -6.37 27.92
N ASP F 131 -17.06 -6.15 28.71
CA ASP F 131 -16.74 -7.02 29.86
C ASP F 131 -17.90 -7.03 30.84
N ILE F 132 -18.68 -5.94 30.82
CA ILE F 132 -19.78 -5.75 31.80
C ILE F 132 -21.00 -6.55 31.40
N LYS F 133 -21.43 -7.46 32.27
CA LYS F 133 -22.63 -8.28 32.02
C LYS F 133 -23.86 -7.54 32.54
N LEU F 134 -25.01 -7.80 31.96
CA LEU F 134 -26.25 -7.10 32.36
C LEU F 134 -27.31 -8.09 32.86
N ILE F 135 -28.08 -7.70 33.87
CA ILE F 135 -29.22 -8.53 34.34
C ILE F 135 -30.48 -7.72 34.06
N ASP F 136 -31.24 -8.10 33.04
CA ASP F 136 -32.50 -7.45 32.74
C ASP F 136 -33.49 -7.99 33.77
N VAL F 137 -33.92 -7.13 34.68
CA VAL F 137 -34.89 -7.51 35.68
C VAL F 137 -36.25 -7.05 35.22
N GLU F 138 -37.21 -7.97 35.22
CA GLU F 138 -38.56 -7.69 34.81
C GLU F 138 -39.36 -7.02 35.94
N MET F 139 -40.23 -6.09 35.55
CA MET F 139 -40.99 -5.31 36.52
C MET F 139 -42.40 -5.09 36.01
N THR F 140 -43.39 -5.48 36.80
CA THR F 140 -44.81 -5.30 36.44
C THR F 140 -45.21 -3.83 36.59
N ARG F 141 -46.08 -3.34 35.72
CA ARG F 141 -46.58 -1.94 35.83
C ARG F 141 -47.27 -1.77 37.18
N GLU F 142 -47.98 -2.80 37.63
CA GLU F 142 -48.60 -2.73 38.97
C GLU F 142 -47.51 -2.38 39.98
N ALA F 143 -46.39 -3.09 39.95
CA ALA F 143 -45.35 -2.81 40.95
C ALA F 143 -44.71 -1.45 40.72
N SER F 144 -44.62 -0.99 39.47
CA SER F 144 -44.15 0.35 39.19
C SER F 144 -45.05 1.37 39.87
N ARG F 145 -46.36 1.26 39.64
CA ARG F 145 -47.31 2.25 40.21
C ARG F 145 -47.19 2.27 41.73
N GLU F 146 -46.84 1.14 42.34
CA GLU F 146 -46.83 1.08 43.81
C GLU F 146 -45.75 1.99 44.40
N TYR F 147 -44.49 1.75 44.04
CA TYR F 147 -43.37 2.47 44.72
C TYR F 147 -43.05 3.83 44.08
N GLU F 148 -43.50 4.13 42.88
CA GLU F 148 -43.13 5.39 42.25
C GLU F 148 -43.37 6.57 43.18
N ASP F 149 -44.55 6.66 43.77
CA ASP F 149 -44.90 7.82 44.60
C ASP F 149 -44.10 7.76 45.90
N LYS F 150 -43.96 6.57 46.48
CA LYS F 150 -43.24 6.42 47.77
C LYS F 150 -41.77 6.83 47.62
N VAL F 151 -41.14 6.42 46.52
CA VAL F 151 -39.71 6.75 46.26
C VAL F 151 -39.57 8.25 46.04
N TRP F 152 -40.42 8.84 45.21
CA TRP F 152 -40.28 10.28 44.86
C TRP F 152 -40.47 11.15 46.11
N ASP F 153 -41.02 10.60 47.19
CA ASP F 153 -41.30 11.40 48.41
C ASP F 153 -40.13 11.26 49.40
N LYS F 154 -39.60 10.06 49.55
CA LYS F 154 -38.49 9.81 50.50
C LYS F 154 -37.16 10.22 49.86
N TYR F 155 -37.01 10.01 48.56
CA TYR F 155 -35.71 10.22 47.96
C TYR F 155 -35.74 11.26 46.83
N GLY F 156 -36.88 11.90 46.60
CA GLY F 156 -36.96 12.78 45.45
C GLY F 156 -36.22 14.09 45.59
N TRP F 157 -35.75 14.41 46.80
CA TRP F 157 -34.97 15.62 46.99
C TRP F 157 -33.59 15.52 46.36
N LEU F 158 -33.18 14.29 45.97
CA LEU F 158 -31.87 14.04 45.36
C LEU F 158 -31.78 14.53 43.93
N CYS F 159 -32.90 14.76 43.28
CA CYS F 159 -32.90 15.23 41.90
C CYS F 159 -34.05 16.21 41.73
N LYS F 160 -33.72 17.49 41.59
CA LYS F 160 -34.69 18.53 41.31
C LYS F 160 -34.60 18.97 39.84
N MET F 161 -34.29 18.03 38.95
CA MET F 161 -34.00 18.35 37.55
C MET F 161 -35.17 18.17 36.61
N HIS F 162 -36.28 17.64 37.10
CA HIS F 162 -37.43 17.33 36.22
C HIS F 162 -38.48 18.42 36.44
N THR F 163 -38.29 19.59 35.83
CA THR F 163 -39.19 20.75 36.09
C THR F 163 -40.18 20.94 34.95
N GLY F 164 -40.49 19.88 34.20
CA GLY F 164 -41.39 20.03 33.04
C GLY F 164 -42.57 19.10 33.13
N ILE F 165 -43.62 19.40 32.37
CA ILE F 165 -44.85 18.55 32.40
C ILE F 165 -44.69 17.44 31.37
N VAL F 166 -44.81 16.20 31.81
CA VAL F 166 -44.72 15.03 30.90
C VAL F 166 -46.14 14.48 30.75
N ARG F 167 -46.59 14.26 29.52
CA ARG F 167 -47.93 13.69 29.26
C ARG F 167 -47.78 12.38 28.47
N ASP F 168 -48.79 11.49 28.55
CA ASP F 168 -48.73 10.24 27.74
C ASP F 168 -49.43 10.44 26.39
N LYS F 169 -49.58 9.37 25.62
CA LYS F 169 -50.29 9.44 24.31
C LYS F 169 -51.66 10.08 24.51
N LYS F 170 -52.31 9.80 25.64
CA LYS F 170 -53.68 10.32 25.92
C LYS F 170 -53.62 11.69 26.61
N LYS F 171 -52.57 12.47 26.37
CA LYS F 171 -52.42 13.83 26.95
C LYS F 171 -52.63 13.81 28.47
N LYS F 172 -52.49 12.65 29.10
CA LYS F 172 -52.61 12.57 30.59
C LYS F 172 -51.28 12.91 31.24
N GLU F 173 -51.26 13.95 32.07
CA GLU F 173 -50.04 14.34 32.81
C GLU F 173 -49.57 13.17 33.69
N ILE F 174 -48.30 12.78 33.55
CA ILE F 174 -47.77 11.60 34.30
C ILE F 174 -46.50 12.00 35.06
N THR F 175 -46.16 11.22 36.09
CA THR F 175 -44.93 11.45 36.84
C THR F 175 -43.73 11.22 35.93
N PRO F 176 -42.75 12.13 35.92
CA PRO F 176 -41.57 11.96 35.07
C PRO F 176 -40.68 10.82 35.55
N HIS F 177 -39.70 10.49 34.70
CA HIS F 177 -38.72 9.43 35.02
C HIS F 177 -37.38 10.09 35.37
N CYS F 178 -36.65 9.55 36.36
CA CYS F 178 -35.45 10.27 36.84
C CYS F 178 -34.15 9.45 36.81
N ALA F 179 -34.18 8.19 36.38
CA ALA F 179 -32.96 7.34 36.37
C ALA F 179 -32.49 7.00 37.78
N LEU F 180 -32.23 8.00 38.63
CA LEU F 180 -31.89 7.72 40.04
C LEU F 180 -33.16 7.25 40.71
N MET F 181 -34.23 8.01 40.57
CA MET F 181 -35.52 7.55 41.11
C MET F 181 -35.86 6.24 40.43
N ASP F 182 -35.64 6.11 39.12
CA ASP F 182 -35.96 4.82 38.51
C ASP F 182 -35.18 3.68 39.17
N CYS F 183 -33.91 3.90 39.51
CA CYS F 183 -33.16 2.85 40.19
C CYS F 183 -33.74 2.49 41.53
N ILE F 184 -34.21 3.48 42.29
CA ILE F 184 -34.74 3.13 43.60
C ILE F 184 -36.08 2.43 43.44
N ILE F 185 -36.88 2.85 42.46
CA ILE F 185 -38.12 2.14 42.17
C ILE F 185 -37.83 0.71 41.77
N PHE F 186 -36.83 0.49 40.91
CA PHE F 186 -36.51 -0.87 40.48
C PHE F 186 -36.11 -1.75 41.65
N GLU F 187 -35.32 -1.22 42.57
CA GLU F 187 -34.90 -1.99 43.72
C GLU F 187 -36.08 -2.35 44.59
N SER F 188 -36.99 -1.38 44.78
CA SER F 188 -38.21 -1.60 45.55
C SER F 188 -39.04 -2.75 44.97
N ALA F 189 -39.31 -2.70 43.66
CA ALA F 189 -40.12 -3.74 43.04
C ALA F 189 -39.46 -5.10 43.13
N SER F 190 -38.15 -5.16 42.89
CA SER F 190 -37.41 -6.44 42.95
C SER F 190 -37.34 -6.98 44.38
N LYS F 191 -37.64 -6.15 45.38
CA LYS F 191 -37.45 -6.61 46.78
C LYS F 191 -38.75 -6.55 47.59
N ALA F 192 -39.84 -6.08 46.95
CA ALA F 192 -41.16 -5.94 47.61
C ALA F 192 -41.02 -5.11 48.89
N ARG F 193 -39.98 -4.29 48.96
CA ARG F 193 -39.76 -3.43 50.14
C ARG F 193 -39.03 -2.16 49.71
N LEU F 194 -39.63 -1.00 49.92
CA LEU F 194 -38.92 0.27 49.65
C LEU F 194 -37.71 0.24 50.58
N PRO F 195 -36.48 0.42 50.06
CA PRO F 195 -35.28 0.29 50.88
C PRO F 195 -35.22 1.23 52.10
N ASP F 196 -34.87 0.68 53.26
CA ASP F 196 -34.66 1.51 54.44
C ASP F 196 -33.17 1.81 54.54
N LEU F 197 -32.78 2.98 54.04
CA LEU F 197 -31.38 3.38 53.92
C LEU F 197 -31.12 4.68 54.67
N LYS F 198 -30.36 4.59 55.77
CA LYS F 198 -29.99 5.79 56.51
C LYS F 198 -29.14 6.70 55.65
N THR F 199 -28.00 6.17 55.20
CA THR F 199 -27.06 6.93 54.41
C THR F 199 -27.22 6.54 52.95
N VAL F 200 -27.60 7.50 52.12
CA VAL F 200 -27.60 7.30 50.68
C VAL F 200 -26.98 8.56 50.09
N HIS F 201 -25.94 8.41 49.26
CA HIS F 201 -25.23 9.62 48.77
C HIS F 201 -24.52 9.42 47.44
N ASN F 202 -24.35 10.53 46.70
CA ASN F 202 -23.62 10.50 45.42
C ASN F 202 -22.13 10.49 45.74
N ILE F 203 -21.38 9.59 45.09
CA ILE F 203 -19.91 9.54 45.28
C ILE F 203 -19.30 10.72 44.53
N LEU F 204 -20.03 11.29 43.58
CA LEU F 204 -19.52 12.40 42.75
C LEU F 204 -19.86 13.75 43.38
N PRO F 205 -18.90 14.67 43.53
CA PRO F 205 -19.16 15.99 44.08
C PRO F 205 -19.86 16.93 43.10
N HIS F 206 -20.52 17.97 43.62
CA HIS F 206 -21.28 18.86 42.76
C HIS F 206 -20.39 19.56 41.75
N ASP F 207 -19.12 19.83 42.08
CA ASP F 207 -18.21 20.50 41.15
C ASP F 207 -17.67 19.56 40.09
N LEU F 208 -17.78 18.24 40.28
CA LEU F 208 -17.39 17.32 39.18
C LEU F 208 -18.59 17.12 38.26
N ILE F 209 -19.81 17.15 38.79
CA ILE F 209 -21.02 16.92 37.98
C ILE F 209 -21.26 18.15 37.11
N PHE F 210 -20.98 19.33 37.65
CA PHE F 210 -21.25 20.59 36.92
C PHE F 210 -19.95 21.37 36.72
N ARG F 211 -19.96 22.36 35.83
CA ARG F 211 -18.71 23.05 35.47
C ARG F 211 -18.81 24.54 35.76
N GLY F 212 -18.09 25.00 36.78
CA GLY F 212 -18.04 26.46 37.05
C GLY F 212 -16.91 27.10 36.28
N PRO F 213 -15.62 26.93 36.68
CA PRO F 213 -14.48 27.59 36.02
C PRO F 213 -14.07 26.93 34.70
N ASN F 214 -13.08 27.51 34.01
CA ASN F 214 -12.74 26.92 32.68
C ASN F 214 -11.34 26.29 32.57
N VAL F 215 -11.26 25.05 32.06
CA VAL F 215 -9.98 24.33 31.79
C VAL F 215 -10.02 23.93 30.31
N VAL F 216 -8.90 23.92 29.59
CA VAL F 216 -8.89 23.72 28.14
C VAL F 216 -7.79 22.73 27.77
N THR F 217 -8.14 21.72 26.96
CA THR F 217 -7.21 20.66 26.60
C THR F 217 -6.37 21.05 25.38
N LEU F 218 -5.29 20.30 25.14
CA LEU F 218 -4.38 20.46 23.98
C LEU F 218 -4.02 19.04 23.57
N VAL G 16 -24.59 7.68 2.42
CA VAL G 16 -24.22 7.10 1.13
C VAL G 16 -23.33 8.06 0.30
N GLY G 17 -23.74 8.31 -0.93
CA GLY G 17 -23.18 9.33 -1.82
C GLY G 17 -24.29 9.79 -2.74
N LEU G 18 -23.94 10.64 -3.70
CA LEU G 18 -24.94 11.00 -4.69
C LEU G 18 -25.21 9.82 -5.62
N SER G 19 -26.48 9.45 -5.78
CA SER G 19 -26.86 8.39 -6.70
C SER G 19 -26.60 8.80 -8.14
N TYR G 20 -26.76 7.83 -9.05
CA TYR G 20 -26.55 8.14 -10.46
C TYR G 20 -27.54 9.17 -10.96
N SER G 21 -28.83 8.99 -10.64
CA SER G 21 -29.83 9.94 -11.11
C SER G 21 -29.61 11.29 -10.50
N GLN G 22 -29.29 11.32 -9.19
CA GLN G 22 -29.01 12.58 -8.52
C GLN G 22 -27.89 13.31 -9.24
N THR G 23 -26.86 12.58 -9.65
CA THR G 23 -25.76 13.19 -10.35
C THR G 23 -26.15 13.66 -11.73
N MET G 24 -27.09 12.97 -12.37
CA MET G 24 -27.56 13.42 -13.68
C MET G 24 -28.33 14.72 -13.57
N LEU G 25 -29.19 14.82 -12.55
CA LEU G 25 -29.90 16.06 -12.27
C LEU G 25 -28.91 17.20 -12.02
N LEU G 26 -27.91 16.92 -11.16
CA LEU G 26 -26.92 17.93 -10.82
C LEU G 26 -26.26 18.48 -12.07
N LYS G 27 -25.87 17.58 -12.98
CA LYS G 27 -25.26 17.99 -14.23
C LYS G 27 -26.13 19.01 -14.94
N ASP G 28 -27.46 18.76 -14.96
CA ASP G 28 -28.40 19.67 -15.60
C ASP G 28 -28.51 20.97 -14.85
N LEU G 29 -28.67 20.91 -13.53
CA LEU G 29 -28.83 22.17 -12.81
C LEU G 29 -27.58 23.01 -12.91
N MET G 30 -26.40 22.39 -12.88
CA MET G 30 -25.17 23.18 -12.97
C MET G 30 -25.05 23.89 -14.29
N GLY G 31 -25.91 23.53 -15.25
CA GLY G 31 -25.93 24.22 -16.52
C GLY G 31 -26.38 25.65 -16.39
N GLY G 32 -27.01 25.98 -15.28
CA GLY G 32 -27.35 27.38 -15.04
C GLY G 32 -26.15 28.22 -14.66
N ILE G 33 -25.10 27.61 -14.11
CA ILE G 33 -23.97 28.40 -13.66
C ILE G 33 -23.20 28.92 -14.86
N ASP G 34 -23.06 30.24 -14.94
CA ASP G 34 -22.29 30.86 -16.02
C ASP G 34 -20.83 30.79 -15.67
N PRO G 35 -19.99 30.06 -16.43
CA PRO G 35 -18.58 29.86 -16.05
C PRO G 35 -17.73 31.13 -16.09
N ASN G 36 -18.05 32.09 -16.96
CA ASN G 36 -17.34 33.35 -17.01
C ASN G 36 -17.86 34.39 -16.04
N ALA G 37 -18.97 34.12 -15.35
CA ALA G 37 -19.56 35.12 -14.49
C ALA G 37 -18.76 35.27 -13.20
N PRO G 38 -18.62 36.50 -12.69
CA PRO G 38 -18.01 36.69 -11.38
C PRO G 38 -18.78 35.93 -10.33
N THR G 39 -18.07 35.26 -9.45
CA THR G 39 -18.69 34.29 -8.57
C THR G 39 -18.02 34.28 -7.20
N TRP G 40 -18.85 34.24 -6.16
CA TRP G 40 -18.44 34.23 -4.77
C TRP G 40 -18.54 32.83 -4.20
N ILE G 41 -17.67 32.52 -3.24
CA ILE G 41 -17.73 31.26 -2.51
C ILE G 41 -17.39 31.52 -1.05
N ASP G 42 -18.10 30.84 -0.14
CA ASP G 42 -17.80 30.90 1.28
C ASP G 42 -18.29 29.61 1.91
N ILE G 43 -17.63 29.20 3.00
CA ILE G 43 -18.02 27.98 3.71
C ILE G 43 -18.06 28.26 5.20
N GLU G 44 -18.68 27.37 5.94
CA GLU G 44 -18.61 27.37 7.40
C GLU G 44 -18.13 26.01 7.88
N GLY G 45 -17.14 26.03 8.76
CA GLY G 45 -16.47 24.80 9.14
C GLY G 45 -15.13 24.81 8.42
N ARG G 46 -14.29 23.79 8.62
CA ARG G 46 -12.95 23.84 8.02
C ARG G 46 -12.94 23.10 6.67
N PHE G 47 -11.89 23.32 5.88
CA PHE G 47 -11.77 22.68 4.54
C PHE G 47 -12.05 21.18 4.61
N ASN G 48 -11.54 20.53 5.65
CA ASN G 48 -11.71 19.09 5.80
C ASN G 48 -13.09 18.70 6.33
N ASP G 49 -13.83 19.63 6.95
CA ASP G 49 -15.10 19.31 7.60
C ASP G 49 -16.11 20.44 7.43
N PRO G 50 -16.40 20.83 6.19
CA PRO G 50 -17.30 21.99 6.01
C PRO G 50 -18.75 21.59 6.24
N VAL G 51 -19.51 22.47 6.88
CA VAL G 51 -20.92 22.21 7.15
C VAL G 51 -21.87 23.07 6.34
N GLU G 52 -21.41 24.11 5.65
CA GLU G 52 -22.34 24.84 4.78
C GLU G 52 -21.56 25.53 3.68
N ILE G 53 -21.98 25.33 2.43
CA ILE G 53 -21.27 25.84 1.27
C ILE G 53 -22.21 26.77 0.51
N ALA G 54 -21.66 27.87 0.01
CA ALA G 54 -22.46 28.77 -0.81
C ALA G 54 -21.65 29.27 -1.98
N ILE G 55 -22.25 29.21 -3.16
CA ILE G 55 -21.63 29.70 -4.38
C ILE G 55 -22.64 30.61 -5.04
N PHE G 56 -22.29 31.90 -5.13
CA PHE G 56 -23.24 32.93 -5.58
C PHE G 56 -22.74 33.69 -6.81
N GLN G 57 -23.56 33.75 -7.84
CA GLN G 57 -23.23 34.53 -9.05
C GLN G 57 -24.12 35.76 -9.04
N PRO G 58 -23.60 36.94 -8.63
CA PRO G 58 -24.43 38.14 -8.50
C PRO G 58 -25.12 38.59 -9.80
N GLN G 59 -24.42 38.50 -10.92
CA GLN G 59 -24.98 38.92 -12.23
C GLN G 59 -26.40 38.39 -12.38
N ASN G 60 -26.59 37.07 -12.35
CA ASN G 60 -27.93 36.55 -12.58
C ASN G 60 -28.69 36.27 -11.29
N GLY G 61 -28.05 36.35 -10.13
CA GLY G 61 -28.72 36.00 -8.90
C GLY G 61 -28.83 34.52 -8.63
N GLN G 62 -28.19 33.67 -9.42
CA GLN G 62 -28.23 32.23 -9.19
C GLN G 62 -27.21 31.85 -8.12
N PHE G 63 -27.57 30.90 -7.27
CA PHE G 63 -26.59 30.46 -6.29
C PHE G 63 -26.80 28.99 -5.98
N ILE G 64 -25.75 28.39 -5.41
CA ILE G 64 -25.73 27.02 -4.95
C ILE G 64 -25.53 27.09 -3.46
N HIS G 65 -26.37 26.40 -2.70
CA HIS G 65 -26.28 26.55 -1.25
C HIS G 65 -26.76 25.28 -0.57
N PHE G 66 -25.90 24.64 0.22
CA PHE G 66 -26.24 23.37 0.85
C PHE G 66 -25.43 23.16 2.11
N TYR G 67 -25.69 22.03 2.76
CA TYR G 67 -25.15 21.76 4.07
C TYR G 67 -24.48 20.40 4.08
N ARG G 68 -23.71 20.18 5.14
CA ARG G 68 -22.99 18.92 5.32
C ARG G 68 -22.91 18.64 6.80
N GLU G 69 -23.19 17.41 7.17
CA GLU G 69 -23.07 17.02 8.57
C GLU G 69 -21.61 16.93 8.95
N PRO G 70 -21.22 17.48 10.09
CA PRO G 70 -19.79 17.51 10.45
C PRO G 70 -19.32 16.16 10.97
N VAL G 71 -18.06 15.84 10.65
CA VAL G 71 -17.48 14.63 11.23
C VAL G 71 -17.08 14.87 12.67
N ASP G 72 -16.31 15.93 12.91
CA ASP G 72 -15.84 16.24 14.27
C ASP G 72 -16.95 16.94 15.04
N GLN G 73 -17.63 16.21 15.90
CA GLN G 73 -18.81 16.81 16.59
C GLN G 73 -18.36 17.90 17.58
N LYS G 74 -17.21 17.72 18.22
CA LYS G 74 -16.81 18.70 19.26
C LYS G 74 -16.52 20.05 18.60
N GLN G 75 -15.74 20.03 17.52
CA GLN G 75 -15.35 21.29 16.84
C GLN G 75 -16.62 21.97 16.34
N PHE G 76 -17.54 21.22 15.74
CA PHE G 76 -18.81 21.80 15.25
C PHE G 76 -19.44 22.65 16.35
N LYS G 77 -19.62 22.05 17.53
CA LYS G 77 -20.27 22.77 18.65
C LYS G 77 -19.51 24.06 18.94
N GLN G 78 -18.18 24.02 18.98
CA GLN G 78 -17.40 25.23 19.23
C GLN G 78 -17.55 26.21 18.07
N ASP G 79 -17.49 25.72 16.83
CA ASP G 79 -17.69 26.61 15.71
C ASP G 79 -19.12 27.15 15.70
N SER G 80 -20.03 26.47 16.40
CA SER G 80 -21.41 26.92 16.46
C SER G 80 -21.58 28.05 17.47
N LYS G 81 -20.85 27.95 18.57
CA LYS G 81 -20.93 28.99 19.62
C LYS G 81 -20.14 30.24 19.22
N TYR G 82 -19.27 30.16 18.22
CA TYR G 82 -18.38 31.32 17.94
C TYR G 82 -18.39 31.78 16.47
N SER G 83 -19.23 31.22 15.60
CA SER G 83 -19.30 31.73 14.20
C SER G 83 -20.65 31.54 13.53
N HIS G 84 -21.07 30.30 13.32
CA HIS G 84 -22.25 30.04 12.52
C HIS G 84 -23.49 29.74 13.34
N GLY G 85 -23.35 29.26 14.57
CA GLY G 85 -24.53 29.04 15.39
C GLY G 85 -25.47 27.99 14.84
N MET G 86 -24.95 26.96 14.21
CA MET G 86 -25.83 25.94 13.65
C MET G 86 -26.12 24.86 14.68
N ASP G 87 -27.09 24.02 14.35
CA ASP G 87 -27.54 22.94 15.21
C ASP G 87 -27.30 21.61 14.52
N LEU G 88 -26.63 20.69 15.24
CA LEU G 88 -26.35 19.38 14.68
C LEU G 88 -27.61 18.69 14.19
N ALA G 89 -28.72 18.86 14.90
CA ALA G 89 -29.93 18.13 14.55
C ALA G 89 -30.43 18.49 13.15
N ASP G 90 -30.21 19.71 12.73
CA ASP G 90 -30.66 20.11 11.40
C ASP G 90 -29.78 19.56 10.29
N LEU G 91 -28.63 18.99 10.62
CA LEU G 91 -27.70 18.51 9.60
C LEU G 91 -27.76 17.00 9.36
N PHE G 92 -28.52 16.26 10.18
CA PHE G 92 -28.50 14.80 10.06
C PHE G 92 -29.04 14.33 8.72
N ASN G 93 -29.91 15.12 8.10
CA ASN G 93 -30.55 14.74 6.85
C ASN G 93 -29.92 15.38 5.62
N ALA G 94 -28.79 16.05 5.73
CA ALA G 94 -28.15 16.61 4.54
C ALA G 94 -27.70 15.49 3.62
N GLN G 95 -27.94 15.67 2.33
CA GLN G 95 -27.56 14.64 1.37
C GLN G 95 -26.05 14.47 1.27
N PRO G 96 -25.51 13.32 1.70
CA PRO G 96 -24.08 13.09 1.58
C PRO G 96 -23.63 13.13 0.13
N GLY G 97 -22.37 13.46 -0.07
CA GLY G 97 -21.79 13.50 -1.39
C GLY G 97 -21.95 14.81 -2.10
N LEU G 98 -22.76 15.72 -1.55
CA LEU G 98 -23.05 16.98 -2.21
C LEU G 98 -21.80 17.84 -2.34
N THR G 99 -21.02 17.92 -1.28
CA THR G 99 -19.85 18.83 -1.33
C THR G 99 -18.91 18.35 -2.45
N SER G 100 -18.52 17.09 -2.41
CA SER G 100 -17.59 16.53 -3.43
C SER G 100 -18.17 16.58 -4.84
N SER G 101 -19.48 16.42 -4.99
CA SER G 101 -20.10 16.39 -6.33
C SER G 101 -20.31 17.81 -6.87
N VAL G 102 -20.68 18.78 -6.05
CA VAL G 102 -20.84 20.19 -6.53
C VAL G 102 -19.47 20.77 -6.88
N ILE G 103 -18.46 20.49 -6.07
CA ILE G 103 -17.09 20.99 -6.37
C ILE G 103 -16.57 20.27 -7.62
N GLY G 104 -16.92 19.01 -7.84
CA GLY G 104 -16.49 18.36 -9.08
C GLY G 104 -17.25 18.86 -10.29
N ALA G 105 -18.48 19.33 -10.10
CA ALA G 105 -19.34 19.75 -11.23
C ALA G 105 -19.09 21.21 -11.62
N LEU G 106 -18.39 21.97 -10.78
CA LEU G 106 -18.09 23.39 -11.09
C LEU G 106 -17.41 23.47 -12.44
N PRO G 107 -17.85 24.36 -13.34
CA PRO G 107 -17.26 24.49 -14.66
C PRO G 107 -15.73 24.66 -14.64
N GLN G 108 -15.08 24.25 -15.72
CA GLN G 108 -13.59 24.26 -15.78
C GLN G 108 -13.05 25.68 -15.89
N GLY G 109 -11.97 25.96 -15.16
CA GLY G 109 -11.34 27.29 -15.24
C GLY G 109 -12.27 28.36 -14.72
N MET G 110 -12.88 28.09 -13.57
CA MET G 110 -13.80 29.08 -12.97
C MET G 110 -13.00 29.94 -11.99
N VAL G 111 -13.03 31.24 -12.20
CA VAL G 111 -12.38 32.22 -11.29
C VAL G 111 -13.37 32.51 -10.17
N LEU G 112 -13.03 32.11 -8.95
CA LEU G 112 -13.91 32.28 -7.81
C LEU G 112 -13.38 33.40 -6.90
N SER G 113 -14.27 34.28 -6.46
CA SER G 113 -13.93 35.30 -5.49
C SER G 113 -14.24 34.80 -4.08
N CYS G 114 -13.46 35.24 -3.11
CA CYS G 114 -13.73 34.83 -1.74
C CYS G 114 -13.17 35.84 -0.78
N GLN G 115 -13.42 35.62 0.50
CA GLN G 115 -12.82 36.45 1.54
C GLN G 115 -11.88 35.57 2.34
N GLY G 116 -10.58 35.76 2.13
CA GLY G 116 -9.63 34.89 2.79
C GLY G 116 -9.51 33.60 2.01
N SER G 117 -8.55 33.57 1.09
CA SER G 117 -8.40 32.44 0.19
C SER G 117 -7.87 31.19 0.87
N ASP G 118 -7.30 31.29 2.07
CA ASP G 118 -6.61 30.15 2.68
C ASP G 118 -7.55 28.96 2.83
N ASP G 119 -8.75 29.16 3.40
CA ASP G 119 -9.61 28.00 3.67
C ASP G 119 -10.17 27.43 2.37
N ILE G 120 -10.54 28.29 1.42
CA ILE G 120 -11.12 27.79 0.18
C ILE G 120 -10.09 26.99 -0.60
N ARG G 121 -8.88 27.52 -0.76
CA ARG G 121 -7.89 26.84 -1.62
C ARG G 121 -7.68 25.41 -1.11
N LYS G 122 -7.53 25.25 0.19
CA LYS G 122 -7.26 23.92 0.76
C LYS G 122 -8.41 22.98 0.39
N LEU G 123 -9.66 23.40 0.55
CA LEU G 123 -10.79 22.56 0.19
C LEU G 123 -10.77 22.23 -1.30
N LEU G 124 -10.63 23.24 -2.16
CA LEU G 124 -10.61 22.98 -3.59
C LEU G 124 -9.48 22.02 -3.95
N ASP G 125 -8.38 22.07 -3.22
CA ASP G 125 -7.25 21.15 -3.50
C ASP G 125 -7.52 19.76 -2.90
N SER G 126 -8.49 19.62 -1.99
CA SER G 126 -8.87 18.28 -1.45
C SER G 126 -9.49 17.48 -2.60
N GLN G 127 -10.28 18.12 -3.45
CA GLN G 127 -10.74 17.45 -4.68
C GLN G 127 -9.69 17.80 -5.73
N ASN G 128 -9.79 17.29 -6.94
CA ASN G 128 -8.69 17.60 -7.88
C ASN G 128 -9.11 18.82 -8.69
N ARG G 129 -9.40 19.93 -8.00
CA ARG G 129 -9.91 21.13 -8.70
C ARG G 129 -8.90 22.27 -8.57
N LYS G 130 -7.60 21.97 -8.69
CA LYS G 130 -6.56 23.02 -8.68
C LYS G 130 -6.75 23.94 -9.88
N ASP G 131 -7.50 23.50 -10.88
CA ASP G 131 -7.73 24.30 -12.10
C ASP G 131 -8.41 25.61 -11.73
N ILE G 132 -9.12 25.59 -10.60
CA ILE G 132 -9.94 26.77 -10.18
C ILE G 132 -9.06 27.82 -9.53
N LYS G 133 -9.05 29.02 -10.11
CA LYS G 133 -8.26 30.15 -9.55
C LYS G 133 -9.12 30.90 -8.53
N LEU G 134 -8.48 31.53 -7.56
CA LEU G 134 -9.22 32.25 -6.51
C LEU G 134 -8.87 33.74 -6.49
N ILE G 135 -9.85 34.60 -6.21
CA ILE G 135 -9.59 36.05 -6.04
C ILE G 135 -9.91 36.37 -4.59
N ASP G 136 -8.88 36.57 -3.76
CA ASP G 136 -9.08 36.98 -2.39
C ASP G 136 -9.43 38.47 -2.43
N VAL G 137 -10.67 38.80 -2.12
CA VAL G 137 -11.10 40.17 -2.08
C VAL G 137 -11.05 40.65 -0.65
N GLU G 138 -10.39 41.79 -0.46
CA GLU G 138 -10.26 42.39 0.86
C GLU G 138 -11.50 43.18 1.24
N MET G 139 -11.84 43.12 2.52
CA MET G 139 -13.05 43.75 3.02
C MET G 139 -12.80 44.35 4.39
N THR G 140 -13.08 45.66 4.51
CA THR G 140 -12.91 46.37 5.80
C THR G 140 -14.03 45.97 6.77
N ARG G 141 -13.72 45.91 8.06
CA ARG G 141 -14.74 45.59 9.09
C ARG G 141 -15.81 46.69 9.05
N GLU G 142 -15.41 47.92 8.80
CA GLU G 142 -16.41 49.01 8.66
C GLU G 142 -17.41 48.59 7.59
N ALA G 143 -16.92 48.15 6.43
CA ALA G 143 -17.86 47.79 5.36
C ALA G 143 -18.67 46.54 5.72
N SER G 144 -18.08 45.61 6.47
CA SER G 144 -18.82 44.46 6.95
C SER G 144 -19.99 44.92 7.81
N ARG G 145 -19.71 45.78 8.80
CA ARG G 145 -20.77 46.23 9.73
C ARG G 145 -21.89 46.91 8.95
N GLU G 146 -21.56 47.55 7.82
CA GLU G 146 -22.59 48.32 7.09
C GLU G 146 -23.66 47.41 6.50
N TYR G 147 -23.28 46.47 5.65
CA TYR G 147 -24.30 45.67 4.91
C TYR G 147 -24.78 44.43 5.67
N GLU G 148 -24.11 43.99 6.73
CA GLU G 148 -24.54 42.77 7.40
C GLU G 148 -26.03 42.81 7.75
N ASP G 149 -26.46 43.89 8.37
CA ASP G 149 -27.88 43.97 8.82
C ASP G 149 -28.79 44.11 7.61
N LYS G 150 -28.38 44.90 6.62
CA LYS G 150 -29.23 45.14 5.43
C LYS G 150 -29.44 43.83 4.66
N VAL G 151 -28.39 43.03 4.51
CA VAL G 151 -28.47 41.74 3.77
C VAL G 151 -29.36 40.77 4.56
N TRP G 152 -29.14 40.64 5.86
CA TRP G 152 -29.89 39.65 6.67
C TRP G 152 -31.38 39.98 6.66
N ASP G 153 -31.77 41.18 6.26
CA ASP G 153 -33.19 41.60 6.31
C ASP G 153 -33.85 41.37 4.95
N LYS G 154 -33.14 41.68 3.87
CA LYS G 154 -33.69 41.50 2.50
C LYS G 154 -33.53 40.06 2.05
N TYR G 155 -32.45 39.39 2.45
CA TYR G 155 -32.20 38.07 1.92
C TYR G 155 -32.11 37.00 3.00
N GLY G 156 -32.35 37.34 4.26
CA GLY G 156 -32.14 36.37 5.31
C GLY G 156 -33.16 35.26 5.38
N TRP G 157 -34.27 35.40 4.65
CA TRP G 157 -35.26 34.34 4.63
C TRP G 157 -34.77 33.11 3.88
N LEU G 158 -33.66 33.23 3.14
CA LEU G 158 -33.08 32.14 2.35
C LEU G 158 -32.39 31.10 3.22
N CYS G 159 -32.05 31.44 4.45
CA CYS G 159 -31.38 30.50 5.33
C CYS G 159 -31.89 30.72 6.75
N LYS G 160 -32.69 29.78 7.23
CA LYS G 160 -33.18 29.78 8.60
C LYS G 160 -32.44 28.75 9.45
N MET G 161 -31.16 28.55 9.16
CA MET G 161 -30.37 27.47 9.77
C MET G 161 -29.52 27.91 10.96
N HIS G 162 -29.49 29.20 11.25
CA HIS G 162 -28.61 29.71 12.33
C HIS G 162 -29.49 30.00 13.54
N THR G 163 -29.87 28.97 14.29
CA THR G 163 -30.84 29.14 15.41
C THR G 163 -30.12 29.16 16.76
N GLY G 164 -28.84 29.53 16.79
CA GLY G 164 -28.07 29.49 18.04
C GLY G 164 -27.46 30.83 18.37
N ILE G 165 -27.09 31.02 19.64
CA ILE G 165 -26.49 32.32 20.07
C ILE G 165 -24.98 32.24 19.85
N VAL G 166 -24.45 33.18 19.09
CA VAL G 166 -22.98 33.25 18.85
C VAL G 166 -22.45 34.43 19.65
N ARG G 167 -21.39 34.23 20.44
CA ARG G 167 -20.78 35.33 21.22
C ARG G 167 -19.31 35.48 20.82
N ASP G 168 -18.72 36.66 21.04
CA ASP G 168 -17.27 36.85 20.73
C ASP G 168 -16.42 36.55 21.96
N LYS G 169 -15.11 36.80 21.88
CA LYS G 169 -14.20 36.59 23.04
C LYS G 169 -14.76 37.32 24.26
N LYS G 170 -15.35 38.50 24.05
CA LYS G 170 -15.88 39.33 25.16
C LYS G 170 -17.32 38.96 25.50
N LYS G 171 -17.72 37.69 25.27
CA LYS G 171 -19.09 37.21 25.59
C LYS G 171 -20.17 38.14 25.02
N LYS G 172 -19.82 38.95 24.02
CA LYS G 172 -20.83 39.82 23.38
C LYS G 172 -21.58 39.05 22.29
N GLU G 173 -22.90 38.95 22.42
CA GLU G 173 -23.73 38.27 21.41
C GLU G 173 -23.57 38.97 20.06
N ILE G 174 -23.23 38.22 19.00
CA ILE G 174 -22.98 38.82 17.67
C ILE G 174 -23.83 38.14 16.60
N THR G 175 -24.05 38.81 15.47
CA THR G 175 -24.78 38.22 14.36
C THR G 175 -24.00 37.03 13.82
N PRO G 176 -24.65 35.89 13.60
CA PRO G 176 -23.95 34.71 13.05
C PRO G 176 -23.54 34.91 11.59
N HIS G 177 -22.71 33.96 11.12
CA HIS G 177 -22.24 33.98 9.72
C HIS G 177 -22.99 32.89 8.94
N CYS G 178 -23.35 33.16 7.68
CA CYS G 178 -24.23 32.19 6.96
C CYS G 178 -23.67 31.70 5.63
N ALA G 179 -22.49 32.12 5.19
CA ALA G 179 -21.92 31.69 3.88
C ALA G 179 -22.73 32.26 2.72
N LEU G 180 -24.03 32.01 2.65
CA LEU G 180 -24.87 32.62 1.59
C LEU G 180 -24.99 34.09 1.94
N MET G 181 -25.38 34.39 3.17
CA MET G 181 -25.43 35.79 3.61
C MET G 181 -24.01 36.34 3.49
N ASP G 182 -22.98 35.58 3.88
CA ASP G 182 -21.65 36.15 3.73
C ASP G 182 -21.36 36.52 2.27
N CYS G 183 -21.78 35.69 1.32
CA CYS G 183 -21.57 36.04 -0.08
C CYS G 183 -22.27 37.31 -0.47
N ILE G 184 -23.49 37.53 0.00
CA ILE G 184 -24.19 38.74 -0.40
C ILE G 184 -23.54 39.95 0.26
N ILE G 185 -23.11 39.80 1.51
CA ILE G 185 -22.37 40.88 2.18
C ILE G 185 -21.10 41.19 1.41
N PHE G 186 -20.36 40.16 0.98
CA PHE G 186 -19.11 40.40 0.26
C PHE G 186 -19.36 41.17 -1.04
N GLU G 187 -20.42 40.81 -1.76
CA GLU G 187 -20.72 41.49 -3.00
C GLU G 187 -21.07 42.94 -2.74
N SER G 188 -21.85 43.19 -1.68
CA SER G 188 -22.22 44.54 -1.29
C SER G 188 -20.98 45.40 -1.01
N ALA G 189 -20.07 44.90 -0.18
CA ALA G 189 -18.87 45.67 0.17
C ALA G 189 -18.01 45.93 -1.06
N SER G 190 -17.84 44.93 -1.91
CA SER G 190 -17.02 45.09 -3.14
C SER G 190 -17.68 46.04 -4.14
N LYS G 191 -18.97 46.35 -3.97
CA LYS G 191 -19.67 47.16 -5.00
C LYS G 191 -20.24 48.45 -4.41
N ALA G 192 -20.09 48.65 -3.10
CA ALA G 192 -20.62 49.84 -2.39
C ALA G 192 -22.13 49.97 -2.66
N ARG G 193 -22.78 48.87 -3.01
CA ARG G 193 -24.23 48.88 -3.28
C ARG G 193 -24.81 47.52 -2.94
N LEU G 194 -25.75 47.46 -2.00
CA LEU G 194 -26.46 46.18 -1.74
C LEU G 194 -27.14 45.82 -3.04
N PRO G 195 -26.92 44.61 -3.60
CA PRO G 195 -27.46 44.27 -4.91
C PRO G 195 -28.98 44.35 -5.03
N ASP G 196 -29.46 44.98 -6.10
CA ASP G 196 -30.88 45.03 -6.39
C ASP G 196 -31.21 43.88 -7.35
N LEU G 197 -31.66 42.76 -6.78
CA LEU G 197 -31.89 41.52 -7.53
C LEU G 197 -33.34 41.08 -7.39
N LYS G 198 -34.10 41.15 -8.49
CA LYS G 198 -35.47 40.66 -8.49
C LYS G 198 -35.49 39.17 -8.23
N THR G 199 -34.85 38.41 -9.10
CA THR G 199 -34.82 36.97 -9.00
C THR G 199 -33.50 36.55 -8.41
N VAL G 200 -33.55 35.90 -7.25
CA VAL G 200 -32.37 35.27 -6.68
C VAL G 200 -32.83 33.90 -6.19
N HIS G 201 -32.17 32.84 -6.63
CA HIS G 201 -32.67 31.48 -6.28
C HIS G 201 -31.59 30.40 -6.26
N ASN G 202 -31.82 29.35 -5.47
CA ASN G 202 -30.90 28.20 -5.41
C ASN G 202 -31.16 27.33 -6.63
N ILE G 203 -30.09 26.94 -7.32
CA ILE G 203 -30.23 26.02 -8.49
C ILE G 203 -30.53 24.62 -7.97
N LEU G 204 -30.22 24.36 -6.70
CA LEU G 204 -30.40 23.01 -6.11
C LEU G 204 -31.78 22.90 -5.45
N PRO G 205 -32.55 21.83 -5.75
CA PRO G 205 -33.85 21.64 -5.13
C PRO G 205 -33.77 21.16 -3.69
N HIS G 206 -34.85 21.36 -2.93
CA HIS G 206 -34.82 20.99 -1.51
C HIS G 206 -34.60 19.51 -1.31
N ASP G 207 -35.07 18.66 -2.24
CA ASP G 207 -34.88 17.21 -2.12
C ASP G 207 -33.47 16.76 -2.49
N LEU G 208 -32.70 17.60 -3.17
CA LEU G 208 -31.28 17.23 -3.42
C LEU G 208 -30.44 17.70 -2.24
N ILE G 209 -30.82 18.80 -1.59
CA ILE G 209 -30.03 19.36 -0.45
C ILE G 209 -30.26 18.46 0.76
N PHE G 210 -31.47 17.95 0.91
CA PHE G 210 -31.82 17.13 2.09
C PHE G 210 -32.23 15.72 1.67
N ARG G 211 -32.28 14.79 2.60
CA ARG G 211 -32.54 13.38 2.23
C ARG G 211 -33.78 12.85 2.94
N GLY G 212 -34.85 12.63 2.18
CA GLY G 212 -36.05 12.00 2.77
C GLY G 212 -35.96 10.50 2.66
N PRO G 213 -36.17 9.89 1.46
CA PRO G 213 -36.19 8.42 1.31
C PRO G 213 -34.79 7.80 1.29
N ASN G 214 -34.72 6.47 1.19
CA ASN G 214 -33.36 5.84 1.27
C ASN G 214 -32.88 5.14 0.00
N VAL G 215 -31.66 5.44 -0.46
CA VAL G 215 -31.00 4.77 -1.63
C VAL G 215 -29.65 4.25 -1.11
N VAL G 216 -29.16 3.10 -1.58
CA VAL G 216 -27.97 2.46 -1.01
C VAL G 216 -27.05 2.01 -2.14
N THR G 217 -25.77 2.34 -2.02
CA THR G 217 -24.80 2.03 -3.07
C THR G 217 -24.20 0.64 -2.90
N LEU G 218 -23.54 0.14 -3.96
CA LEU G 218 -22.84 -1.16 -3.97
C LEU G 218 -21.56 -0.91 -4.77
N VAL H 16 20.99 -15.35 0.01
CA VAL H 16 20.60 -14.77 1.30
C VAL H 16 20.91 -13.25 1.35
N GLY H 17 21.64 -12.84 2.40
CA GLY H 17 22.19 -11.51 2.56
C GLY H 17 23.45 -11.65 3.37
N LEU H 18 24.06 -10.52 3.73
CA LEU H 18 25.18 -10.59 4.65
C LEU H 18 24.70 -10.96 6.06
N SER H 19 25.30 -11.99 6.64
CA SER H 19 24.97 -12.37 8.01
C SER H 19 25.42 -11.30 9.01
N TYR H 20 25.02 -11.49 10.27
CA TYR H 20 25.41 -10.52 11.28
C TYR H 20 26.92 -10.48 11.47
N SER H 21 27.55 -11.66 11.57
CA SER H 21 29.00 -11.69 11.77
C SER H 21 29.71 -11.13 10.56
N GLN H 22 29.22 -11.49 9.36
CA GLN H 22 29.82 -10.95 8.13
C GLN H 22 29.79 -9.43 8.15
N THR H 23 28.67 -8.87 8.61
CA THR H 23 28.54 -7.44 8.67
C THR H 23 29.45 -6.84 9.73
N MET H 24 29.69 -7.57 10.81
CA MET H 24 30.62 -7.07 11.83
C MET H 24 32.04 -7.02 11.31
N LEU H 25 32.45 -8.07 10.58
CA LEU H 25 33.75 -8.09 9.93
C LEU H 25 33.87 -6.92 8.97
N LEU H 26 32.84 -6.72 8.13
CA LEU H 26 32.85 -5.66 7.15
C LEU H 26 33.09 -4.31 7.82
N LYS H 27 32.38 -4.06 8.92
CA LYS H 27 32.57 -2.83 9.67
C LYS H 27 34.03 -2.61 10.00
N ASP H 28 34.72 -3.69 10.43
CA ASP H 28 36.13 -3.61 10.78
C ASP H 28 36.98 -3.38 9.56
N LEU H 29 36.76 -4.13 8.49
CA LEU H 29 37.61 -3.97 7.33
C LEU H 29 37.43 -2.57 6.74
N MET H 30 36.20 -2.05 6.73
CA MET H 30 36.00 -0.73 6.17
C MET H 30 36.73 0.34 6.94
N GLY H 31 37.24 -0.01 8.12
CA GLY H 31 38.03 0.92 8.90
C GLY H 31 39.33 1.26 8.23
N GLY H 32 39.75 0.44 7.27
CA GLY H 32 40.92 0.80 6.50
C GLY H 32 40.67 1.92 5.51
N ILE H 33 39.42 2.11 5.08
CA ILE H 33 39.16 3.12 4.07
C ILE H 33 39.31 4.50 4.69
N ASP H 34 40.20 5.31 4.11
CA ASP H 34 40.38 6.68 4.57
C ASP H 34 39.30 7.54 3.97
N PRO H 35 38.39 8.14 4.77
CA PRO H 35 37.25 8.88 4.21
C PRO H 35 37.64 10.16 3.47
N ASN H 36 38.72 10.82 3.84
CA ASN H 36 39.19 12.01 3.13
C ASN H 36 40.09 11.69 1.94
N ALA H 37 40.44 10.43 1.73
CA ALA H 37 41.37 10.11 0.67
C ALA H 37 40.68 10.18 -0.70
N PRO H 38 41.37 10.65 -1.73
CA PRO H 38 40.82 10.59 -3.08
C PRO H 38 40.55 9.14 -3.44
N THR H 39 39.40 8.92 -4.06
CA THR H 39 38.91 7.56 -4.23
C THR H 39 38.17 7.40 -5.55
N TRP H 40 38.44 6.29 -6.22
CA TRP H 40 37.87 5.93 -7.51
C TRP H 40 36.79 4.88 -7.32
N ILE H 41 35.80 4.91 -8.20
CA ILE H 41 34.76 3.88 -8.23
C ILE H 41 34.42 3.58 -9.68
N ASP H 42 34.17 2.31 -9.99
CA ASP H 42 33.72 1.88 -11.30
C ASP H 42 32.95 0.58 -11.13
N ILE H 43 31.99 0.34 -12.01
CA ILE H 43 31.19 -0.89 -11.98
C ILE H 43 31.10 -1.47 -13.38
N GLU H 44 30.69 -2.73 -13.46
CA GLU H 44 30.33 -3.36 -14.72
C GLU H 44 28.92 -3.92 -14.62
N GLY H 45 28.11 -3.60 -15.61
CA GLY H 45 26.67 -3.91 -15.51
C GLY H 45 25.97 -2.61 -15.21
N ARG H 46 24.64 -2.62 -15.11
CA ARG H 46 23.95 -1.33 -14.92
C ARG H 46 23.69 -1.07 -13.44
N PHE H 47 23.34 0.16 -13.08
CA PHE H 47 23.10 0.56 -11.67
C PHE H 47 22.17 -0.43 -10.97
N ASN H 48 21.14 -0.89 -11.68
CA ASN H 48 20.17 -1.81 -11.11
C ASN H 48 20.67 -3.25 -11.06
N ASP H 49 21.68 -3.61 -11.85
CA ASP H 49 22.14 -4.99 -11.97
C ASP H 49 23.66 -5.06 -12.11
N PRO H 50 24.41 -4.51 -11.17
CA PRO H 50 25.86 -4.48 -11.34
C PRO H 50 26.47 -5.85 -11.02
N VAL H 51 27.47 -6.24 -11.81
CA VAL H 51 28.14 -7.53 -11.60
C VAL H 51 29.56 -7.40 -11.09
N GLU H 52 30.17 -6.22 -11.07
CA GLU H 52 31.48 -6.11 -10.46
C GLU H 52 31.72 -4.68 -10.01
N ILE H 53 32.13 -4.52 -8.76
CA ILE H 53 32.28 -3.19 -8.16
C ILE H 53 33.74 -3.05 -7.72
N ALA H 54 34.30 -1.86 -7.93
CA ALA H 54 35.64 -1.60 -7.45
C ALA H 54 35.75 -0.22 -6.88
N ILE H 55 36.34 -0.12 -5.70
CA ILE H 55 36.57 1.14 -5.02
C ILE H 55 38.04 1.19 -4.65
N PHE H 56 38.75 2.13 -5.24
CA PHE H 56 40.23 2.18 -5.11
C PHE H 56 40.73 3.49 -4.53
N GLN H 57 41.52 3.41 -3.48
CA GLN H 57 42.14 4.61 -2.88
C GLN H 57 43.61 4.60 -3.26
N PRO H 58 44.04 5.38 -4.26
CA PRO H 58 45.43 5.32 -4.75
C PRO H 58 46.48 5.65 -3.69
N GLN H 59 46.21 6.64 -2.84
CA GLN H 59 47.17 7.06 -1.78
C GLN H 59 47.74 5.83 -1.08
N ASN H 60 46.89 5.02 -0.45
CA ASN H 60 47.43 3.89 0.28
C ASN H 60 47.44 2.58 -0.52
N GLY H 61 46.83 2.56 -1.69
CA GLY H 61 46.75 1.32 -2.43
C GLY H 61 45.69 0.35 -1.96
N GLN H 62 44.83 0.76 -1.04
CA GLN H 62 43.74 -0.11 -0.56
C GLN H 62 42.58 -0.05 -1.53
N PHE H 63 41.93 -1.20 -1.73
CA PHE H 63 40.77 -1.18 -2.60
C PHE H 63 39.76 -2.21 -2.14
N ILE H 64 38.52 -2.02 -2.59
CA ILE H 64 37.40 -2.93 -2.35
C ILE H 64 37.01 -3.44 -3.70
N HIS H 65 36.87 -4.75 -3.85
CA HIS H 65 36.63 -5.29 -5.18
C HIS H 65 35.87 -6.60 -5.07
N PHE H 66 34.66 -6.65 -5.64
CA PHE H 66 33.83 -7.85 -5.51
C PHE H 66 32.86 -7.96 -6.69
N TYR H 67 32.07 -9.02 -6.66
CA TYR H 67 31.23 -9.38 -7.79
C TYR H 67 29.81 -9.59 -7.32
N ARG H 68 28.92 -9.64 -8.30
CA ARG H 68 27.50 -9.84 -8.03
C ARG H 68 26.91 -10.62 -9.19
N GLU H 69 26.11 -11.62 -8.88
CA GLU H 69 25.45 -12.39 -9.92
C GLU H 69 24.34 -11.54 -10.54
N PRO H 70 24.24 -11.52 -11.87
CA PRO H 70 23.26 -10.64 -12.50
C PRO H 70 21.86 -11.22 -12.44
N VAL H 71 20.88 -10.33 -12.31
CA VAL H 71 19.49 -10.78 -12.38
C VAL H 71 19.09 -11.05 -13.82
N ASP H 72 19.31 -10.07 -14.69
CA ASP H 72 18.93 -10.20 -16.10
C ASP H 72 19.99 -11.00 -16.83
N GLN H 73 19.72 -12.28 -17.08
CA GLN H 73 20.78 -13.15 -17.68
C GLN H 73 21.05 -12.73 -19.12
N LYS H 74 20.03 -12.29 -19.85
CA LYS H 74 20.26 -11.99 -21.30
C LYS H 74 21.20 -10.78 -21.42
N GLN H 75 20.91 -9.73 -20.66
CA GLN H 75 21.72 -8.49 -20.75
C GLN H 75 23.15 -8.82 -20.35
N PHE H 76 23.34 -9.59 -19.27
CA PHE H 76 24.70 -9.99 -18.83
C PHE H 76 25.47 -10.53 -20.03
N LYS H 77 24.90 -11.51 -20.71
CA LYS H 77 25.60 -12.13 -21.86
C LYS H 77 25.98 -11.06 -22.88
N GLN H 78 25.07 -10.14 -23.20
CA GLN H 78 25.40 -9.09 -24.16
C GLN H 78 26.45 -8.15 -23.58
N ASP H 79 26.33 -7.79 -22.30
CA ASP H 79 27.36 -6.96 -21.70
C ASP H 79 28.68 -7.71 -21.61
N SER H 80 28.63 -9.03 -21.70
CA SER H 80 29.85 -9.84 -21.63
C SER H 80 30.55 -9.86 -22.98
N LYS H 81 29.77 -9.90 -24.05
CA LYS H 81 30.34 -9.92 -25.42
C LYS H 81 30.83 -8.53 -25.83
N TYR H 82 30.42 -7.47 -25.13
CA TYR H 82 30.75 -6.10 -25.63
C TYR H 82 31.41 -5.19 -24.58
N SER H 83 31.74 -5.68 -23.39
CA SER H 83 32.46 -4.81 -22.42
C SER H 83 33.35 -5.58 -21.45
N HIS H 84 32.76 -6.41 -20.59
CA HIS H 84 33.52 -7.02 -19.51
C HIS H 84 33.92 -8.46 -19.79
N GLY H 85 33.22 -9.17 -20.66
CA GLY H 85 33.64 -10.53 -20.99
C GLY H 85 33.62 -11.48 -19.82
N MET H 86 32.66 -11.34 -18.92
CA MET H 86 32.62 -12.21 -17.77
C MET H 86 31.80 -13.46 -18.08
N ASP H 87 31.89 -14.44 -17.19
CA ASP H 87 31.20 -15.72 -17.33
C ASP H 87 30.23 -15.90 -16.18
N LEU H 88 28.99 -16.20 -16.52
CA LEU H 88 27.96 -16.42 -15.50
C LEU H 88 28.39 -17.44 -14.47
N ALA H 89 29.08 -18.50 -14.90
CA ALA H 89 29.41 -19.58 -14.00
C ALA H 89 30.30 -19.11 -12.84
N ASP H 90 31.14 -18.13 -13.09
CA ASP H 90 32.01 -17.64 -12.04
C ASP H 90 31.29 -16.75 -11.04
N LEU H 91 30.04 -16.37 -11.31
CA LEU H 91 29.32 -15.46 -10.43
C LEU H 91 28.31 -16.16 -9.53
N PHE H 92 28.08 -17.46 -9.69
CA PHE H 92 27.04 -18.13 -8.93
C PHE H 92 27.34 -18.14 -7.44
N ASN H 93 28.61 -18.09 -7.08
CA ASN H 93 29.03 -18.15 -5.68
C ASN H 93 29.35 -16.80 -5.06
N ALA H 94 29.08 -15.68 -5.74
CA ALA H 94 29.33 -14.39 -5.12
C ALA H 94 28.43 -14.20 -3.91
N GLN H 95 29.00 -13.67 -2.84
CA GLN H 95 28.22 -13.47 -1.62
C GLN H 95 27.13 -12.43 -1.82
N PRO H 96 25.85 -12.81 -1.77
CA PRO H 96 24.77 -11.84 -1.88
C PRO H 96 24.83 -10.82 -0.77
N GLY H 97 24.28 -9.64 -1.04
CA GLY H 97 24.23 -8.58 -0.06
C GLY H 97 25.45 -7.71 -0.02
N LEU H 98 26.51 -8.10 -0.72
CA LEU H 98 27.76 -7.35 -0.68
C LEU H 98 27.60 -5.95 -1.25
N THR H 99 26.93 -5.84 -2.38
CA THR H 99 26.82 -4.51 -3.02
C THR H 99 26.12 -3.55 -2.05
N SER H 100 24.94 -3.92 -1.58
CA SER H 100 24.15 -3.07 -0.67
C SER H 100 24.87 -2.79 0.64
N SER H 101 25.65 -3.74 1.15
CA SER H 101 26.32 -3.59 2.46
C SER H 101 27.60 -2.78 2.31
N VAL H 102 28.38 -2.93 1.24
CA VAL H 102 29.60 -2.11 1.04
C VAL H 102 29.21 -0.66 0.75
N ILE H 103 28.18 -0.44 -0.03
CA ILE H 103 27.71 0.94 -0.33
C ILE H 103 27.12 1.54 0.96
N GLY H 104 26.40 0.74 1.73
CA GLY H 104 25.91 1.22 3.03
C GLY H 104 27.04 1.53 4.00
N ALA H 105 28.16 0.82 3.91
CA ALA H 105 29.25 0.98 4.90
C ALA H 105 30.22 2.10 4.52
N LEU H 106 30.14 2.60 3.29
CA LEU H 106 31.08 3.65 2.82
C LEU H 106 31.00 4.83 3.78
N PRO H 107 32.14 5.40 4.22
CA PRO H 107 32.14 6.53 5.13
C PRO H 107 31.23 7.70 4.70
N GLN H 108 30.77 8.47 5.68
CA GLN H 108 29.82 9.57 5.39
C GLN H 108 30.51 10.72 4.66
N GLY H 109 29.86 11.24 3.62
CA GLY H 109 30.38 12.40 2.90
C GLY H 109 31.65 12.09 2.15
N MET H 110 31.75 10.88 1.63
CA MET H 110 32.94 10.49 0.85
C MET H 110 32.80 11.06 -0.56
N VAL H 111 33.79 11.80 -1.00
CA VAL H 111 33.89 12.34 -2.37
C VAL H 111 34.50 11.26 -3.25
N LEU H 112 33.73 10.73 -4.18
CA LEU H 112 34.17 9.65 -5.03
C LEU H 112 34.43 10.17 -6.45
N SER H 113 35.56 9.76 -7.03
CA SER H 113 35.88 10.07 -8.41
C SER H 113 35.41 8.94 -9.31
N CYS H 114 35.01 9.27 -10.53
CA CYS H 114 34.57 8.23 -11.45
C CYS H 114 34.74 8.71 -12.88
N GLN H 115 34.46 7.82 -13.82
CA GLN H 115 34.45 8.18 -15.23
C GLN H 115 33.02 8.05 -15.72
N GLY H 116 32.35 9.18 -15.93
CA GLY H 116 30.97 9.12 -16.30
C GLY H 116 30.12 8.92 -15.07
N SER H 117 29.67 10.03 -14.48
CA SER H 117 28.95 9.98 -13.22
C SER H 117 27.54 9.41 -13.35
N ASP H 118 26.99 9.32 -14.56
CA ASP H 118 25.59 8.95 -14.71
C ASP H 118 25.29 7.60 -14.08
N ASP H 119 26.09 6.57 -14.39
CA ASP H 119 25.75 5.24 -13.88
C ASP H 119 25.98 5.15 -12.38
N ILE H 120 27.06 5.75 -11.87
CA ILE H 120 27.34 5.66 -10.44
C ILE H 120 26.26 6.37 -9.64
N ARG H 121 25.90 7.59 -10.03
CA ARG H 121 24.93 8.36 -9.20
C ARG H 121 23.66 7.55 -9.03
N LYS H 122 23.16 6.97 -10.11
CA LYS H 122 21.89 6.22 -10.04
C LYS H 122 22.03 5.08 -9.02
N LEU H 123 23.13 4.32 -9.07
CA LEU H 123 23.32 3.24 -8.11
C LEU H 123 23.40 3.77 -6.68
N LEU H 124 24.23 4.79 -6.45
CA LEU H 124 24.34 5.35 -5.11
C LEU H 124 22.98 5.85 -4.61
N ASP H 125 22.19 6.46 -5.50
CA ASP H 125 20.87 6.95 -5.10
C ASP H 125 19.93 5.79 -4.79
N SER H 126 19.93 4.74 -5.61
CA SER H 126 19.05 3.60 -5.37
C SER H 126 19.42 2.84 -4.12
N GLN H 127 20.62 3.10 -3.60
CA GLN H 127 21.04 2.49 -2.31
C GLN H 127 20.90 3.55 -1.22
N ASN H 128 20.10 4.58 -1.46
CA ASN H 128 19.86 5.68 -0.49
C ASN H 128 21.18 6.20 0.06
N ARG H 129 22.13 6.53 -0.82
CA ARG H 129 23.41 7.11 -0.36
C ARG H 129 23.64 8.41 -1.14
N LYS H 130 22.75 9.39 -0.96
CA LYS H 130 22.85 10.67 -1.69
C LYS H 130 23.89 11.57 -1.05
N ASP H 131 24.28 11.26 0.18
CA ASP H 131 25.28 12.08 0.91
C ASP H 131 26.59 12.07 0.14
N ILE H 132 26.80 11.02 -0.65
CA ILE H 132 28.09 10.83 -1.37
C ILE H 132 28.15 11.70 -2.62
N LYS H 133 29.14 12.59 -2.68
CA LYS H 133 29.32 13.46 -3.85
C LYS H 133 30.20 12.75 -4.87
N LEU H 134 30.05 13.08 -6.14
CA LEU H 134 30.81 12.42 -7.21
C LEU H 134 31.67 13.42 -7.99
N ILE H 135 32.87 13.01 -8.40
CA ILE H 135 33.71 13.86 -9.29
C ILE H 135 33.84 13.11 -10.60
N ASP H 136 33.14 13.57 -11.64
CA ASP H 136 33.27 12.99 -12.96
C ASP H 136 34.58 13.52 -13.52
N VAL H 137 35.55 12.63 -13.67
CA VAL H 137 36.84 13.01 -14.23
C VAL H 137 36.83 12.62 -15.69
N GLU H 138 37.19 13.58 -16.54
CA GLU H 138 37.25 13.37 -17.97
C GLU H 138 38.55 12.69 -18.38
N MET H 139 38.45 11.81 -19.37
CA MET H 139 39.59 11.03 -19.81
C MET H 139 39.57 10.87 -21.33
N THR H 140 40.66 11.27 -21.96
CA THR H 140 40.79 11.16 -23.44
C THR H 140 41.02 9.71 -23.83
N ARG H 141 40.49 9.29 -24.98
CA ARG H 141 40.70 7.91 -25.48
C ARG H 141 42.20 7.71 -25.71
N GLU H 142 42.89 8.74 -26.16
CA GLU H 142 44.37 8.63 -26.30
C GLU H 142 44.94 8.19 -24.96
N ALA H 143 44.56 8.86 -23.88
CA ALA H 143 45.14 8.50 -22.59
C ALA H 143 44.67 7.12 -22.12
N SER H 144 43.46 6.72 -22.48
CA SER H 144 42.99 5.38 -22.19
C SER H 144 43.91 4.36 -22.88
N ARG H 145 44.13 4.54 -24.17
CA ARG H 145 44.95 3.56 -24.95
C ARG H 145 46.34 3.46 -24.33
N GLU H 146 46.84 4.54 -23.72
CA GLU H 146 48.23 4.54 -23.23
C GLU H 146 48.38 3.57 -22.06
N TYR H 147 47.64 3.77 -20.98
CA TYR H 147 47.88 2.98 -19.75
C TYR H 147 47.14 1.64 -19.72
N GLU H 148 46.15 1.40 -20.57
CA GLU H 148 45.39 0.16 -20.49
C GLU H 148 46.30 -1.05 -20.46
N ASP H 149 47.25 -1.11 -21.39
CA ASP H 149 48.12 -2.31 -21.50
C ASP H 149 49.08 -2.33 -20.31
N LYS H 150 49.61 -1.18 -19.93
CA LYS H 150 50.60 -1.11 -18.82
C LYS H 150 49.95 -1.57 -17.51
N VAL H 151 48.72 -1.14 -17.26
CA VAL H 151 47.99 -1.51 -16.01
C VAL H 151 47.69 -3.00 -16.03
N TRP H 152 47.16 -3.52 -17.14
CA TRP H 152 46.76 -4.95 -17.18
C TRP H 152 47.98 -5.87 -17.00
N ASP H 153 49.19 -5.34 -17.13
CA ASP H 153 50.41 -6.18 -17.03
C ASP H 153 50.96 -6.14 -15.60
N LYS H 154 50.96 -4.96 -14.98
CA LYS H 154 51.49 -4.81 -13.61
C LYS H 154 50.44 -5.23 -12.59
N TYR H 155 49.16 -4.97 -12.88
CA TYR H 155 48.15 -5.21 -11.86
C TYR H 155 47.08 -6.19 -12.31
N GLY H 156 47.21 -6.77 -13.49
CA GLY H 156 46.13 -7.61 -14.00
C GLY H 156 45.98 -8.95 -13.32
N TRP H 157 46.95 -9.34 -12.50
CA TRP H 157 46.83 -10.59 -11.76
C TRP H 157 45.79 -10.50 -10.66
N LEU H 158 45.32 -9.29 -10.35
CA LEU H 158 44.31 -9.05 -9.31
C LEU H 158 42.92 -9.49 -9.71
N CYS H 159 42.67 -9.65 -11.00
CA CYS H 159 41.37 -10.05 -11.48
C CYS H 159 41.56 -10.97 -12.68
N LYS H 160 41.27 -12.25 -12.47
CA LYS H 160 41.30 -13.24 -13.54
C LYS H 160 39.88 -13.63 -13.96
N MET H 161 38.96 -12.66 -13.92
CA MET H 161 37.54 -12.93 -14.11
C MET H 161 37.04 -12.65 -15.53
N HIS H 162 37.89 -12.10 -16.38
CA HIS H 162 37.46 -11.71 -17.74
C HIS H 162 37.99 -12.77 -18.72
N THR H 163 37.31 -13.91 -18.79
CA THR H 163 37.82 -15.05 -19.61
C THR H 163 37.07 -15.15 -20.95
N GLY H 164 36.50 -14.05 -21.42
CA GLY H 164 35.70 -14.10 -22.66
C GLY H 164 36.22 -13.14 -23.70
N ILE H 165 35.83 -13.35 -24.96
CA ILE H 165 36.28 -12.47 -26.06
C ILE H 165 35.29 -11.32 -26.19
N VAL H 166 35.80 -10.08 -26.09
CA VAL H 166 34.94 -8.88 -26.25
C VAL H 166 35.29 -8.26 -27.61
N ARG H 167 34.28 -7.98 -28.43
CA ARG H 167 34.51 -7.34 -29.75
C ARG H 167 33.76 -6.01 -29.81
N ASP H 168 34.18 -5.08 -30.68
CA ASP H 168 33.44 -3.80 -30.83
C ASP H 168 32.39 -3.91 -31.94
N LYS H 169 31.74 -2.79 -32.29
CA LYS H 169 30.74 -2.79 -33.39
C LYS H 169 31.38 -3.38 -34.65
N LYS H 170 32.67 -3.13 -34.88
CA LYS H 170 33.37 -3.60 -36.10
C LYS H 170 33.96 -4.99 -35.88
N LYS H 171 33.35 -5.82 -35.01
CA LYS H 171 33.82 -7.21 -34.75
C LYS H 171 35.33 -7.24 -34.45
N LYS H 172 35.91 -6.12 -34.04
CA LYS H 172 37.34 -6.10 -33.66
C LYS H 172 37.50 -6.53 -32.20
N GLU H 173 38.26 -7.60 -31.96
CA GLU H 173 38.53 -8.08 -30.59
C GLU H 173 39.23 -6.97 -29.80
N ILE H 174 38.69 -6.61 -28.63
CA ILE H 174 39.27 -5.50 -27.82
C ILE H 174 39.54 -5.97 -26.39
N THR H 175 40.42 -5.26 -25.69
CA THR H 175 40.71 -5.57 -24.29
C THR H 175 39.46 -5.35 -23.46
N PRO H 176 39.09 -6.30 -22.59
CA PRO H 176 37.91 -6.13 -21.73
C PRO H 176 38.10 -5.05 -20.67
N HIS H 177 36.97 -4.72 -20.02
CA HIS H 177 36.99 -3.72 -18.93
C HIS H 177 36.85 -4.44 -17.60
N CYS H 178 37.56 -3.98 -16.56
CA CYS H 178 37.59 -4.76 -15.30
C CYS H 178 37.16 -4.00 -14.05
N ALA H 179 36.78 -2.72 -14.14
CA ALA H 179 36.40 -1.92 -12.96
C ALA H 179 37.59 -1.67 -12.04
N LEU H 180 38.27 -2.71 -11.57
CA LEU H 180 39.50 -2.51 -10.75
C LEU H 180 40.57 -2.01 -11.69
N MET H 181 40.76 -2.73 -12.79
CA MET H 181 41.72 -2.24 -13.81
C MET H 181 41.23 -0.88 -14.28
N ASP H 182 39.92 -0.71 -14.50
CA ASP H 182 39.50 0.61 -14.94
C ASP H 182 39.89 1.70 -13.93
N CYS H 183 39.78 1.41 -12.63
CA CYS H 183 40.19 2.39 -11.64
C CYS H 183 41.67 2.72 -11.74
N ILE H 184 42.51 1.72 -11.97
CA ILE H 184 43.93 2.02 -12.02
C ILE H 184 44.25 2.79 -13.30
N ILE H 185 43.58 2.44 -14.39
CA ILE H 185 43.74 3.21 -15.63
C ILE H 185 43.31 4.66 -15.41
N PHE H 186 42.18 4.87 -14.73
CA PHE H 186 41.69 6.23 -14.51
C PHE H 186 42.71 7.04 -13.71
N GLU H 187 43.29 6.43 -12.68
CA GLU H 187 44.25 7.14 -11.86
C GLU H 187 45.47 7.50 -12.67
N SER H 188 45.93 6.57 -13.51
CA SER H 188 47.07 6.81 -14.39
C SER H 188 46.83 8.00 -15.31
N ALA H 189 45.68 8.02 -16.00
CA ALA H 189 45.40 9.11 -16.92
C ALA H 189 45.29 10.45 -16.19
N SER H 190 44.64 10.47 -15.04
CA SER H 190 44.49 11.72 -14.25
C SER H 190 45.83 12.19 -13.68
N LYS H 191 46.85 11.33 -13.68
CA LYS H 191 48.13 11.71 -13.00
C LYS H 191 49.30 11.67 -13.97
N ALA H 192 49.06 11.28 -15.22
CA ALA H 192 50.13 11.16 -16.25
C ALA H 192 51.25 10.26 -15.75
N ARG H 193 50.95 9.40 -14.79
CA ARG H 193 51.97 8.48 -14.23
C ARG H 193 51.27 7.20 -13.76
N LEU H 194 51.64 6.05 -14.32
CA LEU H 194 51.11 4.78 -13.80
C LEU H 194 51.58 4.71 -12.36
N PRO H 195 50.68 4.51 -11.37
CA PRO H 195 51.06 4.56 -9.97
C PRO H 195 52.15 3.56 -9.55
N ASP H 196 53.15 4.04 -8.82
CA ASP H 196 54.17 3.15 -8.26
C ASP H 196 53.77 2.79 -6.84
N LEU H 197 53.12 1.63 -6.70
CA LEU H 197 52.53 1.18 -5.44
C LEU H 197 53.12 -0.16 -5.02
N LYS H 198 53.90 -0.16 -3.93
CA LYS H 198 54.44 -1.40 -3.40
C LYS H 198 53.32 -2.30 -2.92
N THR H 199 52.53 -1.80 -1.98
CA THR H 199 51.44 -2.56 -1.41
C THR H 199 50.14 -2.10 -2.02
N VAL H 200 49.45 -3.01 -2.70
CA VAL H 200 48.11 -2.74 -3.17
C VAL H 200 47.30 -3.99 -2.84
N HIS H 201 46.18 -3.84 -2.13
CA HIS H 201 45.44 -5.06 -1.69
C HIS H 201 43.95 -4.84 -1.45
N ASN H 202 43.17 -5.90 -1.59
CA ASN H 202 41.73 -5.86 -1.32
C ASN H 202 41.53 -5.91 0.19
N ILE H 203 40.70 -5.02 0.72
CA ILE H 203 40.38 -5.03 2.17
C ILE H 203 39.44 -6.21 2.44
N LEU H 204 38.77 -6.71 1.40
CA LEU H 204 37.78 -7.79 1.55
C LEU H 204 38.46 -9.15 1.37
N PRO H 205 38.25 -10.11 2.28
CA PRO H 205 38.83 -11.45 2.15
C PRO H 205 38.10 -12.31 1.11
N HIS H 206 38.78 -13.34 0.60
CA HIS H 206 38.19 -14.16 -0.44
C HIS H 206 36.91 -14.85 0.02
N ASP H 207 36.80 -15.18 1.33
CA ASP H 207 35.61 -15.85 1.84
C ASP H 207 34.45 -14.88 2.04
N LEU H 208 34.70 -13.58 2.06
CA LEU H 208 33.57 -12.62 2.13
C LEU H 208 33.10 -12.32 0.69
N ILE H 209 34.01 -12.34 -0.27
CA ILE H 209 33.65 -12.02 -1.67
C ILE H 209 32.88 -13.20 -2.25
N PHE H 210 33.27 -14.42 -1.87
CA PHE H 210 32.63 -15.64 -2.43
C PHE H 210 31.97 -16.45 -1.32
N ARG H 211 31.11 -17.39 -1.67
CA ARG H 211 30.34 -18.13 -0.65
C ARG H 211 30.62 -19.63 -0.73
N GLY H 212 31.31 -20.16 0.27
CA GLY H 212 31.51 -21.62 0.33
C GLY H 212 30.38 -22.27 1.11
N PRO H 213 30.34 -22.17 2.45
CA PRO H 213 29.32 -22.85 3.28
C PRO H 213 27.95 -22.15 3.25
N ASN H 214 26.96 -22.73 3.93
CA ASN H 214 25.61 -22.10 3.85
C ASN H 214 25.06 -21.51 5.16
N VAL H 215 24.59 -20.26 5.13
CA VAL H 215 23.93 -19.57 6.29
C VAL H 215 22.56 -19.11 5.77
N VAL H 216 21.51 -19.12 6.59
CA VAL H 216 20.14 -18.84 6.14
C VAL H 216 19.45 -17.88 7.10
N THR H 217 18.84 -16.84 6.56
CA THR H 217 18.22 -15.80 7.38
C THR H 217 16.77 -16.15 7.73
N LEU H 218 16.21 -15.44 8.71
CA LEU H 218 14.81 -15.58 9.17
C LEU H 218 14.34 -14.16 9.45
ZN ZN I . -14.51 -13.87 -14.68
ZN ZN J . -0.08 9.16 -24.17
ZN ZN K . 12.02 15.59 16.64
ZN ZN L . 2.43 -10.99 22.30
ZN ZN M . 22.64 -35.02 -30.88
ZN ZN N . -33.42 12.97 37.59
ZN ZN O . -26.72 29.75 6.54
ZN ZN P . 37.48 -7.57 -13.22
#